data_8ON7
#
_entry.id   8ON7
#
_cell.length_a   1.00
_cell.length_b   1.00
_cell.length_c   1.00
_cell.angle_alpha   90.00
_cell.angle_beta   90.00
_cell.angle_gamma   90.00
#
_symmetry.space_group_name_H-M   'P 1'
#
loop_
_entity.id
_entity.type
_entity.pdbx_description
1 polymer 'FMRFamide-gated sodium channel 1 (FaNaC1)'
2 polymer 'FMRFamide, neuropeptide'
3 branched 2-acetamido-2-deoxy-beta-D-glucopyranose-(1-4)-2-acetamido-2-deoxy-beta-D-glucopyranose
4 non-polymer 2-acetamido-2-deoxy-beta-D-glucopyranose
#
loop_
_entity_poly.entity_id
_entity_poly.type
_entity_poly.pdbx_seq_one_letter_code
_entity_poly.pdbx_strand_id
1 'polypeptide(L)'
;MSAIRDVMTKFAEQTTMHGVPKVINAKSSMGRLFWSLVCLAAGAMFCLQMSEVLQRYFSYPKKVTVEVVPTPVPFPSISI
CNMRNLDVHILNTLNRMFIEDDRPFSNINKSEHEFIRAYMKKVAKYAPLFWNYQDEYPEVFQEIFSRTTFSANIDPEVIA
LAAVQLEGFVVNCHYAGHRCNKTRDFYRFFDPYYFNCFTYKAHEPTDIEDNLSEGIENGWSSILLSGSGMLDKNDEIRML
PGLHEWRSAVSASEGVRVVIHPPSTTPYPFTEGYDVPPGFSASFGIHPRRNIRIGPPHGNCSDKNPFGDGTERYRLMACQ
KMCMQHYIVETCGCADVGLPKLPLQANISWCRDDDNFPDECMFTASEECLQLLMQLHNRIKCARSIKSKITKNTTAMEAC
NCFPPCDEVSYDVSYSLSKWPSAGYEGDAAYFDVFGIEKFNERFNKTGTQGKYELFTKYFNVSNREESMKDFARLNVYIA
DSNVVKTQESEDYTRNQLVSDIGGQLGLWVGISLITLAEVLELIIDLFRLFSKHTYRSVPVIRQSIKYKDKRNGAEMNYD
TRYSQSNGGPHARYLHHGHSIPKHPPELPDTSLALEVLFQ
;
A,B,C
2 'polypeptide(L)' FMRF(NH2) D,E,F
#
loop_
_chem_comp.id
_chem_comp.type
_chem_comp.name
_chem_comp.formula
NAG D-saccharide, beta linking 2-acetamido-2-deoxy-beta-D-glucopyranose 'C8 H15 N O6'
NH2 non-polymer 'AMINO GROUP' 'H2 N'
#
# COMPACT_ATOMS: atom_id res chain seq x y z
N ALA A 3 26.16 -1.15 -76.16
CA ALA A 3 25.17 -2.20 -75.97
C ALA A 3 24.40 -2.02 -74.67
N ILE A 4 24.31 -0.76 -74.21
CA ILE A 4 23.58 -0.47 -72.98
C ILE A 4 22.12 -0.89 -73.11
N ARG A 5 21.48 -0.51 -74.23
CA ARG A 5 20.10 -0.91 -74.45
C ARG A 5 19.99 -2.42 -74.58
N ASP A 6 20.97 -3.06 -75.22
CA ASP A 6 20.91 -4.51 -75.40
C ASP A 6 21.11 -5.25 -74.07
N VAL A 7 22.03 -4.78 -73.22
CA VAL A 7 22.22 -5.45 -71.94
C VAL A 7 21.03 -5.21 -71.03
N MET A 8 20.44 -4.01 -71.07
CA MET A 8 19.22 -3.79 -70.30
C MET A 8 18.06 -4.62 -70.81
N THR A 9 17.98 -4.84 -72.13
CA THR A 9 16.96 -5.73 -72.67
C THR A 9 17.18 -7.17 -72.23
N LYS A 10 18.43 -7.62 -72.21
CA LYS A 10 18.74 -8.95 -71.71
C LYS A 10 18.34 -9.08 -70.25
N PHE A 11 18.61 -8.05 -69.45
CA PHE A 11 18.14 -8.04 -68.07
C PHE A 11 16.61 -8.16 -68.01
N ALA A 12 15.92 -7.35 -68.81
CA ALA A 12 14.45 -7.36 -68.80
C ALA A 12 13.89 -8.70 -69.24
N GLU A 13 14.63 -9.43 -70.07
CA GLU A 13 14.16 -10.75 -70.49
C GLU A 13 14.24 -11.76 -69.36
N GLN A 14 15.25 -11.65 -68.50
CA GLN A 14 15.45 -12.57 -67.37
C GLN A 14 15.68 -11.74 -66.11
N THR A 15 14.58 -11.36 -65.44
CA THR A 15 14.65 -10.65 -64.17
C THR A 15 13.39 -10.91 -63.38
N THR A 16 13.49 -10.77 -62.06
CA THR A 16 12.35 -10.97 -61.18
C THR A 16 11.78 -9.65 -60.67
N MET A 17 12.35 -8.51 -61.05
CA MET A 17 11.79 -7.23 -60.63
C MET A 17 10.44 -7.00 -61.31
N HIS A 18 9.55 -6.32 -60.61
CA HIS A 18 8.17 -6.22 -61.10
C HIS A 18 8.00 -5.04 -62.06
N GLY A 19 8.70 -3.94 -61.82
CA GLY A 19 8.51 -2.73 -62.61
C GLY A 19 9.51 -2.51 -63.74
N VAL A 20 10.78 -2.85 -63.49
CA VAL A 20 11.83 -2.58 -64.48
C VAL A 20 11.57 -3.25 -65.83
N PRO A 21 11.18 -4.53 -65.90
CA PRO A 21 10.90 -5.09 -67.23
C PRO A 21 9.78 -4.38 -67.96
N LYS A 22 8.75 -3.92 -67.25
CA LYS A 22 7.67 -3.21 -67.90
C LYS A 22 8.12 -1.82 -68.35
N VAL A 23 9.02 -1.18 -67.61
CA VAL A 23 9.54 0.11 -68.05
C VAL A 23 10.44 -0.06 -69.28
N ILE A 24 11.32 -1.06 -69.24
CA ILE A 24 12.28 -1.25 -70.32
C ILE A 24 11.58 -1.70 -71.60
N ASN A 25 10.69 -2.69 -71.50
CA ASN A 25 10.01 -3.25 -72.65
C ASN A 25 8.75 -2.48 -73.04
N ALA A 26 8.55 -1.29 -72.48
CA ALA A 26 7.36 -0.51 -72.80
C ALA A 26 7.36 -0.12 -74.28
N LYS A 27 6.22 -0.34 -74.94
CA LYS A 27 6.05 -0.01 -76.35
C LYS A 27 5.53 1.40 -76.54
N SER A 28 4.51 1.78 -75.78
CA SER A 28 4.00 3.15 -75.79
C SER A 28 4.80 4.03 -74.84
N SER A 29 5.04 5.27 -75.26
CA SER A 29 5.69 6.23 -74.37
C SER A 29 4.81 6.54 -73.17
N MET A 30 3.49 6.59 -73.39
CA MET A 30 2.55 6.76 -72.28
C MET A 30 2.67 5.60 -71.31
N GLY A 31 2.82 4.38 -71.82
CA GLY A 31 3.04 3.23 -70.95
C GLY A 31 4.32 3.35 -70.13
N ARG A 32 5.39 3.82 -70.78
CA ARG A 32 6.65 4.02 -70.06
C ARG A 32 6.49 5.05 -68.95
N LEU A 33 5.81 6.16 -69.24
CA LEU A 33 5.57 7.18 -68.22
C LEU A 33 4.74 6.61 -67.07
N PHE A 34 3.68 5.87 -67.41
CA PHE A 34 2.82 5.28 -66.38
C PHE A 34 3.60 4.34 -65.48
N TRP A 35 4.46 3.50 -66.08
CA TRP A 35 5.15 2.51 -65.27
C TRP A 35 6.28 3.15 -64.46
N SER A 36 6.93 4.18 -65.00
CA SER A 36 7.89 4.93 -64.20
C SER A 36 7.21 5.58 -63.00
N LEU A 37 6.01 6.14 -63.20
CA LEU A 37 5.28 6.73 -62.09
C LEU A 37 4.89 5.67 -61.06
N VAL A 38 4.47 4.48 -61.52
CA VAL A 38 4.12 3.41 -60.60
C VAL A 38 5.33 3.01 -59.76
N CYS A 39 6.47 2.83 -60.42
CA CYS A 39 7.69 2.47 -59.70
C CYS A 39 8.08 3.52 -58.68
N LEU A 40 8.01 4.80 -59.08
CA LEU A 40 8.38 5.88 -58.17
C LEU A 40 7.44 5.94 -56.97
N ALA A 41 6.13 5.77 -57.19
CA ALA A 41 5.18 5.78 -56.08
C ALA A 41 5.46 4.64 -55.13
N ALA A 42 5.70 3.43 -55.65
CA ALA A 42 6.00 2.29 -54.80
C ALA A 42 7.27 2.55 -53.99
N GLY A 43 8.31 3.08 -54.64
CA GLY A 43 9.54 3.36 -53.93
C GLY A 43 9.38 4.40 -52.84
N ALA A 44 8.65 5.48 -53.11
CA ALA A 44 8.45 6.51 -52.11
C ALA A 44 7.66 5.98 -50.92
N MET A 45 6.60 5.21 -51.19
CA MET A 45 5.83 4.63 -50.08
C MET A 45 6.69 3.69 -49.25
N PHE A 46 7.51 2.87 -49.91
CA PHE A 46 8.42 2.00 -49.20
C PHE A 46 9.39 2.79 -48.33
N CYS A 47 9.92 3.89 -48.86
CA CYS A 47 10.86 4.71 -48.10
C CYS A 47 10.20 5.31 -46.87
N LEU A 48 8.98 5.82 -47.01
CA LEU A 48 8.28 6.37 -45.85
C LEU A 48 8.03 5.31 -44.78
N GLN A 49 7.55 4.14 -45.21
CA GLN A 49 7.26 3.07 -44.26
C GLN A 49 8.54 2.61 -43.56
N MET A 50 9.65 2.53 -44.31
CA MET A 50 10.93 2.19 -43.70
C MET A 50 11.42 3.27 -42.74
N SER A 51 11.14 4.54 -43.05
CA SER A 51 11.49 5.60 -42.12
C SER A 51 10.81 5.37 -40.78
N GLU A 52 9.50 5.10 -40.82
CA GLU A 52 8.79 4.83 -39.57
C GLU A 52 9.33 3.58 -38.88
N VAL A 53 9.58 2.51 -39.64
CA VAL A 53 10.04 1.25 -39.07
C VAL A 53 11.38 1.43 -38.36
N LEU A 54 12.32 2.10 -39.04
CA LEU A 54 13.65 2.28 -38.46
C LEU A 54 13.63 3.26 -37.30
N GLN A 55 12.74 4.25 -37.33
CA GLN A 55 12.57 5.10 -36.16
C GLN A 55 12.12 4.29 -34.96
N ARG A 56 11.14 3.39 -35.16
CA ARG A 56 10.70 2.53 -34.07
C ARG A 56 11.85 1.67 -33.56
N TYR A 57 12.61 1.07 -34.48
CA TYR A 57 13.69 0.18 -34.06
C TYR A 57 14.75 0.93 -33.28
N PHE A 58 15.21 2.07 -33.80
CA PHE A 58 16.30 2.80 -33.16
C PHE A 58 15.84 3.63 -31.97
N SER A 59 14.53 3.71 -31.71
CA SER A 59 14.09 4.20 -30.41
C SER A 59 14.31 3.18 -29.30
N TYR A 60 14.58 1.93 -29.66
CA TYR A 60 14.84 0.85 -28.72
C TYR A 60 13.75 0.74 -27.64
N PRO A 61 12.53 0.37 -28.02
CA PRO A 61 11.44 0.29 -27.05
C PRO A 61 11.61 -0.91 -26.11
N LYS A 62 10.82 -0.88 -25.04
CA LYS A 62 10.83 -1.94 -24.04
C LYS A 62 9.44 -2.57 -23.93
N LYS A 63 9.42 -3.84 -23.55
CA LYS A 63 8.20 -4.58 -23.31
C LYS A 63 8.21 -5.10 -21.87
N VAL A 64 7.13 -4.83 -21.14
CA VAL A 64 7.06 -5.12 -19.71
C VAL A 64 5.87 -6.02 -19.44
N THR A 65 6.11 -7.12 -18.72
CA THR A 65 5.07 -8.03 -18.29
C THR A 65 4.99 -8.05 -16.77
N VAL A 66 3.77 -8.03 -16.24
CA VAL A 66 3.51 -8.13 -14.81
C VAL A 66 2.75 -9.43 -14.57
N GLU A 67 3.32 -10.31 -13.76
CA GLU A 67 2.73 -11.61 -13.51
C GLU A 67 3.13 -12.10 -12.13
N VAL A 68 2.35 -13.04 -11.61
CA VAL A 68 2.62 -13.69 -10.32
C VAL A 68 3.26 -15.04 -10.60
N VAL A 69 4.34 -15.34 -9.88
CA VAL A 69 5.11 -16.56 -10.13
C VAL A 69 5.23 -17.35 -8.83
N PRO A 70 5.32 -18.68 -8.90
CA PRO A 70 5.40 -19.48 -7.67
C PRO A 70 6.79 -19.58 -7.05
N THR A 71 7.83 -19.12 -7.74
CA THR A 71 9.18 -19.23 -7.20
C THR A 71 9.30 -18.37 -5.95
N PRO A 72 9.69 -18.95 -4.81
CA PRO A 72 9.67 -18.20 -3.56
C PRO A 72 10.91 -17.35 -3.35
N VAL A 73 10.72 -16.24 -2.63
CA VAL A 73 11.83 -15.39 -2.19
C VAL A 73 12.28 -15.86 -0.82
N PRO A 74 13.53 -15.62 -0.43
CA PRO A 74 13.93 -15.86 0.96
C PRO A 74 13.30 -14.82 1.88
N PHE A 75 13.21 -15.19 3.16
CA PHE A 75 12.60 -14.30 4.13
C PHE A 75 13.46 -13.05 4.29
N PRO A 76 12.86 -11.87 4.28
CA PRO A 76 13.64 -10.63 4.28
C PRO A 76 14.38 -10.42 5.60
N SER A 77 15.42 -9.59 5.53
CA SER A 77 16.12 -9.16 6.73
C SER A 77 15.29 -8.09 7.45
N ILE A 78 15.16 -8.24 8.76
CA ILE A 78 14.39 -7.31 9.58
C ILE A 78 15.35 -6.62 10.53
N SER A 79 15.41 -5.30 10.45
CA SER A 79 16.27 -4.48 11.30
C SER A 79 15.39 -3.67 12.25
N ILE A 80 15.66 -3.80 13.55
CA ILE A 80 14.88 -3.14 14.59
C ILE A 80 15.78 -2.16 15.32
N CYS A 81 15.33 -0.92 15.43
CA CYS A 81 16.01 0.11 16.19
C CYS A 81 15.08 0.66 17.26
N ASN A 82 15.54 0.69 18.50
CA ASN A 82 14.80 1.38 19.55
C ASN A 82 14.96 2.88 19.34
N MET A 83 13.84 3.60 19.35
CA MET A 83 13.89 5.05 19.12
C MET A 83 14.62 5.76 20.26
N ARG A 84 14.71 5.15 21.43
CA ARG A 84 15.57 5.64 22.49
C ARG A 84 16.98 5.11 22.28
N ASN A 85 17.95 6.01 22.25
CA ASN A 85 19.31 5.65 21.88
C ASN A 85 20.09 5.02 23.03
N LEU A 86 19.85 5.45 24.26
CA LEU A 86 20.64 5.01 25.40
C LEU A 86 19.82 4.10 26.33
N ASP A 87 20.53 3.34 27.14
CA ASP A 87 19.90 2.43 28.08
C ASP A 87 19.25 3.20 29.22
N VAL A 88 18.17 2.64 29.77
CA VAL A 88 17.39 3.34 30.78
C VAL A 88 18.19 3.56 32.06
N HIS A 89 18.96 2.56 32.49
CA HIS A 89 19.75 2.71 33.71
C HIS A 89 20.84 3.76 33.52
N ILE A 90 21.48 3.79 32.36
CA ILE A 90 22.49 4.81 32.08
C ILE A 90 21.85 6.20 32.09
N LEU A 91 20.67 6.32 31.49
CA LEU A 91 19.99 7.62 31.45
C LEU A 91 19.63 8.09 32.85
N ASN A 92 19.11 7.19 33.68
CA ASN A 92 18.77 7.54 35.05
C ASN A 92 20.02 7.91 35.85
N THR A 93 21.13 7.20 35.61
CA THR A 93 22.38 7.54 36.29
C THR A 93 22.85 8.94 35.90
N LEU A 94 22.77 9.27 34.61
CA LEU A 94 23.15 10.61 34.16
C LEU A 94 22.26 11.67 34.81
N ASN A 95 20.95 11.44 34.80
CA ASN A 95 20.01 12.40 35.38
C ASN A 95 20.29 12.62 36.86
N ARG A 96 20.48 11.53 37.61
CA ARG A 96 20.73 11.64 39.03
C ARG A 96 22.08 12.32 39.30
N MET A 97 23.09 12.02 38.47
CA MET A 97 24.39 12.64 38.64
C MET A 97 24.33 14.15 38.44
N PHE A 98 23.54 14.61 37.46
CA PHE A 98 23.33 16.04 37.29
C PHE A 98 22.44 16.63 38.38
N ILE A 99 21.55 15.82 38.97
CA ILE A 99 20.74 16.30 40.09
C ILE A 99 21.59 16.50 41.34
N GLU A 100 22.67 15.73 41.51
CA GLU A 100 23.56 15.95 42.65
C GLU A 100 24.63 16.98 42.39
N ASP A 101 25.11 17.11 41.14
CA ASP A 101 26.08 18.15 40.80
C ASP A 101 25.85 18.57 39.37
N ASP A 102 25.30 19.77 39.17
CA ASP A 102 24.99 20.28 37.85
C ASP A 102 26.22 20.74 37.07
N ARG A 103 27.42 20.65 37.65
CA ARG A 103 28.64 21.00 36.95
C ARG A 103 29.21 19.75 36.29
N PRO A 104 29.18 19.64 34.95
CA PRO A 104 29.69 18.42 34.31
C PRO A 104 31.17 18.18 34.54
N PHE A 105 31.95 19.25 34.80
CA PHE A 105 33.39 19.07 35.02
C PHE A 105 33.66 18.22 36.25
N SER A 106 32.91 18.45 37.34
CA SER A 106 33.11 17.70 38.58
C SER A 106 32.63 16.27 38.47
N ASN A 107 31.89 15.92 37.42
CA ASN A 107 31.35 14.58 37.25
C ASN A 107 32.23 13.68 36.39
N ILE A 108 33.37 14.20 35.90
CA ILE A 108 34.22 13.42 35.02
C ILE A 108 34.78 12.19 35.73
N ASN A 109 35.14 12.33 37.01
CA ASN A 109 35.75 11.24 37.76
C ASN A 109 34.77 10.56 38.72
N LYS A 110 33.47 10.80 38.57
CA LYS A 110 32.48 10.22 39.48
C LYS A 110 32.06 8.82 39.09
N SER A 111 32.41 8.34 37.90
CA SER A 111 31.95 7.03 37.43
C SER A 111 33.08 6.29 36.74
N GLU A 112 33.03 4.96 36.85
CA GLU A 112 33.97 4.08 36.16
C GLU A 112 33.49 3.67 34.77
N HIS A 113 32.25 3.98 34.42
CA HIS A 113 31.75 3.65 33.06
C HIS A 113 32.49 4.54 32.07
N GLU A 114 32.98 3.94 31.00
CA GLU A 114 33.75 4.66 29.99
C GLU A 114 32.89 5.70 29.29
N PHE A 115 31.67 5.31 28.88
CA PHE A 115 30.80 6.23 28.17
C PHE A 115 30.47 7.44 29.04
N ILE A 116 30.25 7.22 30.33
CA ILE A 116 29.92 8.34 31.21
C ILE A 116 31.07 9.32 31.30
N ARG A 117 32.31 8.81 31.43
CA ARG A 117 33.47 9.69 31.49
C ARG A 117 33.62 10.49 30.20
N ALA A 118 33.49 9.82 29.04
CA ALA A 118 33.59 10.51 27.77
C ALA A 118 32.49 11.54 27.61
N TYR A 119 31.26 11.18 28.01
CA TYR A 119 30.11 12.08 27.92
C TYR A 119 30.32 13.32 28.78
N MET A 120 30.79 13.12 30.01
CA MET A 120 31.03 14.24 30.91
C MET A 120 32.13 15.15 30.37
N LYS A 121 33.20 14.56 29.85
CA LYS A 121 34.28 15.36 29.28
C LYS A 121 33.81 16.16 28.07
N LYS A 122 32.98 15.54 27.21
CA LYS A 122 32.47 16.25 26.05
C LYS A 122 31.55 17.40 26.45
N VAL A 123 30.65 17.15 27.42
CA VAL A 123 29.72 18.20 27.86
C VAL A 123 30.47 19.33 28.57
N ALA A 124 31.52 19.01 29.33
CA ALA A 124 32.22 20.02 30.11
C ALA A 124 32.81 21.12 29.23
N LYS A 125 33.14 20.81 27.98
CA LYS A 125 33.68 21.81 27.06
C LYS A 125 32.66 22.90 26.72
N TYR A 126 31.38 22.67 27.02
CA TYR A 126 30.32 23.61 26.65
C TYR A 126 29.60 24.21 27.84
N ALA A 127 29.91 23.78 29.06
CA ALA A 127 29.14 24.21 30.24
C ALA A 127 29.19 25.71 30.48
N PRO A 128 30.36 26.37 30.53
CA PRO A 128 30.34 27.83 30.74
C PRO A 128 29.59 28.59 29.65
N LEU A 129 29.72 28.15 28.40
CA LEU A 129 28.99 28.79 27.30
C LEU A 129 27.49 28.63 27.49
N PHE A 130 27.06 27.43 27.88
CA PHE A 130 25.63 27.19 28.10
C PHE A 130 25.11 28.01 29.27
N TRP A 131 25.92 28.19 30.32
CA TRP A 131 25.48 28.97 31.47
C TRP A 131 25.43 30.46 31.15
N ASN A 132 26.29 30.94 30.26
CA ASN A 132 26.38 32.37 30.00
C ASN A 132 25.55 32.83 28.79
N TYR A 133 25.18 31.94 27.87
CA TYR A 133 24.58 32.36 26.62
C TYR A 133 23.32 31.60 26.22
N GLN A 134 22.76 30.77 27.10
CA GLN A 134 21.58 29.99 26.72
C GLN A 134 20.38 30.86 26.39
N ASP A 135 20.30 32.07 26.95
CA ASP A 135 19.20 32.98 26.64
C ASP A 135 19.45 33.81 25.39
N GLU A 136 20.69 33.88 24.92
CA GLU A 136 21.00 34.58 23.68
C GLU A 136 20.99 33.65 22.47
N TYR A 137 21.46 32.41 22.62
CA TYR A 137 21.54 31.47 21.50
C TYR A 137 20.97 30.11 21.90
N PRO A 138 19.68 30.03 22.24
CA PRO A 138 19.11 28.72 22.62
C PRO A 138 19.18 27.69 21.50
N GLU A 139 18.95 28.11 20.25
CA GLU A 139 18.94 27.17 19.14
C GLU A 139 20.32 26.56 18.89
N VAL A 140 21.38 27.34 19.09
CA VAL A 140 22.74 26.84 18.90
C VAL A 140 23.04 25.71 19.88
N PHE A 141 22.68 25.90 21.16
CA PHE A 141 22.93 24.86 22.15
C PHE A 141 22.03 23.66 21.93
N GLN A 142 20.79 23.87 21.47
CA GLN A 142 19.94 22.74 21.13
C GLN A 142 20.50 21.95 19.96
N GLU A 143 21.10 22.62 18.98
CA GLU A 143 21.72 21.93 17.86
C GLU A 143 22.96 21.16 18.29
N ILE A 144 23.74 21.73 19.20
CA ILE A 144 25.05 21.15 19.53
C ILE A 144 24.93 20.02 20.56
N PHE A 145 23.91 20.05 21.41
CA PHE A 145 23.68 18.96 22.36
C PHE A 145 22.83 17.83 21.77
N SER A 146 22.78 17.71 20.44
CA SER A 146 22.01 16.67 19.78
C SER A 146 22.73 15.32 19.87
N ARG A 147 22.01 14.26 19.49
CA ARG A 147 22.57 12.92 19.46
C ARG A 147 23.77 12.83 18.52
N THR A 148 23.64 13.40 17.32
CA THR A 148 24.62 13.20 16.28
C THR A 148 25.99 13.78 16.61
N THR A 149 26.06 14.79 17.48
CA THR A 149 27.38 15.29 17.87
C THR A 149 28.12 14.29 18.76
N PHE A 150 27.42 13.64 19.68
CA PHE A 150 28.02 12.59 20.49
C PHE A 150 28.38 11.39 19.63
N SER A 151 27.53 11.04 18.67
CA SER A 151 27.87 9.97 17.74
C SER A 151 29.11 10.30 16.92
N ALA A 152 29.26 11.56 16.50
CA ALA A 152 30.39 11.96 15.67
C ALA A 152 31.68 12.07 16.47
N ASN A 153 31.59 12.33 17.78
CA ASN A 153 32.78 12.66 18.54
C ASN A 153 33.15 11.66 19.63
N ILE A 154 32.37 10.62 19.85
CA ILE A 154 32.69 9.56 20.80
C ILE A 154 32.85 8.26 20.03
N ASP A 155 33.83 7.44 20.44
CA ASP A 155 34.10 6.19 19.75
C ASP A 155 32.86 5.30 19.79
N PRO A 156 32.38 4.82 18.65
CA PRO A 156 31.19 3.95 18.66
C PRO A 156 31.35 2.71 19.51
N GLU A 157 32.57 2.18 19.66
CA GLU A 157 32.79 1.06 20.55
C GLU A 157 32.64 1.43 22.02
N VAL A 158 32.69 2.72 22.35
CA VAL A 158 32.40 3.17 23.70
C VAL A 158 30.91 3.47 23.86
N ILE A 159 30.29 4.03 22.83
CA ILE A 159 28.85 4.29 22.85
C ILE A 159 28.07 2.98 22.97
N ALA A 160 28.55 1.93 22.30
CA ALA A 160 27.87 0.64 22.32
C ALA A 160 27.75 0.05 23.72
N LEU A 161 28.63 0.46 24.65
CA LEU A 161 28.53 -0.01 26.03
C LEU A 161 27.35 0.62 26.76
N ALA A 162 26.87 1.78 26.31
CA ALA A 162 25.77 2.46 26.96
C ALA A 162 24.48 2.47 26.15
N ALA A 163 24.55 2.18 24.86
CA ALA A 163 23.35 2.12 24.04
C ALA A 163 22.54 0.88 24.39
N VAL A 164 21.36 0.77 23.75
CA VAL A 164 20.45 -0.33 24.05
C VAL A 164 21.10 -1.66 23.71
N GLN A 165 21.02 -2.62 24.63
CA GLN A 165 21.61 -3.92 24.47
C GLN A 165 20.56 -4.93 24.00
N LEU A 166 21.03 -5.93 23.25
CA LEU A 166 20.12 -6.93 22.69
C LEU A 166 19.38 -7.69 23.78
N GLU A 167 20.09 -8.12 24.82
CA GLU A 167 19.46 -8.88 25.90
C GLU A 167 18.44 -8.05 26.66
N GLY A 168 18.56 -6.73 26.66
CA GLY A 168 17.60 -5.86 27.28
C GLY A 168 16.57 -5.27 26.35
N PHE A 169 16.60 -5.63 25.07
CA PHE A 169 15.69 -5.09 24.06
C PHE A 169 14.72 -6.14 23.54
N VAL A 170 15.22 -7.31 23.16
CA VAL A 170 14.39 -8.38 22.60
C VAL A 170 14.05 -9.34 23.73
N VAL A 171 12.77 -9.39 24.10
CA VAL A 171 12.32 -10.31 25.14
C VAL A 171 12.18 -11.72 24.59
N ASN A 172 11.45 -11.88 23.49
CA ASN A 172 11.25 -13.17 22.86
C ASN A 172 11.33 -13.01 21.34
N CYS A 173 11.70 -14.09 20.66
CA CYS A 173 11.75 -14.08 19.21
C CYS A 173 11.37 -15.47 18.72
N HIS A 174 10.56 -15.52 17.66
CA HIS A 174 10.17 -16.78 17.05
C HIS A 174 10.15 -16.64 15.54
N TYR A 175 10.67 -17.65 14.86
CA TYR A 175 10.64 -17.71 13.40
C TYR A 175 10.48 -19.16 12.95
N ALA A 176 9.57 -19.39 12.01
CA ALA A 176 9.35 -20.69 11.39
C ALA A 176 9.17 -21.78 12.45
N GLY A 177 8.35 -21.49 13.45
CA GLY A 177 7.94 -22.49 14.40
C GLY A 177 8.97 -22.87 15.45
N HIS A 178 10.06 -22.12 15.60
CA HIS A 178 11.05 -22.41 16.62
C HIS A 178 11.59 -21.12 17.20
N ARG A 179 12.11 -21.22 18.43
CA ARG A 179 12.64 -20.06 19.13
C ARG A 179 13.95 -19.60 18.49
N CYS A 180 14.15 -18.28 18.49
CA CYS A 180 15.39 -17.72 17.96
C CYS A 180 16.53 -17.87 18.95
N ASN A 181 17.74 -17.92 18.41
CA ASN A 181 18.98 -17.92 19.18
C ASN A 181 19.56 -16.51 19.01
N LYS A 182 19.34 -15.67 20.03
CA LYS A 182 19.57 -14.23 19.87
C LYS A 182 21.01 -13.92 19.52
N THR A 183 21.97 -14.55 20.20
CA THR A 183 23.37 -14.25 19.92
C THR A 183 23.82 -14.76 18.55
N ARG A 184 23.05 -15.67 17.95
CA ARG A 184 23.39 -16.21 16.63
C ARG A 184 22.68 -15.48 15.50
N ASP A 185 21.42 -15.09 15.69
CA ASP A 185 20.59 -14.61 14.60
C ASP A 185 20.49 -13.09 14.52
N PHE A 186 20.86 -12.36 15.57
CA PHE A 186 20.84 -10.91 15.55
C PHE A 186 22.25 -10.36 15.40
N TYR A 187 22.40 -9.39 14.50
CA TYR A 187 23.70 -8.79 14.19
C TYR A 187 23.61 -7.30 14.46
N ARG A 188 24.48 -6.80 15.34
CA ARG A 188 24.44 -5.41 15.77
C ARG A 188 25.19 -4.51 14.81
N PHE A 189 24.58 -3.36 14.49
CA PHE A 189 25.23 -2.33 13.71
C PHE A 189 24.88 -0.97 14.29
N PHE A 190 25.75 0.01 14.05
CA PHE A 190 25.67 1.31 14.69
C PHE A 190 25.10 2.35 13.72
N ASP A 191 24.11 3.11 14.17
CA ASP A 191 23.50 4.17 13.40
C ASP A 191 23.69 5.49 14.14
N PRO A 192 24.14 6.56 13.46
CA PRO A 192 24.49 7.79 14.18
C PRO A 192 23.35 8.42 14.96
N TYR A 193 22.09 8.13 14.62
CA TYR A 193 20.95 8.65 15.36
C TYR A 193 20.36 7.66 16.34
N TYR A 194 20.17 6.40 15.92
CA TYR A 194 19.61 5.36 16.78
C TYR A 194 20.65 4.67 17.65
N PHE A 195 21.93 4.94 17.42
CA PHE A 195 23.04 4.21 18.04
C PHE A 195 22.93 2.72 17.73
N ASN A 196 22.68 1.90 18.74
CA ASN A 196 22.62 0.46 18.53
C ASN A 196 21.37 0.06 17.77
N CYS A 197 21.58 -0.70 16.69
CA CYS A 197 20.49 -1.32 15.94
C CYS A 197 20.87 -2.77 15.66
N PHE A 198 19.86 -3.60 15.44
CA PHE A 198 20.05 -5.03 15.29
C PHE A 198 19.33 -5.53 14.05
N THR A 199 20.01 -6.35 13.26
CA THR A 199 19.44 -6.94 12.06
C THR A 199 19.24 -8.43 12.29
N TYR A 200 18.01 -8.90 12.07
CA TYR A 200 17.71 -10.31 12.19
C TYR A 200 17.89 -11.01 10.85
N LYS A 201 18.65 -12.10 10.86
CA LYS A 201 18.84 -12.94 9.68
C LYS A 201 18.20 -14.29 9.94
N ALA A 202 17.33 -14.72 9.03
CA ALA A 202 16.48 -15.87 9.26
C ALA A 202 17.30 -17.15 9.38
N HIS A 203 16.82 -18.06 10.21
CA HIS A 203 17.43 -19.38 10.42
C HIS A 203 16.36 -20.44 10.27
N GLU A 204 16.50 -21.30 9.26
CA GLU A 204 15.52 -22.31 8.97
C GLU A 204 15.63 -23.48 9.96
N PRO A 205 14.57 -24.27 10.10
CA PRO A 205 14.66 -25.45 10.98
C PRO A 205 15.74 -26.41 10.52
N THR A 206 16.41 -27.02 11.49
CA THR A 206 17.51 -27.93 11.21
C THR A 206 17.01 -29.36 11.03
N ASP A 210 15.70 -28.53 16.30
CA ASP A 210 16.08 -27.52 17.27
C ASP A 210 15.44 -27.80 18.62
N ASN A 211 14.31 -28.49 18.58
CA ASN A 211 13.55 -29.03 19.70
C ASN A 211 12.79 -27.95 20.46
N LEU A 212 12.94 -26.67 20.11
CA LEU A 212 12.18 -25.59 20.74
C LEU A 212 11.02 -25.21 19.84
N SER A 213 10.10 -26.15 19.68
CA SER A 213 8.98 -25.99 18.74
C SER A 213 7.93 -25.10 19.37
N GLU A 214 7.97 -23.81 19.03
CA GLU A 214 6.98 -22.85 19.53
C GLU A 214 7.01 -21.63 18.62
N GLY A 215 5.92 -20.86 18.66
CA GLY A 215 5.85 -19.60 17.97
C GLY A 215 5.18 -19.68 16.62
N ILE A 216 5.23 -18.54 15.92
CA ILE A 216 4.59 -18.41 14.62
C ILE A 216 5.28 -19.33 13.61
N GLU A 217 4.47 -20.00 12.79
CA GLU A 217 5.00 -20.91 11.78
C GLU A 217 5.26 -20.23 10.45
N ASN A 218 4.47 -19.21 10.11
CA ASN A 218 4.51 -18.61 8.78
C ASN A 218 5.21 -17.26 8.76
N GLY A 219 6.05 -16.96 9.75
CA GLY A 219 6.73 -15.68 9.75
C GLY A 219 7.56 -15.47 10.99
N TRP A 220 7.81 -14.19 11.30
CA TRP A 220 8.68 -13.77 12.38
C TRP A 220 7.90 -12.91 13.36
N SER A 221 8.06 -13.19 14.64
CA SER A 221 7.38 -12.45 15.70
C SER A 221 8.34 -12.24 16.87
N SER A 222 8.29 -11.05 17.46
CA SER A 222 9.16 -10.72 18.57
C SER A 222 8.49 -9.72 19.49
N ILE A 223 8.83 -9.79 20.77
CA ILE A 223 8.35 -8.88 21.79
C ILE A 223 9.51 -7.99 22.23
N LEU A 224 9.32 -6.67 22.13
CA LEU A 224 10.39 -5.71 22.30
C LEU A 224 10.05 -4.75 23.43
N LEU A 225 11.01 -4.49 24.31
CA LEU A 225 10.87 -3.46 25.32
C LEU A 225 11.25 -2.12 24.70
N SER A 226 10.27 -1.27 24.44
CA SER A 226 10.49 -0.03 23.72
C SER A 226 10.04 1.22 24.47
N GLY A 227 9.32 1.09 25.58
CA GLY A 227 8.83 2.27 26.28
C GLY A 227 9.90 2.95 27.11
N SER A 228 9.56 4.14 27.57
CA SER A 228 10.43 4.96 28.41
C SER A 228 9.81 5.25 29.77
N GLY A 229 8.87 4.45 30.24
CA GLY A 229 8.15 4.80 31.47
C GLY A 229 8.92 4.53 32.74
N MET A 230 10.11 3.95 32.64
CA MET A 230 10.92 3.61 33.83
C MET A 230 11.85 4.78 34.14
N LEU A 231 11.85 5.79 33.29
CA LEU A 231 12.79 6.93 33.46
C LEU A 231 12.23 7.90 34.49
N ASP A 232 13.09 8.55 35.25
CA ASP A 232 12.69 9.44 36.33
C ASP A 232 11.92 10.65 35.77
N LYS A 233 10.92 11.08 36.52
CA LYS A 233 10.12 12.26 36.10
C LYS A 233 10.61 13.48 36.91
N ASN A 234 11.38 14.36 36.28
CA ASN A 234 11.93 15.54 36.94
C ASN A 234 10.85 16.56 37.21
N ASP A 235 10.96 17.24 38.35
CA ASP A 235 9.99 18.27 38.70
C ASP A 235 10.21 19.58 37.94
N GLU A 236 11.38 19.75 37.32
CA GLU A 236 11.61 20.87 36.42
C GLU A 236 12.49 20.39 35.27
N ILE A 237 12.40 21.11 34.15
CA ILE A 237 13.08 20.69 32.93
C ILE A 237 14.59 20.91 33.08
N ARG A 238 15.34 19.85 32.73
CA ARG A 238 16.81 19.88 32.87
C ARG A 238 17.44 19.50 31.54
N MET A 239 18.61 20.07 31.21
CA MET A 239 19.35 19.77 29.98
C MET A 239 20.09 18.44 30.14
N LEU A 240 19.71 17.47 29.31
CA LEU A 240 20.45 16.21 29.19
C LEU A 240 20.96 16.08 27.76
N PRO A 241 22.19 16.51 27.49
CA PRO A 241 22.71 16.45 26.12
C PRO A 241 22.80 15.03 25.60
N GLY A 242 22.75 14.91 24.28
CA GLY A 242 22.92 13.62 23.61
C GLY A 242 21.66 12.79 23.48
N LEU A 243 20.52 13.29 23.93
CA LEU A 243 19.26 12.55 23.88
C LEU A 243 18.31 13.03 22.79
N HIS A 244 18.22 14.35 22.57
CA HIS A 244 17.19 14.93 21.71
C HIS A 244 17.85 15.52 20.46
N GLU A 245 17.40 15.07 19.29
CA GLU A 245 17.87 15.60 18.00
C GLU A 245 16.97 16.76 17.60
N TRP A 246 17.32 17.95 18.09
CA TRP A 246 16.45 19.12 18.06
C TRP A 246 15.82 19.35 16.69
N ARG A 247 14.49 19.26 16.66
CA ARG A 247 13.65 19.56 15.51
C ARG A 247 13.93 18.66 14.31
N SER A 248 14.45 17.46 14.55
CA SER A 248 14.43 16.42 13.52
C SER A 248 13.03 15.78 13.46
N ALA A 249 12.68 15.28 12.28
CA ALA A 249 11.34 14.73 12.08
C ALA A 249 11.08 13.49 12.92
N VAL A 250 12.12 12.81 13.41
CA VAL A 250 11.97 11.64 14.25
C VAL A 250 12.29 11.93 15.72
N SER A 251 12.63 13.17 16.04
CA SER A 251 13.12 13.50 17.38
C SER A 251 12.04 13.29 18.44
N ALA A 252 12.50 12.99 19.65
CA ALA A 252 11.63 12.78 20.80
C ALA A 252 10.42 11.91 20.45
N SER A 253 10.68 10.66 20.09
CA SER A 253 9.62 9.70 19.77
C SER A 253 9.87 8.41 20.52
N GLU A 254 8.78 7.69 20.82
CA GLU A 254 8.84 6.45 21.58
C GLU A 254 8.30 5.32 20.73
N GLY A 255 9.07 4.25 20.62
CA GLY A 255 8.63 3.09 19.87
C GLY A 255 9.80 2.38 19.23
N VAL A 256 9.49 1.62 18.18
CA VAL A 256 10.48 0.84 17.45
C VAL A 256 10.45 1.26 15.99
N ARG A 257 11.63 1.39 15.39
CA ARG A 257 11.78 1.60 13.96
C ARG A 257 12.08 0.25 13.32
N VAL A 258 11.22 -0.19 12.40
CA VAL A 258 11.31 -1.51 11.80
C VAL A 258 11.57 -1.34 10.31
N VAL A 259 12.61 -1.98 9.80
CA VAL A 259 12.99 -1.91 8.40
C VAL A 259 12.95 -3.33 7.83
N ILE A 260 12.17 -3.51 6.77
CA ILE A 260 12.13 -4.77 6.04
C ILE A 260 12.86 -4.57 4.71
N HIS A 261 13.96 -5.29 4.52
CA HIS A 261 14.84 -5.07 3.40
C HIS A 261 15.41 -6.41 2.95
N PRO A 262 15.92 -6.51 1.72
CA PRO A 262 16.48 -7.77 1.24
C PRO A 262 17.64 -8.24 2.09
N PRO A 263 17.92 -9.56 2.09
CA PRO A 263 18.84 -10.13 3.09
C PRO A 263 20.20 -9.46 3.26
N SER A 264 21.00 -9.41 2.20
CA SER A 264 22.37 -8.93 2.30
C SER A 264 22.47 -7.46 1.88
N THR A 265 21.69 -6.62 2.55
CA THR A 265 21.64 -5.20 2.23
C THR A 265 21.75 -4.38 3.51
N THR A 266 22.31 -3.18 3.38
CA THR A 266 22.44 -2.28 4.51
C THR A 266 21.16 -1.48 4.69
N PRO A 267 20.54 -1.51 5.87
CA PRO A 267 19.34 -0.70 6.11
C PRO A 267 19.71 0.75 6.41
N TYR A 268 18.73 1.64 6.16
CA TYR A 268 18.88 3.07 6.39
C TYR A 268 17.67 3.53 7.19
N PRO A 269 17.65 3.24 8.50
CA PRO A 269 16.41 3.47 9.27
C PRO A 269 15.98 4.93 9.33
N PHE A 270 16.89 5.87 9.07
CA PHE A 270 16.54 7.28 9.15
C PHE A 270 15.61 7.73 8.03
N THR A 271 15.60 7.02 6.90
CA THR A 271 14.77 7.41 5.76
C THR A 271 13.92 6.28 5.20
N GLU A 272 14.00 5.07 5.76
CA GLU A 272 13.13 3.98 5.35
C GLU A 272 12.69 3.21 6.58
N GLY A 273 11.61 2.46 6.44
CA GLY A 273 11.10 1.63 7.52
C GLY A 273 9.76 2.11 8.03
N TYR A 274 9.29 1.41 9.05
CA TYR A 274 7.96 1.71 9.60
C TYR A 274 8.08 1.95 11.09
N ASP A 275 7.15 2.67 11.67
CA ASP A 275 7.10 3.01 13.09
C ASP A 275 6.11 2.10 13.82
N VAL A 276 6.45 1.78 15.06
CA VAL A 276 5.58 1.00 15.93
C VAL A 276 5.57 1.63 17.32
N PRO A 277 4.41 1.95 17.89
CA PRO A 277 4.39 2.56 19.22
C PRO A 277 4.42 1.52 20.31
N PRO A 278 4.92 1.86 21.50
CA PRO A 278 4.87 0.92 22.62
C PRO A 278 3.43 0.68 23.07
N GLY A 279 3.19 -0.53 23.56
CA GLY A 279 1.86 -0.92 23.96
C GLY A 279 0.99 -1.44 22.84
N PHE A 280 1.53 -1.57 21.63
CA PHE A 280 0.77 -2.03 20.47
C PHE A 280 1.44 -3.24 19.86
N SER A 281 0.63 -4.04 19.15
CA SER A 281 1.10 -5.17 18.36
C SER A 281 0.95 -4.81 16.90
N ALA A 282 2.06 -4.84 16.16
CA ALA A 282 2.08 -4.40 14.77
C ALA A 282 2.17 -5.62 13.85
N SER A 283 1.26 -5.69 12.89
CA SER A 283 1.24 -6.76 11.89
C SER A 283 1.80 -6.23 10.58
N PHE A 284 2.81 -6.92 10.05
CA PHE A 284 3.46 -6.54 8.79
C PHE A 284 3.21 -7.65 7.77
N GLY A 285 2.26 -7.42 6.87
CA GLY A 285 1.98 -8.37 5.81
C GLY A 285 2.78 -8.08 4.55
N ILE A 286 3.77 -8.92 4.26
CA ILE A 286 4.69 -8.68 3.16
C ILE A 286 4.11 -9.27 1.88
N HIS A 287 4.11 -8.47 0.81
CA HIS A 287 3.85 -8.96 -0.53
C HIS A 287 5.13 -8.80 -1.35
N PRO A 288 5.86 -9.87 -1.63
CA PRO A 288 7.15 -9.71 -2.32
C PRO A 288 6.98 -9.36 -3.79
N ARG A 289 7.91 -8.54 -4.28
CA ARG A 289 7.97 -8.15 -5.68
C ARG A 289 9.38 -8.40 -6.21
N ARG A 290 9.46 -8.64 -7.52
CA ARG A 290 10.75 -8.80 -8.19
C ARG A 290 10.71 -8.03 -9.50
N ASN A 291 11.70 -7.16 -9.71
CA ASN A 291 11.81 -6.34 -10.91
C ASN A 291 13.08 -6.71 -11.66
N ILE A 292 12.94 -7.05 -12.94
CA ILE A 292 14.06 -7.40 -13.80
C ILE A 292 14.13 -6.36 -14.92
N ARG A 293 15.34 -5.85 -15.18
CA ARG A 293 15.52 -4.70 -16.05
C ARG A 293 16.58 -5.00 -17.10
N ILE A 294 16.65 -4.13 -18.11
CA ILE A 294 17.48 -4.33 -19.29
C ILE A 294 18.49 -3.18 -19.38
N GLY A 295 19.57 -3.40 -20.13
CA GLY A 295 20.74 -2.57 -20.09
C GLY A 295 20.67 -1.29 -20.92
N PRO A 296 21.84 -0.83 -21.36
CA PRO A 296 22.00 0.58 -21.80
C PRO A 296 21.09 0.96 -22.97
N PRO A 297 21.07 0.19 -24.08
CA PRO A 297 20.28 0.68 -25.22
C PRO A 297 18.79 0.79 -24.94
N HIS A 298 18.24 -0.14 -24.16
CA HIS A 298 16.82 -0.14 -23.86
C HIS A 298 16.48 0.61 -22.58
N GLY A 299 17.41 0.68 -21.63
CA GLY A 299 17.18 1.37 -20.39
C GLY A 299 18.48 1.70 -19.69
N ASN A 300 18.40 1.87 -18.38
CA ASN A 300 19.57 1.91 -17.51
C ASN A 300 19.33 1.02 -16.31
N CYS A 301 20.30 0.16 -16.02
CA CYS A 301 20.32 -0.60 -14.77
C CYS A 301 21.76 -0.97 -14.46
N SER A 302 22.05 -1.14 -13.18
CA SER A 302 23.38 -1.48 -12.71
C SER A 302 23.31 -2.64 -11.73
N ASP A 303 24.37 -3.45 -11.71
CA ASP A 303 24.48 -4.56 -10.78
C ASP A 303 25.37 -4.25 -9.58
N LYS A 304 26.00 -3.08 -9.54
CA LYS A 304 26.91 -2.74 -8.46
C LYS A 304 26.86 -1.24 -8.21
N ASN A 305 27.28 -0.86 -7.01
CA ASN A 305 27.27 0.55 -6.60
C ASN A 305 28.54 1.23 -7.07
N PRO A 306 28.45 2.33 -7.83
CA PRO A 306 29.68 3.01 -8.27
C PRO A 306 30.56 3.49 -7.13
N PHE A 307 30.00 3.81 -5.98
CA PHE A 307 30.77 4.36 -4.85
C PHE A 307 31.23 3.30 -3.86
N GLY A 308 30.78 2.05 -3.99
CA GLY A 308 31.01 1.05 -2.98
C GLY A 308 32.14 0.09 -3.31
N ASP A 309 32.48 -0.74 -2.32
CA ASP A 309 33.49 -1.78 -2.48
C ASP A 309 32.93 -3.07 -3.07
N GLY A 310 31.61 -3.18 -3.22
CA GLY A 310 31.00 -4.34 -3.83
C GLY A 310 30.62 -5.47 -2.89
N THR A 311 30.79 -5.30 -1.58
CA THR A 311 30.41 -6.35 -0.65
C THR A 311 28.90 -6.43 -0.45
N GLU A 312 28.20 -5.32 -0.64
CA GLU A 312 26.77 -5.24 -0.41
C GLU A 312 25.99 -5.67 -1.65
N ARG A 313 24.78 -6.15 -1.43
CA ARG A 313 23.82 -6.32 -2.52
C ARG A 313 23.26 -4.95 -2.89
N TYR A 314 23.23 -4.66 -4.18
CA TYR A 314 23.04 -3.29 -4.65
C TYR A 314 21.63 -2.79 -4.42
N ARG A 315 21.52 -1.58 -3.90
CA ARG A 315 20.26 -0.84 -3.83
C ARG A 315 20.52 0.60 -4.25
N LEU A 316 19.56 1.17 -5.00
CA LEU A 316 19.72 2.52 -5.52
C LEU A 316 19.84 3.55 -4.41
N MET A 317 19.19 3.30 -3.27
CA MET A 317 19.22 4.22 -2.14
C MET A 317 20.66 4.49 -1.69
N ALA A 318 21.47 3.43 -1.61
CA ALA A 318 22.86 3.60 -1.20
C ALA A 318 23.62 4.48 -2.18
N CYS A 319 23.42 4.26 -3.49
CA CYS A 319 24.11 5.07 -4.48
C CYS A 319 23.72 6.54 -4.35
N GLN A 320 22.43 6.82 -4.18
CA GLN A 320 21.99 8.20 -4.05
C GLN A 320 22.54 8.86 -2.78
N LYS A 321 22.55 8.11 -1.68
CA LYS A 321 23.07 8.66 -0.43
C LYS A 321 24.57 8.96 -0.54
N MET A 322 25.34 8.07 -1.16
CA MET A 322 26.77 8.35 -1.32
C MET A 322 27.01 9.48 -2.32
N CYS A 323 26.13 9.66 -3.31
CA CYS A 323 26.23 10.83 -4.17
C CYS A 323 26.03 12.11 -3.37
N MET A 324 25.02 12.11 -2.49
CA MET A 324 24.81 13.26 -1.62
C MET A 324 26.03 13.52 -0.75
N GLN A 325 26.61 12.46 -0.18
CA GLN A 325 27.80 12.62 0.64
C GLN A 325 28.98 13.16 -0.17
N HIS A 326 29.11 12.70 -1.41
CA HIS A 326 30.16 13.22 -2.29
C HIS A 326 30.03 14.72 -2.48
N TYR A 327 28.82 15.20 -2.79
CA TYR A 327 28.66 16.63 -3.00
C TYR A 327 28.81 17.42 -1.71
N ILE A 328 28.37 16.86 -0.58
CA ILE A 328 28.56 17.54 0.70
C ILE A 328 30.04 17.70 1.01
N VAL A 329 30.82 16.64 0.80
CA VAL A 329 32.26 16.70 1.06
C VAL A 329 32.93 17.68 0.11
N GLU A 330 32.46 17.73 -1.15
CA GLU A 330 33.04 18.66 -2.11
C GLU A 330 32.80 20.10 -1.70
N THR A 331 31.58 20.42 -1.26
CA THR A 331 31.26 21.82 -0.98
C THR A 331 31.72 22.25 0.40
N CYS A 332 31.30 21.55 1.45
CA CYS A 332 31.58 21.99 2.81
C CYS A 332 32.95 21.55 3.32
N GLY A 333 33.60 20.60 2.65
CA GLY A 333 34.88 20.11 3.13
C GLY A 333 34.79 19.15 4.29
N CYS A 334 33.61 18.61 4.57
CA CYS A 334 33.41 17.70 5.68
C CYS A 334 32.24 16.77 5.37
N ALA A 335 32.16 15.68 6.12
CA ALA A 335 31.17 14.64 5.88
C ALA A 335 30.05 14.71 6.91
N ASP A 336 28.85 14.29 6.49
CA ASP A 336 27.69 14.27 7.35
C ASP A 336 27.56 12.89 7.99
N VAL A 337 27.31 12.86 9.30
CA VAL A 337 27.14 11.60 10.00
C VAL A 337 25.87 10.88 9.56
N GLY A 338 24.87 11.60 9.05
CA GLY A 338 23.65 10.98 8.60
C GLY A 338 23.74 10.25 7.29
N LEU A 339 24.91 10.20 6.67
CA LEU A 339 25.14 9.51 5.42
C LEU A 339 26.40 8.67 5.53
N PRO A 340 26.52 7.61 4.74
CA PRO A 340 27.73 6.78 4.79
C PRO A 340 28.96 7.57 4.40
N LYS A 341 30.08 7.26 5.05
CA LYS A 341 31.36 7.82 4.63
C LYS A 341 31.88 7.08 3.41
N LEU A 342 32.43 7.83 2.48
CA LEU A 342 32.81 7.25 1.19
C LEU A 342 33.95 6.25 1.37
N PRO A 343 33.83 5.03 0.84
CA PRO A 343 34.94 4.08 0.94
C PRO A 343 36.19 4.55 0.21
N LEU A 344 36.13 5.62 -0.56
CA LEU A 344 37.40 6.15 -1.14
C LEU A 344 38.26 6.73 -0.01
N GLN A 345 37.92 7.90 0.52
CA GLN A 345 38.74 8.57 1.56
C GLN A 345 38.07 8.46 2.93
N ALA A 346 38.88 8.36 4.00
CA ALA A 346 38.34 8.20 5.37
C ALA A 346 39.02 9.22 6.29
N ASN A 347 39.98 9.96 5.76
CA ASN A 347 40.62 11.04 6.54
C ASN A 347 39.70 12.26 6.52
N ILE A 348 38.55 12.16 5.86
CA ILE A 348 37.57 13.28 5.87
C ILE A 348 36.95 13.35 7.26
N SER A 349 36.93 14.53 7.85
CA SER A 349 36.35 14.76 9.16
C SER A 349 34.84 14.97 9.06
N TRP A 350 34.14 14.59 10.13
CA TRP A 350 32.73 14.92 10.25
C TRP A 350 32.55 16.43 10.40
N CYS A 351 31.41 16.91 9.91
CA CYS A 351 31.10 18.33 10.06
C CYS A 351 30.83 18.70 11.51
N ARG A 352 30.39 17.75 12.32
CA ARG A 352 30.04 17.98 13.72
C ARG A 352 31.21 17.74 14.67
N ASP A 353 32.41 17.49 14.14
CA ASP A 353 33.56 17.25 14.99
C ASP A 353 33.91 18.51 15.79
N ASP A 354 34.33 18.30 17.04
CA ASP A 354 34.67 19.42 17.92
C ASP A 354 35.92 19.18 18.74
N ASP A 355 36.84 18.34 18.24
CA ASP A 355 38.13 18.18 18.90
C ASP A 355 38.96 19.45 18.87
N ASN A 356 38.58 20.44 18.06
CA ASN A 356 39.27 21.72 18.04
C ASN A 356 39.10 22.51 19.33
N PHE A 357 38.09 22.18 20.14
CA PHE A 357 37.78 22.99 21.31
C PHE A 357 38.89 22.90 22.35
N PRO A 358 39.46 24.03 22.76
CA PRO A 358 40.48 24.02 23.82
C PRO A 358 39.91 23.55 25.15
N ASP A 359 40.81 23.15 26.04
CA ASP A 359 40.39 22.75 27.38
C ASP A 359 40.08 23.95 28.27
N GLU A 360 40.57 25.15 27.92
CA GLU A 360 40.16 26.34 28.68
C GLU A 360 38.66 26.64 28.54
N CYS A 361 38.01 26.18 27.47
CA CYS A 361 36.57 26.38 27.38
C CYS A 361 35.80 25.63 28.46
N MET A 362 36.44 24.68 29.14
CA MET A 362 35.85 24.01 30.29
C MET A 362 35.81 24.90 31.52
N PHE A 363 36.53 26.01 31.51
CA PHE A 363 36.64 26.89 32.67
C PHE A 363 36.12 28.30 32.42
N THR A 364 36.20 28.81 31.18
CA THR A 364 35.83 30.19 30.88
C THR A 364 34.97 30.26 29.63
N ALA A 365 34.05 31.22 29.61
CA ALA A 365 33.19 31.48 28.46
C ALA A 365 33.76 32.61 27.61
N SER A 366 34.97 32.38 27.11
CA SER A 366 35.70 33.40 26.36
C SER A 366 35.14 33.56 24.95
N GLU A 367 35.52 34.66 24.30
CA GLU A 367 35.06 34.92 22.93
C GLU A 367 35.60 33.88 21.94
N GLU A 368 36.81 33.39 22.16
CA GLU A 368 37.34 32.34 21.26
C GLU A 368 36.46 31.09 21.30
N CYS A 369 36.04 30.68 22.50
CA CYS A 369 35.17 29.52 22.61
C CYS A 369 33.83 29.77 21.93
N LEU A 370 33.28 30.99 22.07
CA LEU A 370 32.02 31.32 21.42
C LEU A 370 32.15 31.34 19.91
N GLN A 371 33.27 31.86 19.40
CA GLN A 371 33.49 31.85 17.95
C GLN A 371 33.63 30.43 17.43
N LEU A 372 34.31 29.55 18.18
CA LEU A 372 34.40 28.15 17.77
C LEU A 372 33.01 27.49 17.77
N LEU A 373 32.18 27.83 18.76
CA LEU A 373 30.81 27.33 18.80
C LEU A 373 30.04 27.76 17.55
N MET A 374 30.17 29.04 17.16
CA MET A 374 29.48 29.54 15.99
C MET A 374 30.02 28.91 14.71
N GLN A 375 31.33 28.63 14.66
CA GLN A 375 31.92 27.99 13.49
C GLN A 375 31.39 26.56 13.32
N LEU A 376 31.26 25.83 14.42
CA LEU A 376 30.64 24.51 14.37
C LEU A 376 29.20 24.60 13.88
N HIS A 377 28.45 25.58 14.40
CA HIS A 377 27.09 25.80 13.92
C HIS A 377 27.06 26.08 12.41
N ASN A 378 28.01 26.87 11.93
CA ASN A 378 28.05 27.21 10.50
C ASN A 378 28.36 25.99 9.66
N ARG A 379 29.26 25.13 10.12
CA ARG A 379 29.55 23.89 9.39
C ARG A 379 28.30 23.02 9.31
N ILE A 380 27.56 22.90 10.42
CA ILE A 380 26.33 22.13 10.40
C ILE A 380 25.35 22.73 9.40
N LYS A 381 25.24 24.06 9.36
CA LYS A 381 24.31 24.70 8.43
C LYS A 381 24.72 24.45 6.98
N CYS A 382 26.02 24.51 6.69
CA CYS A 382 26.50 24.20 5.34
C CYS A 382 26.07 22.79 4.93
N ALA A 383 26.32 21.81 5.81
CA ALA A 383 25.96 20.43 5.48
C ALA A 383 24.46 20.30 5.25
N ARG A 384 23.66 20.93 6.11
CA ARG A 384 22.21 20.83 5.98
C ARG A 384 21.71 21.47 4.69
N SER A 385 22.29 22.62 4.32
CA SER A 385 21.90 23.31 3.10
C SER A 385 22.20 22.45 1.88
N ILE A 386 23.39 21.84 1.85
CA ILE A 386 23.72 20.97 0.72
C ILE A 386 22.77 19.77 0.67
N LYS A 387 22.48 19.17 1.83
CA LYS A 387 21.55 18.04 1.87
C LYS A 387 20.19 18.43 1.33
N SER A 388 19.70 19.63 1.69
CA SER A 388 18.39 20.05 1.24
C SER A 388 18.36 20.38 -0.24
N LYS A 389 19.43 20.95 -0.79
CA LYS A 389 19.38 21.43 -2.16
C LYS A 389 19.76 20.37 -3.20
N ILE A 390 20.73 19.51 -2.90
CA ILE A 390 21.40 18.76 -3.96
C ILE A 390 20.45 17.81 -4.68
N THR A 391 19.46 17.23 -3.99
CA THR A 391 18.63 16.22 -4.63
C THR A 391 17.64 16.81 -5.63
N LYS A 392 17.42 18.12 -5.62
CA LYS A 392 16.60 18.76 -6.64
C LYS A 392 17.39 19.08 -7.90
N ASN A 393 18.70 18.91 -7.87
CA ASN A 393 19.60 19.34 -8.93
C ASN A 393 19.84 18.13 -9.83
N THR A 394 19.09 18.06 -10.93
CA THR A 394 19.12 16.88 -11.79
C THR A 394 20.48 16.66 -12.43
N THR A 395 21.23 17.73 -12.68
CA THR A 395 22.55 17.59 -13.27
C THR A 395 23.49 16.83 -12.32
N ALA A 396 23.55 17.27 -11.06
CA ALA A 396 24.41 16.62 -10.08
C ALA A 396 23.99 15.18 -9.84
N MET A 397 22.67 14.93 -9.77
CA MET A 397 22.19 13.58 -9.51
C MET A 397 22.44 12.65 -10.69
N GLU A 398 22.31 13.16 -11.92
CA GLU A 398 22.59 12.32 -13.09
C GLU A 398 24.08 12.12 -13.30
N ALA A 399 24.91 13.03 -12.80
CA ALA A 399 26.36 12.87 -12.90
C ALA A 399 26.88 11.69 -12.09
N CYS A 400 26.13 11.24 -11.08
CA CYS A 400 26.57 10.15 -10.22
C CYS A 400 26.28 8.77 -10.80
N ASN A 401 25.55 8.69 -11.91
CA ASN A 401 25.29 7.42 -12.61
C ASN A 401 24.60 6.41 -11.71
N CYS A 402 23.68 6.87 -10.86
CA CYS A 402 22.89 5.98 -10.02
C CYS A 402 21.72 5.45 -10.82
N PHE A 403 21.67 4.15 -11.05
CA PHE A 403 20.63 3.50 -11.81
C PHE A 403 20.00 2.38 -11.00
N PRO A 404 18.73 2.04 -11.25
CA PRO A 404 18.08 0.99 -10.46
C PRO A 404 18.71 -0.37 -10.72
N PRO A 405 18.61 -1.29 -9.76
CA PRO A 405 19.23 -2.61 -9.95
C PRO A 405 18.59 -3.38 -11.08
N CYS A 406 19.41 -4.21 -11.73
CA CYS A 406 18.95 -5.01 -12.86
C CYS A 406 18.08 -6.19 -12.41
N ASP A 407 18.19 -6.61 -11.15
CA ASP A 407 17.37 -7.70 -10.61
C ASP A 407 17.09 -7.33 -9.15
N GLU A 408 15.93 -6.74 -8.91
CA GLU A 408 15.60 -6.13 -7.63
C GLU A 408 14.45 -6.87 -6.96
N VAL A 409 14.59 -7.15 -5.67
CA VAL A 409 13.52 -7.71 -4.86
C VAL A 409 13.01 -6.62 -3.94
N SER A 410 11.69 -6.42 -3.93
CA SER A 410 11.06 -5.36 -3.14
C SER A 410 9.85 -5.94 -2.42
N TYR A 411 9.38 -5.19 -1.42
CA TYR A 411 8.30 -5.68 -0.56
C TYR A 411 7.26 -4.59 -0.37
N ASP A 412 6.00 -4.96 -0.53
CA ASP A 412 4.87 -4.12 -0.15
C ASP A 412 4.29 -4.66 1.15
N VAL A 413 4.18 -3.79 2.15
CA VAL A 413 3.90 -4.22 3.52
C VAL A 413 2.56 -3.64 3.96
N SER A 414 1.64 -4.52 4.36
CA SER A 414 0.43 -4.10 5.03
C SER A 414 0.74 -3.79 6.49
N TYR A 415 0.15 -2.70 7.00
CA TYR A 415 0.46 -2.22 8.33
C TYR A 415 -0.83 -2.04 9.11
N SER A 416 -0.86 -2.60 10.33
CA SER A 416 -2.01 -2.47 11.20
C SER A 416 -1.54 -2.64 12.65
N LEU A 417 -2.36 -2.13 13.57
CA LEU A 417 -2.00 -2.10 14.99
C LEU A 417 -3.13 -2.65 15.84
N SER A 418 -2.76 -3.32 16.93
CA SER A 418 -3.69 -3.67 17.99
C SER A 418 -3.03 -3.38 19.33
N LYS A 419 -3.85 -3.07 20.33
CA LYS A 419 -3.37 -2.86 21.69
C LYS A 419 -2.93 -4.21 22.24
N TRP A 420 -1.61 -4.41 22.37
CA TRP A 420 -1.15 -5.77 22.59
C TRP A 420 -1.58 -6.28 23.97
N PRO A 421 -1.06 -5.76 25.09
CA PRO A 421 -1.41 -6.40 26.37
C PRO A 421 -2.84 -6.08 26.75
N SER A 422 -3.74 -7.04 26.51
CA SER A 422 -5.16 -6.80 26.74
C SER A 422 -5.45 -6.67 28.22
N ALA A 423 -6.40 -5.81 28.56
CA ALA A 423 -6.79 -5.66 29.95
C ALA A 423 -7.42 -6.95 30.46
N GLY A 424 -7.07 -7.31 31.68
CA GLY A 424 -7.65 -8.51 32.28
C GLY A 424 -6.80 -9.77 32.17
N TYR A 425 -7.49 -10.89 31.93
CA TYR A 425 -6.88 -12.21 32.13
C TYR A 425 -5.78 -12.50 31.11
N GLU A 426 -6.01 -12.15 29.84
CA GLU A 426 -4.99 -12.40 28.83
C GLU A 426 -3.76 -11.54 29.08
N GLY A 427 -3.93 -10.33 29.60
CA GLY A 427 -2.78 -9.55 30.02
C GLY A 427 -2.01 -10.21 31.14
N ASP A 428 -2.74 -10.84 32.08
CA ASP A 428 -2.07 -11.61 33.14
C ASP A 428 -1.26 -12.75 32.54
N ALA A 429 -1.82 -13.45 31.55
CA ALA A 429 -1.10 -14.53 30.91
C ALA A 429 0.15 -14.02 30.20
N ALA A 430 0.04 -12.88 29.51
CA ALA A 430 1.19 -12.30 28.83
C ALA A 430 2.27 -11.91 29.83
N TYR A 431 1.88 -11.27 30.93
CA TYR A 431 2.84 -10.90 31.96
C TYR A 431 3.55 -12.12 32.53
N PHE A 432 2.79 -13.19 32.79
CA PHE A 432 3.40 -14.41 33.32
C PHE A 432 4.34 -15.03 32.29
N ASP A 433 3.99 -14.95 31.01
CA ASP A 433 4.89 -15.45 29.98
C ASP A 433 6.20 -14.67 29.95
N VAL A 434 6.13 -13.35 30.07
CA VAL A 434 7.33 -12.54 30.01
C VAL A 434 8.16 -12.71 31.28
N PHE A 435 7.53 -12.61 32.44
CA PHE A 435 8.27 -12.52 33.70
C PHE A 435 8.27 -13.81 34.52
N GLY A 436 7.37 -14.75 34.24
CA GLY A 436 7.34 -15.99 34.99
C GLY A 436 8.03 -17.13 34.28
N ILE A 437 7.77 -17.28 32.99
CA ILE A 437 8.34 -18.37 32.20
C ILE A 437 9.66 -17.95 31.57
N GLU A 438 9.67 -16.84 30.83
CA GLU A 438 10.89 -16.38 30.19
C GLU A 438 11.86 -15.78 31.21
N LYS A 439 11.35 -15.21 32.31
CA LYS A 439 12.17 -14.65 33.38
C LYS A 439 13.04 -13.50 32.85
N PHE A 440 12.37 -12.47 32.35
CA PHE A 440 13.06 -11.36 31.69
C PHE A 440 13.96 -10.60 32.65
N ASN A 441 13.50 -10.37 33.88
CA ASN A 441 14.28 -9.58 34.83
C ASN A 441 15.58 -10.28 35.21
N GLU A 442 15.56 -11.61 35.36
CA GLU A 442 16.74 -12.34 35.83
C GLU A 442 17.90 -12.30 34.85
N ARG A 443 17.71 -11.76 33.65
CA ARG A 443 18.85 -11.52 32.76
C ARG A 443 19.81 -10.51 33.37
N PHE A 444 19.30 -9.61 34.21
CA PHE A 444 20.08 -8.52 34.77
C PHE A 444 20.57 -8.79 36.18
N ASN A 445 20.35 -9.99 36.70
CA ASN A 445 20.82 -10.37 38.03
C ASN A 445 22.31 -10.74 37.98
N LYS A 446 23.11 -9.76 37.56
CA LYS A 446 24.54 -9.94 37.38
C LYS A 446 25.28 -8.78 38.00
N THR A 447 26.55 -9.02 38.35
CA THR A 447 27.33 -8.03 39.09
C THR A 447 27.44 -6.71 38.33
N GLY A 448 27.51 -6.76 37.01
CA GLY A 448 27.64 -5.57 36.20
C GLY A 448 26.35 -4.89 35.80
N THR A 449 25.19 -5.42 36.22
CA THR A 449 23.91 -4.89 35.78
C THR A 449 22.89 -4.89 36.92
N GLN A 450 23.33 -4.90 38.17
CA GLN A 450 22.42 -5.10 39.29
C GLN A 450 21.45 -3.92 39.43
N GLY A 451 21.93 -2.69 39.23
CA GLY A 451 21.05 -1.54 39.33
C GLY A 451 19.86 -1.63 38.41
N LYS A 452 20.08 -2.04 37.17
CA LYS A 452 18.97 -2.25 36.24
C LYS A 452 18.05 -3.35 36.72
N TYR A 453 18.60 -4.38 37.39
CA TYR A 453 17.77 -5.42 37.97
C TYR A 453 16.83 -4.86 39.01
N GLU A 454 17.33 -4.01 39.92
CA GLU A 454 16.47 -3.41 40.92
C GLU A 454 15.42 -2.52 40.28
N LEU A 455 15.83 -1.73 39.27
CA LEU A 455 14.89 -0.85 38.58
C LEU A 455 13.74 -1.64 37.97
N PHE A 456 14.06 -2.72 37.24
CA PHE A 456 13.02 -3.52 36.60
C PHE A 456 12.20 -4.29 37.62
N THR A 457 12.81 -4.73 38.73
CA THR A 457 12.05 -5.40 39.78
C THR A 457 11.00 -4.47 40.38
N LYS A 458 11.37 -3.21 40.62
CA LYS A 458 10.39 -2.26 41.13
C LYS A 458 9.34 -1.92 40.08
N TYR A 459 9.77 -1.66 38.85
CA TYR A 459 8.84 -1.14 37.84
C TYR A 459 7.84 -2.21 37.40
N PHE A 460 8.30 -3.44 37.20
CA PHE A 460 7.48 -4.50 36.61
C PHE A 460 6.91 -5.46 37.66
N ASN A 461 6.59 -4.97 38.86
CA ASN A 461 5.96 -5.84 39.84
C ASN A 461 4.53 -6.18 39.42
N VAL A 462 3.98 -7.21 40.07
CA VAL A 462 2.70 -7.78 39.64
C VAL A 462 1.58 -6.75 39.74
N SER A 463 1.61 -5.91 40.78
CA SER A 463 0.53 -4.95 41.00
C SER A 463 0.45 -3.91 39.90
N ASN A 464 1.60 -3.44 39.41
CA ASN A 464 1.67 -2.37 38.43
C ASN A 464 1.70 -2.89 36.99
N ARG A 465 1.23 -4.12 36.75
CA ARG A 465 1.40 -4.72 35.44
C ARG A 465 0.58 -4.00 34.37
N GLU A 466 -0.65 -3.59 34.69
CA GLU A 466 -1.51 -3.00 33.68
C GLU A 466 -0.89 -1.76 33.06
N GLU A 467 -0.14 -0.99 33.85
CA GLU A 467 0.55 0.19 33.34
C GLU A 467 1.92 -0.14 32.77
N SER A 468 2.68 -1.00 33.47
CA SER A 468 4.06 -1.24 33.07
C SER A 468 4.17 -2.04 31.78
N MET A 469 3.21 -2.94 31.50
CA MET A 469 3.27 -3.73 30.27
C MET A 469 3.11 -2.87 29.02
N LYS A 470 2.65 -1.62 29.16
CA LYS A 470 2.52 -0.74 28.01
C LYS A 470 3.87 -0.37 27.41
N ASP A 471 4.97 -0.60 28.12
CA ASP A 471 6.29 -0.30 27.60
C ASP A 471 6.77 -1.33 26.59
N PHE A 472 6.09 -2.47 26.46
CA PHE A 472 6.45 -3.49 25.50
C PHE A 472 5.67 -3.31 24.20
N ALA A 473 6.26 -3.73 23.11
CA ALA A 473 5.60 -3.79 21.81
C ALA A 473 5.93 -5.11 21.13
N ARG A 474 4.97 -5.63 20.37
CA ARG A 474 5.16 -6.87 19.63
C ARG A 474 5.13 -6.58 18.14
N LEU A 475 6.06 -7.21 17.43
CA LEU A 475 6.11 -7.15 15.97
C LEU A 475 5.73 -8.51 15.41
N ASN A 476 4.86 -8.52 14.41
CA ASN A 476 4.41 -9.74 13.75
C ASN A 476 4.64 -9.55 12.25
N VAL A 477 5.71 -10.16 11.73
CA VAL A 477 6.13 -9.97 10.36
C VAL A 477 5.97 -11.30 9.63
N TYR A 478 5.17 -11.30 8.57
CA TYR A 478 4.84 -12.53 7.87
C TYR A 478 4.64 -12.21 6.39
N ILE A 479 4.78 -13.25 5.57
CA ILE A 479 4.56 -13.14 4.13
C ILE A 479 3.08 -13.37 3.86
N ALA A 480 2.42 -12.37 3.26
CA ALA A 480 0.98 -12.46 3.05
C ALA A 480 0.63 -13.34 1.87
N ASP A 481 1.32 -13.15 0.74
CA ASP A 481 1.07 -13.93 -0.46
C ASP A 481 2.35 -14.67 -0.85
N SER A 482 2.25 -15.99 -1.00
CA SER A 482 3.43 -16.80 -1.24
C SER A 482 4.02 -16.55 -2.63
N ASN A 483 3.18 -16.18 -3.61
CA ASN A 483 3.65 -15.96 -4.96
C ASN A 483 4.23 -14.56 -5.11
N VAL A 484 5.25 -14.45 -5.95
CA VAL A 484 5.97 -13.19 -6.17
C VAL A 484 5.40 -12.49 -7.39
N VAL A 485 5.10 -11.20 -7.25
CA VAL A 485 4.67 -10.37 -8.37
C VAL A 485 5.93 -9.94 -9.12
N LYS A 486 6.16 -10.52 -10.29
CA LYS A 486 7.37 -10.27 -11.07
C LYS A 486 7.08 -9.29 -12.19
N THR A 487 7.85 -8.21 -12.23
CA THR A 487 7.80 -7.23 -13.31
C THR A 487 9.11 -7.32 -14.09
N GLN A 488 9.02 -7.78 -15.34
CA GLN A 488 10.20 -8.08 -16.15
C GLN A 488 10.21 -7.20 -17.39
N GLU A 489 11.31 -6.49 -17.60
CA GLU A 489 11.51 -5.76 -18.84
C GLU A 489 12.06 -6.69 -19.92
N SER A 490 11.67 -6.42 -21.16
CA SER A 490 12.21 -7.13 -22.31
C SER A 490 12.18 -6.20 -23.51
N GLU A 491 13.02 -6.51 -24.48
CA GLU A 491 13.11 -5.66 -25.67
C GLU A 491 11.89 -5.88 -26.56
N ASP A 492 11.20 -4.80 -26.90
CA ASP A 492 9.93 -4.90 -27.61
C ASP A 492 10.10 -5.22 -29.08
N TYR A 493 11.16 -4.73 -29.71
CA TYR A 493 11.29 -4.79 -31.17
C TYR A 493 12.69 -5.31 -31.49
N THR A 494 12.80 -6.64 -31.60
CA THR A 494 14.09 -7.28 -31.84
C THR A 494 14.52 -7.09 -33.30
N ARG A 495 15.78 -7.44 -33.57
CA ARG A 495 16.29 -7.37 -34.93
C ARG A 495 15.56 -8.34 -35.85
N ASN A 496 15.16 -9.51 -35.33
CA ASN A 496 14.41 -10.45 -36.14
C ASN A 496 13.05 -9.87 -36.54
N GLN A 497 12.41 -9.17 -35.60
CA GLN A 497 11.12 -8.52 -35.87
C GLN A 497 11.34 -7.42 -36.91
N LEU A 498 12.46 -6.72 -36.84
CA LEU A 498 12.81 -5.70 -37.82
C LEU A 498 12.97 -6.32 -39.21
N VAL A 499 13.68 -7.44 -39.28
CA VAL A 499 13.90 -8.11 -40.57
C VAL A 499 12.58 -8.59 -41.15
N SER A 500 11.72 -9.17 -40.32
CA SER A 500 10.43 -9.65 -40.80
C SER A 500 9.57 -8.51 -41.32
N ASP A 501 9.56 -7.37 -40.62
CA ASP A 501 8.75 -6.24 -41.06
C ASP A 501 9.31 -5.62 -42.32
N ILE A 502 10.65 -5.56 -42.44
CA ILE A 502 11.26 -5.10 -43.68
C ILE A 502 10.88 -6.00 -44.84
N GLY A 503 10.89 -7.32 -44.62
CA GLY A 503 10.47 -8.24 -45.65
C GLY A 503 9.02 -8.03 -46.04
N GLY A 504 8.15 -7.82 -45.06
CA GLY A 504 6.75 -7.55 -45.36
C GLY A 504 6.56 -6.31 -46.21
N GLN A 505 7.21 -5.21 -45.82
CA GLN A 505 7.10 -3.96 -46.58
C GLN A 505 7.65 -4.13 -47.99
N LEU A 506 8.84 -4.73 -48.11
CA LEU A 506 9.49 -4.89 -49.40
C LEU A 506 8.70 -5.80 -50.32
N GLY A 507 8.05 -6.84 -49.77
CA GLY A 507 7.18 -7.67 -50.59
C GLY A 507 5.90 -6.95 -51.00
N LEU A 508 5.34 -6.14 -50.09
CA LEU A 508 4.09 -5.46 -50.40
C LEU A 508 4.28 -4.42 -51.50
N TRP A 509 5.27 -3.54 -51.36
CA TRP A 509 5.39 -2.44 -52.30
C TRP A 509 6.11 -2.82 -53.60
N VAL A 510 7.38 -3.22 -53.49
CA VAL A 510 8.21 -3.37 -54.69
C VAL A 510 8.43 -4.82 -55.09
N GLY A 511 8.29 -5.77 -54.16
CA GLY A 511 8.47 -7.16 -54.50
C GLY A 511 9.90 -7.64 -54.61
N ILE A 512 10.85 -6.88 -54.09
CA ILE A 512 12.26 -7.25 -54.15
C ILE A 512 12.57 -8.31 -53.10
N SER A 513 13.39 -9.30 -53.49
CA SER A 513 14.09 -10.16 -52.55
C SER A 513 15.58 -9.95 -52.75
N LEU A 514 16.37 -10.39 -51.77
CA LEU A 514 17.81 -10.23 -51.88
C LEU A 514 18.39 -10.96 -53.10
N ILE A 515 17.75 -12.06 -53.50
CA ILE A 515 18.17 -12.73 -54.73
C ILE A 515 17.96 -11.81 -55.92
N THR A 516 16.99 -10.90 -55.84
CA THR A 516 16.77 -9.92 -56.90
C THR A 516 17.75 -8.75 -56.79
N LEU A 517 18.12 -8.38 -55.57
CA LEU A 517 19.23 -7.45 -55.41
C LEU A 517 20.50 -8.04 -56.01
N ALA A 518 20.63 -9.36 -55.99
CA ALA A 518 21.72 -10.00 -56.70
C ALA A 518 21.57 -9.87 -58.22
N GLU A 519 20.33 -9.84 -58.72
CA GLU A 519 20.10 -9.48 -60.13
C GLU A 519 20.70 -8.12 -60.45
N VAL A 520 20.38 -7.12 -59.62
CA VAL A 520 20.86 -5.77 -59.92
C VAL A 520 22.38 -5.70 -59.76
N LEU A 521 22.95 -6.45 -58.82
CA LEU A 521 24.40 -6.48 -58.66
C LEU A 521 25.07 -7.11 -59.88
N GLU A 522 24.49 -8.20 -60.39
CA GLU A 522 25.01 -8.83 -61.59
C GLU A 522 24.93 -7.88 -62.78
N LEU A 523 23.84 -7.12 -62.88
CA LEU A 523 23.73 -6.13 -63.95
C LEU A 523 24.80 -5.05 -63.82
N ILE A 524 25.09 -4.65 -62.57
CA ILE A 524 26.13 -3.63 -62.36
C ILE A 524 27.50 -4.17 -62.80
N ILE A 525 27.80 -5.42 -62.47
CA ILE A 525 29.08 -5.98 -62.91
C ILE A 525 29.12 -6.13 -64.43
N ASP A 526 27.98 -6.49 -65.04
CA ASP A 526 27.93 -6.59 -66.50
C ASP A 526 28.17 -5.23 -67.14
N LEU A 527 27.65 -4.17 -66.54
CA LEU A 527 27.91 -2.82 -67.04
C LEU A 527 29.38 -2.44 -66.85
N PHE A 528 30.00 -2.88 -65.75
CA PHE A 528 31.44 -2.75 -65.62
C PHE A 528 32.19 -3.50 -66.73
N ARG A 529 31.58 -4.55 -67.28
CA ARG A 529 32.17 -5.30 -68.38
C ARG A 529 31.58 -4.91 -69.73
N LEU A 530 30.83 -3.81 -69.80
CA LEU A 530 30.24 -3.35 -71.05
C LEU A 530 31.31 -2.99 -72.07
N ALA B 3 15.44 -37.23 -69.73
CA ALA B 3 14.99 -35.86 -70.00
C ALA B 3 15.02 -35.02 -68.74
N ILE B 4 15.89 -35.39 -67.78
CA ILE B 4 16.01 -34.63 -66.54
C ILE B 4 16.42 -33.20 -66.83
N ARG B 5 17.44 -33.01 -67.67
CA ARG B 5 17.86 -31.66 -68.03
C ARG B 5 16.76 -30.93 -68.77
N ASP B 6 16.02 -31.64 -69.64
CA ASP B 6 14.96 -31.01 -70.41
C ASP B 6 13.79 -30.60 -69.53
N VAL B 7 13.40 -31.45 -68.58
CA VAL B 7 12.29 -31.09 -67.69
C VAL B 7 12.70 -29.95 -66.76
N MET B 8 13.95 -29.96 -66.28
CA MET B 8 14.41 -28.85 -65.46
C MET B 8 14.49 -27.56 -66.27
N THR B 9 14.86 -27.64 -67.56
CA THR B 9 14.84 -26.47 -68.42
C THR B 9 13.42 -25.95 -68.63
N LYS B 10 12.47 -26.86 -68.82
CA LYS B 10 11.06 -26.46 -68.93
C LYS B 10 10.59 -25.76 -67.66
N PHE B 11 10.99 -26.29 -66.50
CA PHE B 11 10.70 -25.62 -65.24
C PHE B 11 11.31 -24.22 -65.22
N ALA B 12 12.59 -24.11 -65.61
CA ALA B 12 13.26 -22.82 -65.57
C ALA B 12 12.64 -21.82 -66.54
N GLU B 13 12.01 -22.31 -67.61
CA GLU B 13 11.35 -21.41 -68.55
C GLU B 13 10.07 -20.83 -67.95
N GLN B 14 9.35 -21.60 -67.13
CA GLN B 14 8.11 -21.16 -66.50
C GLN B 14 8.18 -21.47 -65.01
N THR B 15 8.76 -20.54 -64.24
CA THR B 15 8.81 -20.68 -62.79
C THR B 15 8.90 -19.29 -62.17
N THR B 16 8.46 -19.19 -60.92
CA THR B 16 8.50 -17.94 -60.18
C THR B 16 9.64 -17.89 -59.17
N MET B 17 10.42 -18.97 -59.03
CA MET B 17 11.54 -18.94 -58.09
C MET B 17 12.62 -18.00 -58.61
N HIS B 18 13.32 -17.36 -57.68
CA HIS B 18 14.25 -16.29 -58.07
C HIS B 18 15.62 -16.83 -58.43
N GLY B 19 16.08 -17.88 -57.75
CA GLY B 19 17.43 -18.39 -57.96
C GLY B 19 17.56 -19.58 -58.90
N VAL B 20 16.59 -20.50 -58.83
CA VAL B 20 16.68 -21.73 -59.62
C VAL B 20 16.78 -21.47 -61.12
N PRO B 21 15.98 -20.59 -61.73
CA PRO B 21 16.15 -20.36 -63.17
C PRO B 21 17.53 -19.83 -63.52
N LYS B 22 18.11 -18.97 -62.67
CA LYS B 22 19.45 -18.46 -62.94
C LYS B 22 20.51 -19.54 -62.77
N VAL B 23 20.31 -20.47 -61.83
CA VAL B 23 21.25 -21.57 -61.70
C VAL B 23 21.16 -22.52 -62.87
N ILE B 24 19.93 -22.86 -63.29
CA ILE B 24 19.74 -23.84 -64.35
C ILE B 24 20.19 -23.27 -65.69
N ASN B 25 19.78 -22.04 -66.01
CA ASN B 25 20.10 -21.42 -67.28
C ASN B 25 21.44 -20.72 -67.30
N ALA B 26 22.28 -20.94 -66.29
CA ALA B 26 23.59 -20.31 -66.24
C ALA B 26 24.45 -20.75 -67.42
N LYS B 27 25.07 -19.78 -68.09
CA LYS B 27 25.94 -20.05 -69.22
C LYS B 27 27.38 -20.24 -68.79
N SER B 28 27.88 -19.36 -67.92
CA SER B 28 29.21 -19.50 -67.36
C SER B 28 29.17 -20.40 -66.14
N SER B 29 30.21 -21.24 -65.99
CA SER B 29 30.33 -22.05 -64.78
C SER B 29 30.55 -21.17 -63.56
N MET B 30 31.30 -20.07 -63.72
CA MET B 30 31.45 -19.12 -62.64
C MET B 30 30.10 -18.53 -62.24
N GLY B 31 29.26 -18.23 -63.22
CA GLY B 31 27.92 -17.75 -62.91
C GLY B 31 27.09 -18.78 -62.15
N ARG B 32 27.20 -20.06 -62.55
CA ARG B 32 26.50 -21.11 -61.83
C ARG B 32 26.97 -21.20 -60.38
N LEU B 33 28.28 -21.14 -60.17
CA LEU B 33 28.82 -21.17 -58.81
C LEU B 33 28.32 -19.97 -58.00
N PHE B 34 28.37 -18.78 -58.60
CA PHE B 34 27.92 -17.57 -57.91
C PHE B 34 26.47 -17.67 -57.51
N TRP B 35 25.61 -18.18 -58.42
CA TRP B 35 24.19 -18.21 -58.11
C TRP B 35 23.86 -19.32 -57.12
N SER B 36 24.58 -20.44 -57.17
CA SER B 36 24.42 -21.46 -56.14
C SER B 36 24.80 -20.91 -54.77
N LEU B 37 25.89 -20.14 -54.71
CA LEU B 37 26.28 -19.53 -53.43
C LEU B 37 25.24 -18.53 -52.95
N VAL B 38 24.67 -17.74 -53.87
CA VAL B 38 23.63 -16.78 -53.48
C VAL B 38 22.43 -17.52 -52.91
N CYS B 39 21.99 -18.58 -53.59
CA CYS B 39 20.85 -19.36 -53.12
C CYS B 39 21.13 -19.96 -51.75
N LEU B 40 22.32 -20.53 -51.56
CA LEU B 40 22.66 -21.14 -50.27
C LEU B 40 22.70 -20.11 -49.15
N ALA B 41 23.27 -18.92 -49.43
CA ALA B 41 23.32 -17.87 -48.41
C ALA B 41 21.91 -17.44 -48.02
N ALA B 42 21.03 -17.24 -49.02
CA ALA B 42 19.67 -16.85 -48.73
C ALA B 42 18.96 -17.92 -47.91
N GLY B 43 19.14 -19.19 -48.27
CA GLY B 43 18.51 -20.26 -47.53
C GLY B 43 18.99 -20.35 -46.09
N ALA B 44 20.30 -20.23 -45.88
CA ALA B 44 20.85 -20.30 -44.53
C ALA B 44 20.36 -19.14 -43.66
N MET B 45 20.33 -17.93 -44.22
CA MET B 45 19.83 -16.79 -43.47
C MET B 45 18.36 -16.98 -43.11
N PHE B 46 17.57 -17.48 -44.07
CA PHE B 46 16.17 -17.77 -43.80
C PHE B 46 16.01 -18.79 -42.70
N CYS B 47 16.85 -19.84 -42.71
CA CYS B 47 16.75 -20.88 -41.68
C CYS B 47 17.08 -20.32 -40.30
N LEU B 48 18.12 -19.49 -40.21
CA LEU B 48 18.46 -18.89 -38.91
C LEU B 48 17.32 -18.00 -38.40
N GLN B 49 16.79 -17.15 -39.28
CA GLN B 49 15.70 -16.26 -38.86
C GLN B 49 14.48 -17.05 -38.45
N MET B 50 14.16 -18.13 -39.16
CA MET B 50 13.06 -19.00 -38.76
C MET B 50 13.33 -19.71 -37.45
N SER B 51 14.58 -20.08 -37.19
CA SER B 51 14.92 -20.67 -35.89
C SER B 51 14.55 -19.70 -34.77
N GLU B 52 14.97 -18.44 -34.90
CA GLU B 52 14.61 -17.46 -33.88
C GLU B 52 13.10 -17.26 -33.79
N VAL B 53 12.42 -17.16 -34.94
CA VAL B 53 10.99 -16.91 -34.96
C VAL B 53 10.23 -18.04 -34.26
N LEU B 54 10.57 -19.28 -34.60
CA LEU B 54 9.86 -20.42 -34.02
C LEU B 54 10.22 -20.61 -32.55
N GLN B 55 11.44 -20.25 -32.14
CA GLN B 55 11.76 -20.26 -30.72
C GLN B 55 10.87 -19.26 -29.98
N ARG B 56 10.70 -18.06 -30.53
CA ARG B 56 9.81 -17.09 -29.90
C ARG B 56 8.38 -17.62 -29.82
N TYR B 57 7.88 -18.22 -30.91
CA TYR B 57 6.51 -18.70 -30.92
C TYR B 57 6.30 -19.81 -29.90
N PHE B 58 7.19 -20.82 -29.90
CA PHE B 58 7.02 -21.95 -29.01
C PHE B 58 7.45 -21.68 -27.58
N SER B 59 8.04 -20.52 -27.29
CA SER B 59 8.14 -20.09 -25.91
C SER B 59 6.81 -19.63 -25.34
N TYR B 60 5.82 -19.39 -26.20
CA TYR B 60 4.49 -18.98 -25.80
C TYR B 60 4.51 -17.76 -24.86
N PRO B 61 4.93 -16.60 -25.35
CA PRO B 61 5.02 -15.41 -24.49
C PRO B 61 3.64 -14.87 -24.15
N LYS B 62 3.62 -13.98 -23.17
CA LYS B 62 2.40 -13.34 -22.70
C LYS B 62 2.51 -11.83 -22.85
N LYS B 63 1.37 -11.17 -23.05
CA LYS B 63 1.26 -9.73 -23.13
C LYS B 63 0.31 -9.24 -22.06
N VAL B 64 0.75 -8.26 -21.28
CA VAL B 64 0.02 -7.80 -20.09
C VAL B 64 -0.23 -6.31 -20.23
N THR B 65 -1.49 -5.91 -20.03
CA THR B 65 -1.89 -4.51 -20.02
C THR B 65 -2.44 -4.14 -18.65
N VAL B 66 -2.04 -2.97 -18.16
CA VAL B 66 -2.55 -2.43 -16.90
C VAL B 66 -3.31 -1.16 -17.23
N GLU B 67 -4.59 -1.12 -16.86
CA GLU B 67 -5.45 0.02 -17.20
C GLU B 67 -6.54 0.15 -16.15
N VAL B 68 -7.11 1.35 -16.07
CA VAL B 68 -8.23 1.62 -15.19
C VAL B 68 -9.51 1.58 -16.02
N VAL B 69 -10.54 0.91 -15.50
CA VAL B 69 -11.78 0.71 -16.25
C VAL B 69 -12.96 1.20 -15.41
N PRO B 70 -14.03 1.67 -16.04
CA PRO B 70 -15.17 2.19 -15.27
C PRO B 70 -16.13 1.13 -14.75
N THR B 71 -16.01 -0.11 -15.21
CA THR B 71 -16.93 -1.16 -14.77
C THR B 71 -16.78 -1.39 -13.27
N PRO B 72 -17.86 -1.27 -12.49
CA PRO B 72 -17.72 -1.33 -11.03
C PRO B 72 -17.71 -2.75 -10.50
N VAL B 73 -17.02 -2.93 -9.38
CA VAL B 73 -17.02 -4.18 -8.64
C VAL B 73 -18.13 -4.11 -7.59
N PRO B 74 -18.68 -5.25 -7.15
CA PRO B 74 -19.58 -5.22 -5.99
C PRO B 74 -18.81 -4.94 -4.71
N PHE B 75 -19.54 -4.44 -3.71
CA PHE B 75 -18.91 -4.11 -2.46
C PHE B 75 -18.38 -5.38 -1.78
N PRO B 76 -17.15 -5.36 -1.29
CA PRO B 76 -16.54 -6.59 -0.76
C PRO B 76 -17.22 -7.07 0.51
N SER B 77 -17.03 -8.36 0.79
CA SER B 77 -17.47 -8.94 2.05
C SER B 77 -16.50 -8.53 3.15
N ILE B 78 -17.05 -8.10 4.28
CA ILE B 78 -16.26 -7.66 5.43
C ILE B 78 -16.52 -8.63 6.57
N SER B 79 -15.46 -9.26 7.06
CA SER B 79 -15.54 -10.20 8.16
C SER B 79 -14.84 -9.61 9.38
N ILE B 80 -15.56 -9.54 10.50
CA ILE B 80 -15.06 -8.94 11.72
C ILE B 80 -14.98 -10.00 12.80
N CYS B 81 -13.82 -10.12 13.43
CA CYS B 81 -13.61 -11.03 14.55
C CYS B 81 -13.13 -10.23 15.75
N ASN B 82 -13.80 -10.42 16.89
CA ASN B 82 -13.29 -9.86 18.13
C ASN B 82 -12.09 -10.69 18.59
N MET B 83 -10.99 -10.02 18.90
CA MET B 83 -9.79 -10.73 19.32
C MET B 83 -9.98 -11.46 20.64
N ARG B 84 -10.96 -11.05 21.44
CA ARG B 84 -11.38 -11.81 22.60
C ARG B 84 -12.40 -12.87 22.18
N ASN B 85 -12.12 -14.13 22.52
CA ASN B 85 -12.91 -15.24 22.02
C ASN B 85 -14.22 -15.42 22.77
N LEU B 86 -14.22 -15.17 24.08
CA LEU B 86 -15.38 -15.44 24.92
C LEU B 86 -16.05 -14.16 25.37
N ASP B 87 -17.31 -14.29 25.79
CA ASP B 87 -18.10 -13.16 26.26
C ASP B 87 -17.61 -12.70 27.63
N VAL B 88 -17.74 -11.40 27.89
CA VAL B 88 -17.19 -10.83 29.11
C VAL B 88 -17.88 -11.39 30.35
N HIS B 89 -19.21 -11.54 30.31
CA HIS B 89 -19.92 -12.07 31.47
C HIS B 89 -19.53 -13.52 31.75
N ILE B 90 -19.37 -14.32 30.70
CA ILE B 90 -18.94 -15.70 30.86
C ILE B 90 -17.53 -15.74 31.47
N LEU B 91 -16.64 -14.87 30.99
CA LEU B 91 -15.28 -14.84 31.51
C LEU B 91 -15.26 -14.45 32.99
N ASN B 92 -16.05 -13.44 33.36
CA ASN B 92 -16.13 -13.03 34.75
C ASN B 92 -16.72 -14.14 35.62
N THR B 93 -17.71 -14.86 35.09
CA THR B 93 -18.30 -15.98 35.83
C THR B 93 -17.26 -17.06 36.06
N LEU B 94 -16.48 -17.40 35.04
CA LEU B 94 -15.42 -18.39 35.20
C LEU B 94 -14.39 -17.95 36.25
N ASN B 95 -13.95 -16.69 36.16
CA ASN B 95 -12.97 -16.17 37.10
C ASN B 95 -13.48 -16.22 38.52
N ARG B 96 -14.72 -15.77 38.74
CA ARG B 96 -15.29 -15.77 40.08
C ARG B 96 -15.50 -17.19 40.59
N MET B 97 -15.89 -18.12 39.70
CA MET B 97 -16.08 -19.51 40.11
C MET B 97 -14.77 -20.14 40.56
N PHE B 98 -13.67 -19.83 39.87
CA PHE B 98 -12.36 -20.29 40.33
C PHE B 98 -11.89 -19.56 41.58
N ILE B 99 -12.33 -18.32 41.79
CA ILE B 99 -11.99 -17.59 43.01
C ILE B 99 -12.70 -18.18 44.22
N GLU B 100 -13.89 -18.76 44.04
CA GLU B 100 -14.57 -19.42 45.15
C GLU B 100 -14.16 -20.88 45.34
N ASP B 101 -13.81 -21.59 44.26
CA ASP B 101 -13.31 -22.95 44.38
C ASP B 101 -12.32 -23.21 43.26
N ASP B 102 -11.04 -23.29 43.60
CA ASP B 102 -9.99 -23.49 42.61
C ASP B 102 -9.91 -24.92 42.09
N ARG B 103 -10.77 -25.82 42.57
CA ARG B 103 -10.80 -27.19 42.07
C ARG B 103 -11.81 -27.28 40.94
N PRO B 104 -11.38 -27.45 39.68
CA PRO B 104 -12.36 -27.50 38.58
C PRO B 104 -13.34 -28.66 38.68
N PHE B 105 -12.96 -29.75 39.35
CA PHE B 105 -13.86 -30.89 39.46
C PHE B 105 -15.13 -30.53 40.22
N SER B 106 -15.00 -29.77 41.31
CA SER B 106 -16.15 -29.38 42.11
C SER B 106 -17.03 -28.35 41.41
N ASN B 107 -16.56 -27.75 40.32
CA ASN B 107 -17.31 -26.73 39.60
C ASN B 107 -18.12 -27.29 38.43
N ILE B 108 -18.06 -28.60 38.19
CA ILE B 108 -18.75 -29.19 37.06
C ILE B 108 -20.26 -29.02 37.17
N ASN B 109 -20.80 -29.15 38.39
CA ASN B 109 -22.24 -29.06 38.60
C ASN B 109 -22.68 -27.73 39.19
N LYS B 110 -21.82 -26.72 39.17
CA LYS B 110 -22.15 -25.43 39.76
C LYS B 110 -22.92 -24.50 38.81
N SER B 111 -23.02 -24.84 37.53
CA SER B 111 -23.66 -23.96 36.56
C SER B 111 -24.53 -24.77 35.61
N GLU B 112 -25.61 -24.13 35.15
CA GLU B 112 -26.49 -24.71 34.14
C GLU B 112 -26.07 -24.38 32.71
N HIS B 113 -25.10 -23.49 32.54
CA HIS B 113 -24.61 -23.17 31.17
C HIS B 113 -23.89 -24.39 30.64
N GLU B 114 -24.19 -24.77 29.41
CA GLU B 114 -23.60 -25.96 28.80
C GLU B 114 -22.09 -25.79 28.61
N PHE B 115 -21.68 -24.62 28.09
CA PHE B 115 -20.26 -24.40 27.84
C PHE B 115 -19.47 -24.45 29.14
N ILE B 116 -20.04 -23.92 30.23
CA ILE B 116 -19.32 -23.93 31.50
C ILE B 116 -19.13 -25.36 31.98
N ARG B 117 -20.16 -26.20 31.87
CA ARG B 117 -20.02 -27.60 32.29
C ARG B 117 -18.97 -28.33 31.46
N ALA B 118 -19.02 -28.14 30.13
CA ALA B 118 -18.03 -28.77 29.27
C ALA B 118 -16.62 -28.28 29.57
N TYR B 119 -16.48 -26.97 29.80
CA TYR B 119 -15.19 -26.37 30.10
C TYR B 119 -14.63 -26.92 31.41
N MET B 120 -15.47 -27.01 32.43
CA MET B 120 -15.03 -27.53 33.72
C MET B 120 -14.63 -28.99 33.60
N LYS B 121 -15.42 -29.79 32.87
CA LYS B 121 -15.07 -31.20 32.68
C LYS B 121 -13.75 -31.35 31.93
N LYS B 122 -13.52 -30.53 30.90
CA LYS B 122 -12.28 -30.61 30.15
C LYS B 122 -11.08 -30.21 31.01
N VAL B 123 -11.22 -29.13 31.78
CA VAL B 123 -10.12 -28.68 32.64
C VAL B 123 -9.83 -29.69 33.76
N ALA B 124 -10.88 -30.32 34.30
CA ALA B 124 -10.69 -31.23 35.43
C ALA B 124 -9.76 -32.39 35.09
N LYS B 125 -9.70 -32.79 33.82
CA LYS B 125 -8.81 -33.87 33.41
C LYS B 125 -7.33 -33.51 33.58
N TYR B 126 -7.01 -32.24 33.76
CA TYR B 126 -5.63 -31.78 33.83
C TYR B 126 -5.27 -31.17 35.18
N ALA B 127 -6.22 -31.02 36.10
CA ALA B 127 -5.95 -30.30 37.35
C ALA B 127 -4.87 -30.96 38.21
N PRO B 128 -4.92 -32.26 38.52
CA PRO B 128 -3.82 -32.83 39.33
C PRO B 128 -2.46 -32.71 38.67
N LEU B 129 -2.40 -32.89 37.35
CA LEU B 129 -1.13 -32.73 36.64
C LEU B 129 -0.61 -31.30 36.76
N PHE B 130 -1.51 -30.32 36.60
CA PHE B 130 -1.11 -28.92 36.71
C PHE B 130 -0.66 -28.59 38.13
N TRP B 131 -1.30 -29.18 39.14
CA TRP B 131 -0.90 -28.91 40.51
C TRP B 131 0.44 -29.56 40.86
N ASN B 132 0.74 -30.71 40.25
CA ASN B 132 1.95 -31.45 40.61
C ASN B 132 3.16 -31.16 39.73
N TYR B 133 2.97 -30.62 38.53
CA TYR B 133 4.06 -30.52 37.58
C TYR B 133 4.19 -29.15 36.91
N GLN B 134 3.47 -28.13 37.36
CA GLN B 134 3.55 -26.83 36.69
C GLN B 134 4.94 -26.20 36.77
N ASP B 135 5.72 -26.56 37.79
CA ASP B 135 7.08 -26.04 37.91
C ASP B 135 8.10 -26.86 37.12
N GLU B 136 7.75 -28.08 36.72
CA GLU B 136 8.63 -28.89 35.89
C GLU B 136 8.35 -28.71 34.40
N TYR B 137 7.09 -28.56 34.00
CA TYR B 137 6.73 -28.43 32.59
C TYR B 137 5.76 -27.27 32.37
N PRO B 138 6.18 -26.03 32.67
CA PRO B 138 5.27 -24.89 32.45
C PRO B 138 4.83 -24.73 31.00
N GLU B 139 5.74 -24.94 30.06
CA GLU B 139 5.42 -24.74 28.65
C GLU B 139 4.39 -25.75 28.16
N VAL B 140 4.43 -26.97 28.66
CA VAL B 140 3.45 -27.99 28.25
C VAL B 140 2.05 -27.57 28.66
N PHE B 141 1.88 -27.11 29.90
CA PHE B 141 0.56 -26.69 30.36
C PHE B 141 0.12 -25.40 29.67
N GLN B 142 1.05 -24.50 29.35
CA GLN B 142 0.68 -23.32 28.57
C GLN B 142 0.22 -23.70 27.17
N GLU B 143 0.85 -24.71 26.56
CA GLU B 143 0.43 -25.18 25.24
C GLU B 143 -0.94 -25.86 25.29
N ILE B 144 -1.21 -26.60 26.36
CA ILE B 144 -2.40 -27.44 26.40
C ILE B 144 -3.63 -26.66 26.84
N PHE B 145 -3.46 -25.60 27.64
CA PHE B 145 -4.57 -24.74 28.05
C PHE B 145 -4.85 -23.62 27.04
N SER B 146 -4.41 -23.78 25.79
CA SER B 146 -4.64 -22.78 24.76
C SER B 146 -6.08 -22.82 24.26
N ARG B 147 -6.43 -21.79 23.47
CA ARG B 147 -7.76 -21.72 22.87
C ARG B 147 -8.05 -22.91 21.97
N THR B 148 -7.08 -23.28 21.13
CA THR B 148 -7.31 -24.26 20.08
C THR B 148 -7.62 -25.65 20.63
N THR B 149 -7.18 -25.98 21.83
CA THR B 149 -7.55 -27.28 22.39
C THR B 149 -9.03 -27.33 22.76
N PHE B 150 -9.56 -26.24 23.33
CA PHE B 150 -10.99 -26.17 23.61
C PHE B 150 -11.79 -26.14 22.32
N SER B 151 -11.30 -25.42 21.31
CA SER B 151 -11.95 -25.44 20.00
C SER B 151 -11.97 -26.83 19.40
N ALA B 152 -10.88 -27.59 19.55
CA ALA B 152 -10.80 -28.92 18.95
C ALA B 152 -11.62 -29.95 19.72
N ASN B 153 -11.87 -29.73 21.01
CA ASN B 153 -12.45 -30.77 21.83
C ASN B 153 -13.83 -30.46 22.38
N ILE B 154 -14.38 -29.26 22.15
CA ILE B 154 -15.73 -28.92 22.56
C ILE B 154 -16.55 -28.64 21.31
N ASP B 155 -17.81 -29.07 21.32
CA ASP B 155 -18.69 -28.90 20.17
C ASP B 155 -18.82 -27.42 19.84
N PRO B 156 -18.55 -27.01 18.60
CA PRO B 156 -18.67 -25.58 18.26
C PRO B 156 -20.06 -25.02 18.50
N GLU B 157 -21.11 -25.83 18.40
CA GLU B 157 -22.45 -25.37 18.73
C GLU B 157 -22.64 -25.12 20.22
N VAL B 158 -21.75 -25.66 21.07
CA VAL B 158 -21.76 -25.34 22.48
C VAL B 158 -20.88 -24.12 22.77
N ILE B 159 -19.75 -24.02 22.08
CA ILE B 159 -18.87 -22.86 22.22
C ILE B 159 -19.60 -21.58 21.78
N ALA B 160 -20.41 -21.69 20.73
CA ALA B 160 -21.12 -20.52 20.20
C ALA B 160 -22.06 -19.90 21.23
N LEU B 161 -22.50 -20.66 22.23
CA LEU B 161 -23.34 -20.10 23.27
C LEU B 161 -22.57 -19.19 24.23
N ALA B 162 -21.25 -19.36 24.31
CA ALA B 162 -20.43 -18.56 25.20
C ALA B 162 -19.51 -17.59 24.48
N ALA B 163 -19.28 -17.78 23.18
CA ALA B 163 -18.45 -16.85 22.44
C ALA B 163 -19.18 -15.53 22.23
N VAL B 164 -18.48 -14.57 21.62
CA VAL B 164 -19.03 -13.23 21.43
C VAL B 164 -20.27 -13.30 20.54
N GLN B 165 -21.33 -12.63 20.99
CA GLN B 165 -22.60 -12.61 20.28
C GLN B 165 -22.73 -11.35 19.44
N LEU B 166 -23.46 -11.47 18.33
CA LEU B 166 -23.60 -10.35 17.40
C LEU B 166 -24.27 -9.15 18.08
N GLU B 167 -25.35 -9.40 18.84
CA GLU B 167 -26.06 -8.32 19.50
C GLU B 167 -25.21 -7.61 20.55
N GLY B 168 -24.22 -8.30 21.10
CA GLY B 168 -23.30 -7.70 22.05
C GLY B 168 -21.99 -7.23 21.47
N PHE B 169 -21.81 -7.35 20.14
CA PHE B 169 -20.57 -6.98 19.48
C PHE B 169 -20.74 -5.77 18.57
N VAL B 170 -21.77 -5.77 17.73
CA VAL B 170 -22.02 -4.69 16.77
C VAL B 170 -23.04 -3.75 17.39
N VAL B 171 -22.61 -2.53 17.72
CA VAL B 171 -23.52 -1.54 18.27
C VAL B 171 -24.38 -0.92 17.17
N ASN B 172 -23.74 -0.40 16.12
CA ASN B 172 -24.44 0.20 15.01
C ASN B 172 -23.77 -0.24 13.71
N CYS B 173 -24.55 -0.23 12.63
CA CYS B 173 -24.03 -0.55 11.30
C CYS B 173 -24.77 0.28 10.27
N HIS B 174 -24.02 0.82 9.31
CA HIS B 174 -24.61 1.59 8.22
C HIS B 174 -23.92 1.25 6.92
N TYR B 175 -24.71 1.11 5.85
CA TYR B 175 -24.19 0.88 4.52
C TYR B 175 -25.10 1.55 3.50
N ALA B 176 -24.48 2.28 2.56
CA ALA B 176 -25.19 2.92 1.46
C ALA B 176 -26.38 3.75 1.95
N GLY B 177 -26.13 4.54 2.99
CA GLY B 177 -27.11 5.51 3.43
C GLY B 177 -28.28 4.98 4.21
N HIS B 178 -28.25 3.72 4.64
CA HIS B 178 -29.35 3.17 5.43
C HIS B 178 -28.79 2.25 6.51
N ARG B 179 -29.58 2.07 7.57
CA ARG B 179 -29.18 1.24 8.69
C ARG B 179 -29.18 -0.24 8.29
N CYS B 180 -28.23 -0.99 8.86
CA CYS B 180 -28.17 -2.42 8.60
C CYS B 180 -29.21 -3.18 9.43
N ASN B 181 -29.61 -4.32 8.90
CA ASN B 181 -30.49 -5.27 9.58
C ASN B 181 -29.58 -6.41 10.02
N LYS B 182 -29.19 -6.40 11.30
CA LYS B 182 -28.09 -7.24 11.76
C LYS B 182 -28.40 -8.73 11.57
N THR B 183 -29.61 -9.16 11.90
CA THR B 183 -29.93 -10.58 11.77
C THR B 183 -30.03 -11.01 10.31
N ARG B 184 -30.16 -10.07 9.38
CA ARG B 184 -30.26 -10.38 7.96
C ARG B 184 -28.92 -10.30 7.24
N ASP B 185 -28.08 -9.31 7.60
CA ASP B 185 -26.89 -8.99 6.83
C ASP B 185 -25.61 -9.58 7.39
N PHE B 186 -25.60 -10.03 8.65
CA PHE B 186 -24.42 -10.64 9.26
C PHE B 186 -24.60 -12.14 9.33
N TYR B 187 -23.56 -12.88 8.93
CA TYR B 187 -23.58 -14.34 8.89
C TYR B 187 -22.45 -14.84 9.77
N ARG B 188 -22.80 -15.67 10.77
CA ARG B 188 -21.83 -16.14 11.75
C ARG B 188 -21.11 -17.38 11.25
N PHE B 189 -19.78 -17.40 11.45
CA PHE B 189 -18.97 -18.57 11.17
C PHE B 189 -17.95 -18.74 12.28
N PHE B 190 -17.49 -19.97 12.47
CA PHE B 190 -16.65 -20.34 13.60
C PHE B 190 -15.21 -20.48 13.16
N ASP B 191 -14.30 -19.84 13.91
CA ASP B 191 -12.87 -19.92 13.67
C ASP B 191 -12.18 -20.51 14.89
N PRO B 192 -11.30 -21.50 14.73
CA PRO B 192 -10.75 -22.21 15.90
C PRO B 192 -9.99 -21.32 16.88
N TYR B 193 -9.52 -20.15 16.46
CA TYR B 193 -8.84 -19.22 17.37
C TYR B 193 -9.72 -18.09 17.83
N TYR B 194 -10.48 -17.46 16.93
CA TYR B 194 -11.35 -16.35 17.28
C TYR B 194 -12.73 -16.80 17.76
N PHE B 195 -13.03 -18.09 17.66
CA PHE B 195 -14.37 -18.64 17.89
C PHE B 195 -15.38 -17.95 16.98
N ASN B 196 -16.30 -17.18 17.55
CA ASN B 196 -17.35 -16.55 16.75
C ASN B 196 -16.78 -15.42 15.90
N CYS B 197 -17.08 -15.48 14.60
CA CYS B 197 -16.78 -14.41 13.67
C CYS B 197 -18.01 -14.16 12.80
N PHE B 198 -18.09 -12.96 12.26
CA PHE B 198 -19.28 -12.54 11.52
C PHE B 198 -18.86 -11.93 10.19
N THR B 199 -19.53 -12.32 9.12
CA THR B 199 -19.29 -11.80 7.78
C THR B 199 -20.46 -10.93 7.37
N TYR B 200 -20.17 -9.69 6.97
CA TYR B 200 -21.20 -8.78 6.49
C TYR B 200 -21.34 -8.91 4.98
N LYS B 201 -22.57 -9.09 4.51
CA LYS B 201 -22.88 -9.13 3.09
C LYS B 201 -23.75 -7.93 2.75
N ALA B 202 -23.33 -7.15 1.76
CA ALA B 202 -23.93 -5.86 1.50
C ALA B 202 -25.39 -6.01 1.04
N HIS B 203 -26.20 -5.02 1.43
CA HIS B 203 -27.61 -4.96 1.04
C HIS B 203 -27.89 -3.58 0.47
N GLU B 204 -28.26 -3.54 -0.80
CA GLU B 204 -28.49 -2.28 -1.48
C GLU B 204 -29.85 -1.69 -1.09
N PRO B 205 -30.04 -0.38 -1.29
CA PRO B 205 -31.34 0.22 -0.99
C PRO B 205 -32.44 -0.41 -1.82
N THR B 206 -33.61 -0.55 -1.21
CA THR B 206 -34.76 -1.17 -1.86
C THR B 206 -35.59 -0.15 -2.63
N ASP B 210 -36.29 1.66 2.52
CA ASP B 210 -36.04 1.07 3.82
C ASP B 210 -36.46 2.02 4.92
N ASN B 211 -36.47 3.31 4.61
CA ASN B 211 -36.96 4.43 5.40
C ASN B 211 -36.03 4.77 6.56
N LEU B 212 -34.95 4.02 6.78
CA LEU B 212 -33.97 4.34 7.82
C LEU B 212 -32.77 5.03 7.17
N SER B 213 -33.02 6.22 6.64
CA SER B 213 -32.02 6.95 5.86
C SER B 213 -31.04 7.62 6.83
N GLU B 214 -29.91 6.96 7.06
CA GLU B 214 -28.86 7.50 7.93
C GLU B 214 -27.56 6.77 7.63
N GLY B 215 -26.45 7.41 7.99
CA GLY B 215 -25.16 6.78 7.91
C GLY B 215 -24.39 7.16 6.66
N ILE B 216 -23.25 6.48 6.50
CA ILE B 216 -22.35 6.74 5.38
C ILE B 216 -23.02 6.33 4.08
N GLU B 217 -22.88 7.18 3.06
CA GLU B 217 -23.46 6.92 1.75
C GLU B 217 -22.54 6.14 0.83
N ASN B 218 -21.22 6.32 0.96
CA ASN B 218 -20.25 5.78 0.01
C ASN B 218 -19.50 4.56 0.57
N GLY B 219 -20.05 3.89 1.58
CA GLY B 219 -19.35 2.73 2.12
C GLY B 219 -20.04 2.15 3.33
N TRP B 220 -19.26 1.44 4.13
CA TRP B 220 -19.75 0.70 5.29
C TRP B 220 -19.06 1.20 6.54
N SER B 221 -19.85 1.44 7.59
CA SER B 221 -19.33 1.91 8.86
C SER B 221 -20.05 1.20 10.00
N SER B 222 -19.31 0.85 11.05
CA SER B 222 -19.89 0.14 12.18
C SER B 222 -19.12 0.48 13.45
N ILE B 223 -19.83 0.46 14.57
CA ILE B 223 -19.24 0.68 15.89
C ILE B 223 -19.25 -0.63 16.64
N LEU B 224 -18.08 -1.05 17.11
CA LEU B 224 -17.89 -2.38 17.67
C LEU B 224 -17.39 -2.27 19.10
N LEU B 225 -17.97 -3.06 19.99
CA LEU B 225 -17.47 -3.20 21.36
C LEU B 225 -16.35 -4.23 21.35
N SER B 226 -15.10 -3.77 21.49
CA SER B 226 -13.95 -4.64 21.37
C SER B 226 -13.03 -4.65 22.57
N GLY B 227 -13.20 -3.74 23.54
CA GLY B 227 -12.30 -3.69 24.66
C GLY B 227 -12.58 -4.76 25.69
N SER B 228 -11.64 -4.90 26.63
CA SER B 228 -11.72 -5.86 27.71
C SER B 228 -11.70 -5.17 29.09
N GLY B 229 -12.08 -3.91 29.18
CA GLY B 229 -11.93 -3.19 30.46
C GLY B 229 -12.99 -3.50 31.49
N MET B 230 -13.97 -4.32 31.14
CA MET B 230 -15.07 -4.66 32.06
C MET B 230 -14.70 -5.92 32.82
N LEU B 231 -13.57 -6.53 32.48
CA LEU B 231 -13.18 -7.82 33.10
C LEU B 231 -12.52 -7.54 34.45
N ASP B 232 -12.71 -8.43 35.42
CA ASP B 232 -12.20 -8.25 36.77
C ASP B 232 -10.68 -8.21 36.78
N LYS B 233 -10.14 -7.38 37.67
CA LYS B 233 -8.67 -7.26 37.79
C LYS B 233 -8.23 -8.06 39.02
N ASN B 234 -7.66 -9.24 38.83
CA ASN B 234 -7.23 -10.11 39.92
C ASN B 234 -6.00 -9.54 40.61
N ASP B 235 -5.94 -9.71 41.93
CA ASP B 235 -4.80 -9.23 42.69
C ASP B 235 -3.58 -10.14 42.55
N GLU B 236 -3.76 -11.37 42.05
CA GLU B 236 -2.64 -12.23 41.71
C GLU B 236 -3.01 -13.02 40.45
N ILE B 237 -1.97 -13.47 39.75
CA ILE B 237 -2.16 -14.12 38.45
C ILE B 237 -2.76 -15.51 38.66
N ARG B 238 -3.82 -15.79 37.90
CA ARG B 238 -4.55 -17.06 38.03
C ARG B 238 -4.65 -17.72 36.65
N MET B 239 -4.63 -19.06 36.59
CA MET B 239 -4.75 -19.81 35.34
C MET B 239 -6.21 -19.85 34.91
N LEU B 240 -6.51 -19.27 33.75
CA LEU B 240 -7.81 -19.39 33.10
C LEU B 240 -7.62 -20.06 31.75
N PRO B 241 -7.75 -21.39 31.67
CA PRO B 241 -7.53 -22.08 30.39
C PRO B 241 -8.50 -21.65 29.33
N GLY B 242 -8.08 -21.80 28.07
CA GLY B 242 -8.93 -21.52 26.93
C GLY B 242 -8.94 -20.08 26.46
N LEU B 243 -8.17 -19.20 27.10
CA LEU B 243 -8.14 -17.79 26.75
C LEU B 243 -6.90 -17.37 25.97
N HIS B 244 -5.74 -17.90 26.33
CA HIS B 244 -4.46 -17.42 25.81
C HIS B 244 -3.83 -18.49 24.92
N GLU B 245 -3.53 -18.12 23.67
CA GLU B 245 -2.84 -19.01 22.73
C GLU B 245 -1.34 -18.81 22.87
N TRP B 246 -0.76 -19.54 23.82
CA TRP B 246 0.60 -19.29 24.28
C TRP B 246 1.60 -19.09 23.14
N ARG B 247 2.18 -17.89 23.10
CA ARG B 247 3.25 -17.49 22.20
C ARG B 247 2.85 -17.58 20.72
N SER B 248 1.56 -17.47 20.42
CA SER B 248 1.12 -17.19 19.06
C SER B 248 1.30 -15.71 18.75
N ALA B 249 1.51 -15.41 17.47
CA ALA B 249 1.79 -14.03 17.06
C ALA B 249 0.60 -13.10 17.29
N VAL B 250 -0.62 -13.64 17.44
CA VAL B 250 -1.79 -12.83 17.72
C VAL B 250 -2.26 -12.95 19.16
N SER B 251 -1.56 -13.72 19.98
CA SER B 251 -2.03 -14.05 21.32
C SER B 251 -2.08 -12.80 22.21
N ALA B 252 -3.00 -12.84 23.17
CA ALA B 252 -3.19 -11.75 24.14
C ALA B 252 -3.18 -10.39 23.46
N SER B 253 -4.16 -10.13 22.60
CA SER B 253 -4.30 -8.87 21.91
C SER B 253 -5.73 -8.38 22.04
N GLU B 254 -5.90 -7.06 22.01
CA GLU B 254 -7.20 -6.42 22.19
C GLU B 254 -7.53 -5.61 20.95
N GLY B 255 -8.70 -5.84 20.38
CA GLY B 255 -9.13 -5.10 19.21
C GLY B 255 -10.01 -5.95 18.32
N VAL B 256 -10.07 -5.56 17.05
CA VAL B 256 -10.88 -6.23 16.04
C VAL B 256 -9.99 -6.66 14.90
N ARG B 257 -10.22 -7.87 14.41
CA ARG B 257 -9.58 -8.37 13.19
C ARG B 257 -10.55 -8.19 12.05
N VAL B 258 -10.15 -7.41 11.03
CA VAL B 258 -11.01 -7.05 9.92
C VAL B 258 -10.43 -7.63 8.64
N VAL B 259 -11.25 -8.37 7.91
CA VAL B 259 -10.84 -9.00 6.66
C VAL B 259 -11.74 -8.46 5.55
N ILE B 260 -11.12 -7.89 4.51
CA ILE B 260 -11.83 -7.45 3.31
C ILE B 260 -11.50 -8.44 2.20
N HIS B 261 -12.53 -9.13 1.71
CA HIS B 261 -12.34 -10.23 0.77
C HIS B 261 -13.52 -10.23 -0.20
N PRO B 262 -13.37 -10.88 -1.36
CA PRO B 262 -14.45 -10.91 -2.35
C PRO B 262 -15.70 -11.57 -1.79
N PRO B 263 -16.89 -11.25 -2.34
CA PRO B 263 -18.15 -11.61 -1.69
C PRO B 263 -18.32 -13.06 -1.26
N SER B 264 -18.27 -13.99 -2.22
CA SER B 264 -18.57 -15.40 -1.92
C SER B 264 -17.30 -16.20 -1.68
N THR B 265 -16.50 -15.75 -0.72
CA THR B 265 -15.24 -16.38 -0.40
C THR B 265 -15.11 -16.59 1.10
N THR B 266 -14.37 -17.63 1.48
CA THR B 266 -14.14 -17.91 2.90
C THR B 266 -12.97 -17.08 3.40
N PRO B 267 -13.15 -16.30 4.47
CA PRO B 267 -12.02 -15.56 5.04
C PRO B 267 -11.16 -16.44 5.92
N TYR B 268 -9.90 -16.02 6.07
CA TYR B 268 -8.92 -16.72 6.90
C TYR B 268 -8.28 -15.71 7.83
N PRO B 269 -9.00 -15.30 8.88
CA PRO B 269 -8.51 -14.17 9.70
C PRO B 269 -7.17 -14.41 10.37
N PHE B 270 -6.75 -15.66 10.52
CA PHE B 270 -5.50 -15.94 11.21
C PHE B 270 -4.27 -15.54 10.39
N THR B 271 -4.41 -15.44 9.06
CA THR B 271 -3.28 -15.10 8.21
C THR B 271 -3.57 -13.97 7.23
N GLU B 272 -4.77 -13.42 7.21
CA GLU B 272 -5.08 -12.25 6.40
C GLU B 272 -5.95 -11.30 7.20
N GLY B 273 -5.97 -10.04 6.76
CA GLY B 273 -6.79 -9.03 7.38
C GLY B 273 -5.97 -7.95 8.06
N TYR B 274 -6.69 -7.04 8.69
CA TYR B 274 -6.02 -5.90 9.34
C TYR B 274 -6.47 -5.82 10.79
N ASP B 275 -5.67 -5.20 11.63
CA ASP B 275 -5.92 -5.03 13.05
C ASP B 275 -6.44 -3.64 13.34
N VAL B 276 -7.32 -3.55 14.32
CA VAL B 276 -7.87 -2.27 14.80
C VAL B 276 -7.88 -2.28 16.31
N PRO B 277 -7.30 -1.28 16.97
CA PRO B 277 -7.29 -1.27 18.44
C PRO B 277 -8.56 -0.63 18.99
N PRO B 278 -8.97 -0.99 20.20
CA PRO B 278 -10.11 -0.33 20.82
C PRO B 278 -9.80 1.13 21.14
N GLY B 279 -10.83 1.96 21.08
CA GLY B 279 -10.66 3.39 21.28
C GLY B 279 -10.24 4.16 20.06
N PHE B 280 -10.14 3.51 18.91
CA PHE B 280 -9.72 4.14 17.67
C PHE B 280 -10.76 3.97 16.58
N SER B 281 -10.75 4.89 15.63
CA SER B 281 -11.57 4.80 14.42
C SER B 281 -10.65 4.50 13.25
N ALA B 282 -10.92 3.40 12.55
CA ALA B 282 -10.06 2.92 11.48
C ALA B 282 -10.72 3.19 10.14
N SER B 283 -9.99 3.85 9.24
CA SER B 283 -10.45 4.13 7.88
C SER B 283 -9.80 3.14 6.92
N PHE B 284 -10.63 2.46 6.13
CA PHE B 284 -10.16 1.48 5.15
C PHE B 284 -10.55 1.98 3.75
N GLY B 285 -9.57 2.54 3.04
CA GLY B 285 -9.79 2.99 1.68
C GLY B 285 -9.46 1.93 0.66
N ILE B 286 -10.49 1.37 0.04
CA ILE B 286 -10.33 0.23 -0.87
C ILE B 286 -10.04 0.76 -2.27
N HIS B 287 -9.00 0.20 -2.89
CA HIS B 287 -8.76 0.38 -4.33
C HIS B 287 -8.92 -0.97 -5.01
N PRO B 288 -10.02 -1.21 -5.72
CA PRO B 288 -10.25 -2.54 -6.30
C PRO B 288 -9.33 -2.83 -7.47
N ARG B 289 -8.93 -4.10 -7.57
CA ARG B 289 -8.12 -4.59 -8.68
C ARG B 289 -8.79 -5.82 -9.28
N ARG B 290 -8.52 -6.04 -10.57
CA ARG B 290 -9.00 -7.24 -11.26
C ARG B 290 -7.88 -7.79 -12.12
N ASN B 291 -7.57 -9.08 -11.94
CA ASN B 291 -6.52 -9.75 -12.70
C ASN B 291 -7.14 -10.86 -13.54
N ILE B 292 -6.86 -10.85 -14.84
CA ILE B 292 -7.34 -11.84 -15.78
C ILE B 292 -6.13 -12.57 -16.36
N ARG B 293 -6.19 -13.90 -16.39
CA ARG B 293 -5.04 -14.74 -16.70
C ARG B 293 -5.39 -15.74 -17.79
N ILE B 294 -4.35 -16.37 -18.33
CA ILE B 294 -4.45 -17.24 -19.48
C ILE B 294 -3.98 -18.64 -19.08
N GLY B 295 -4.38 -19.64 -19.87
CA GLY B 295 -4.28 -21.03 -19.49
C GLY B 295 -2.92 -21.68 -19.71
N PRO B 296 -2.94 -23.00 -19.92
CA PRO B 296 -1.73 -23.83 -19.72
C PRO B 296 -0.56 -23.42 -20.61
N PRO B 297 -0.73 -23.28 -21.94
CA PRO B 297 0.46 -23.02 -22.77
C PRO B 297 1.14 -21.70 -22.45
N HIS B 298 0.37 -20.67 -22.13
CA HIS B 298 0.93 -19.35 -21.85
C HIS B 298 1.20 -19.14 -20.36
N GLY B 299 0.46 -19.79 -19.49
CA GLY B 299 0.66 -19.66 -18.07
C GLY B 299 0.04 -20.80 -17.31
N ASN B 300 -0.29 -20.55 -16.05
CA ASN B 300 -1.14 -21.43 -15.26
C ASN B 300 -2.19 -20.61 -14.53
N CYS B 301 -3.45 -21.04 -14.64
CA CYS B 301 -4.52 -20.49 -13.84
C CYS B 301 -5.62 -21.53 -13.73
N SER B 302 -6.37 -21.46 -12.64
CA SER B 302 -7.46 -22.40 -12.38
C SER B 302 -8.72 -21.64 -11.98
N ASP B 303 -9.87 -22.23 -12.31
CA ASP B 303 -11.15 -21.66 -11.94
C ASP B 303 -11.79 -22.35 -10.73
N LYS B 304 -11.17 -23.41 -10.21
CA LYS B 304 -11.74 -24.15 -9.10
C LYS B 304 -10.61 -24.70 -8.24
N ASN B 305 -10.95 -25.01 -6.99
CA ASN B 305 -9.99 -25.52 -6.02
C ASN B 305 -9.87 -27.03 -6.17
N PRO B 306 -8.67 -27.58 -6.39
CA PRO B 306 -8.55 -29.04 -6.52
C PRO B 306 -9.01 -29.80 -5.29
N PHE B 307 -8.93 -29.22 -4.10
CA PHE B 307 -9.28 -29.91 -2.86
C PHE B 307 -10.71 -29.67 -2.42
N GLY B 308 -11.43 -28.76 -3.05
CA GLY B 308 -12.73 -28.34 -2.57
C GLY B 308 -13.90 -28.99 -3.29
N ASP B 309 -15.09 -28.73 -2.74
CA ASP B 309 -16.34 -29.20 -3.34
C ASP B 309 -16.88 -28.27 -4.41
N GLY B 310 -16.29 -27.09 -4.58
CA GLY B 310 -16.69 -26.16 -5.62
C GLY B 310 -17.76 -25.16 -5.25
N THR B 311 -18.20 -25.13 -3.98
CA THR B 311 -19.22 -24.16 -3.59
C THR B 311 -18.64 -22.76 -3.43
N GLU B 312 -17.35 -22.66 -3.11
CA GLU B 312 -16.70 -21.38 -2.86
C GLU B 312 -16.20 -20.76 -4.16
N ARG B 313 -16.08 -19.43 -4.15
CA ARG B 313 -15.37 -18.73 -5.20
C ARG B 313 -13.87 -18.91 -4.96
N TYR B 314 -13.13 -19.24 -6.01
CA TYR B 314 -11.78 -19.77 -5.84
C TYR B 314 -10.80 -18.68 -5.42
N ARG B 315 -9.98 -19.01 -4.42
CA ARG B 315 -8.82 -18.22 -4.03
C ARG B 315 -7.63 -19.14 -3.81
N LEU B 316 -6.45 -18.69 -4.24
CA LEU B 316 -5.25 -19.52 -4.14
C LEU B 316 -4.91 -19.86 -2.69
N MET B 317 -5.23 -18.96 -1.76
CA MET B 317 -4.94 -19.18 -0.35
C MET B 317 -5.58 -20.46 0.16
N ALA B 318 -6.83 -20.71 -0.22
CA ALA B 318 -7.51 -21.93 0.20
C ALA B 318 -6.79 -23.16 -0.32
N CYS B 319 -6.39 -23.14 -1.59
CA CYS B 319 -5.69 -24.29 -2.16
C CYS B 319 -4.38 -24.56 -1.42
N GLN B 320 -3.62 -23.51 -1.13
CA GLN B 320 -2.35 -23.70 -0.43
C GLN B 320 -2.58 -24.22 1.00
N LYS B 321 -3.60 -23.69 1.69
CA LYS B 321 -3.88 -24.15 3.04
C LYS B 321 -4.30 -25.62 3.06
N MET B 322 -5.15 -26.03 2.12
CA MET B 322 -5.54 -27.43 2.07
C MET B 322 -4.38 -28.34 1.64
N CYS B 323 -3.45 -27.83 0.83
CA CYS B 323 -2.23 -28.59 0.55
C CYS B 323 -1.42 -28.82 1.82
N MET B 324 -1.27 -27.76 2.62
CA MET B 324 -0.59 -27.90 3.90
C MET B 324 -1.29 -28.92 4.79
N GLN B 325 -2.62 -28.85 4.85
CA GLN B 325 -3.37 -29.82 5.65
C GLN B 325 -3.18 -31.24 5.13
N HIS B 326 -3.15 -31.41 3.81
CA HIS B 326 -2.90 -32.72 3.22
C HIS B 326 -1.58 -33.30 3.70
N TYR B 327 -0.50 -32.50 3.62
CA TYR B 327 0.79 -33.02 4.03
C TYR B 327 0.86 -33.25 5.55
N ILE B 328 0.20 -32.39 6.34
CA ILE B 328 0.16 -32.61 7.78
C ILE B 328 -0.53 -33.92 8.11
N VAL B 329 -1.66 -34.19 7.46
CA VAL B 329 -2.39 -35.43 7.71
C VAL B 329 -1.56 -36.63 7.26
N GLU B 330 -0.84 -36.48 6.15
CA GLU B 330 -0.01 -37.58 5.67
C GLU B 330 1.11 -37.91 6.65
N THR B 331 1.77 -36.89 7.20
CA THR B 331 2.93 -37.15 8.03
C THR B 331 2.53 -37.49 9.48
N CYS B 332 1.78 -36.61 10.13
CA CYS B 332 1.48 -36.79 11.54
C CYS B 332 0.28 -37.70 11.81
N GLY B 333 -0.53 -38.00 10.79
CA GLY B 333 -1.70 -38.81 11.00
C GLY B 333 -2.85 -38.09 11.65
N CYS B 334 -2.83 -36.77 11.68
CA CYS B 334 -3.89 -35.99 12.31
C CYS B 334 -3.95 -34.62 11.64
N ALA B 335 -5.06 -33.92 11.86
CA ALA B 335 -5.34 -32.65 11.22
C ALA B 335 -5.14 -31.50 12.19
N ASP B 336 -4.74 -30.35 11.64
CA ASP B 336 -4.54 -29.13 12.41
C ASP B 336 -5.82 -28.30 12.42
N VAL B 337 -6.21 -27.82 13.60
CA VAL B 337 -7.40 -26.99 13.70
C VAL B 337 -7.20 -25.64 13.01
N GLY B 338 -5.97 -25.18 12.86
CA GLY B 338 -5.70 -23.92 12.21
C GLY B 338 -5.85 -23.94 10.70
N LEU B 339 -6.21 -25.07 10.12
CA LEU B 339 -6.39 -25.22 8.68
C LEU B 339 -7.70 -25.94 8.42
N PRO B 340 -8.29 -25.74 7.24
CA PRO B 340 -9.54 -26.43 6.93
C PRO B 340 -9.35 -27.94 6.89
N LYS B 341 -10.37 -28.66 7.33
CA LYS B 341 -10.38 -30.11 7.20
C LYS B 341 -10.76 -30.48 5.77
N LEU B 342 -10.07 -31.47 5.22
CA LEU B 342 -10.22 -31.80 3.82
C LEU B 342 -11.62 -32.34 3.55
N PRO B 343 -12.33 -31.81 2.56
CA PRO B 343 -13.65 -32.36 2.22
C PRO B 343 -13.61 -33.80 1.75
N LEU B 344 -12.43 -34.36 1.51
CA LEU B 344 -12.39 -35.81 1.20
C LEU B 344 -12.77 -36.62 2.46
N GLN B 345 -11.87 -36.71 3.44
CA GLN B 345 -12.12 -37.53 4.66
C GLN B 345 -12.41 -36.63 5.86
N ALA B 346 -13.26 -37.09 6.78
CA ALA B 346 -13.66 -36.29 7.95
C ALA B 346 -13.52 -37.14 9.21
N ASN B 347 -13.17 -38.41 9.03
CA ASN B 347 -12.92 -39.29 10.19
C ASN B 347 -11.51 -39.01 10.71
N ILE B 348 -10.80 -38.07 10.07
CA ILE B 348 -9.45 -37.69 10.57
C ILE B 348 -9.62 -36.92 11.86
N SER B 349 -8.88 -37.30 12.89
CA SER B 349 -8.92 -36.64 14.19
C SER B 349 -8.01 -35.42 14.20
N TRP B 350 -8.38 -34.43 15.02
CA TRP B 350 -7.50 -33.30 15.28
C TRP B 350 -6.27 -33.76 16.05
N CYS B 351 -5.15 -33.06 15.83
CA CYS B 351 -3.93 -33.39 16.57
C CYS B 351 -4.06 -33.02 18.04
N ARG B 352 -4.92 -32.06 18.37
CA ARG B 352 -5.09 -31.60 19.75
C ARG B 352 -6.20 -32.33 20.48
N ASP B 353 -6.77 -33.38 19.90
CA ASP B 353 -7.83 -34.14 20.55
C ASP B 353 -7.29 -34.83 21.81
N ASP B 354 -8.13 -34.86 22.84
CA ASP B 354 -7.72 -35.47 24.11
C ASP B 354 -8.84 -36.32 24.74
N ASP B 355 -9.73 -36.87 23.92
CA ASP B 355 -10.72 -37.79 24.44
C ASP B 355 -10.10 -39.09 24.94
N ASN B 356 -8.82 -39.34 24.63
CA ASN B 356 -8.12 -40.50 25.15
C ASN B 356 -7.90 -40.45 26.65
N PHE B 357 -8.00 -39.26 27.26
CA PHE B 357 -7.64 -39.11 28.67
C PHE B 357 -8.63 -39.85 29.56
N PRO B 358 -8.15 -40.76 30.40
CA PRO B 358 -9.04 -41.44 31.34
C PRO B 358 -9.65 -40.49 32.36
N ASP B 359 -10.74 -40.94 32.99
CA ASP B 359 -11.36 -40.13 34.03
C ASP B 359 -10.59 -40.21 35.35
N GLU B 360 -9.74 -41.23 35.54
CA GLU B 360 -8.88 -41.23 36.73
C GLU B 360 -7.90 -40.07 36.74
N CYS B 361 -7.54 -39.50 35.59
CA CYS B 361 -6.66 -38.34 35.61
C CYS B 361 -7.30 -37.13 36.27
N MET B 362 -8.62 -37.15 36.48
CA MET B 362 -9.31 -36.12 37.24
C MET B 362 -9.05 -36.24 38.74
N PHE B 363 -8.50 -37.36 39.20
CA PHE B 363 -8.28 -37.61 40.61
C PHE B 363 -6.82 -37.81 40.99
N THR B 364 -5.99 -38.32 40.09
CA THR B 364 -4.60 -38.66 40.40
C THR B 364 -3.66 -38.17 39.31
N ALA B 365 -2.46 -37.78 39.71
CA ALA B 365 -1.41 -37.36 38.78
C ALA B 365 -0.46 -38.52 38.48
N SER B 366 -1.03 -39.59 37.93
CA SER B 366 -0.28 -40.81 37.67
C SER B 366 0.63 -40.66 36.46
N GLU B 367 1.59 -41.60 36.34
CA GLU B 367 2.52 -41.57 35.21
C GLU B 367 1.83 -41.78 33.87
N GLU B 368 0.77 -42.59 33.84
CA GLU B 368 0.03 -42.78 32.58
C GLU B 368 -0.56 -41.46 32.10
N CYS B 369 -1.15 -40.68 33.02
CA CYS B 369 -1.69 -39.38 32.64
C CYS B 369 -0.61 -38.45 32.14
N LEU B 370 0.56 -38.47 32.79
CA LEU B 370 1.67 -37.61 32.35
C LEU B 370 2.19 -38.03 30.98
N GLN B 371 2.28 -39.35 30.73
CA GLN B 371 2.70 -39.82 29.42
C GLN B 371 1.70 -39.42 28.34
N LEU B 372 0.41 -39.49 28.63
CA LEU B 372 -0.59 -39.04 27.68
C LEU B 372 -0.46 -37.55 27.41
N LEU B 373 -0.17 -36.76 28.46
CA LEU B 373 0.07 -35.33 28.29
C LEU B 373 1.24 -35.09 27.36
N MET B 374 2.33 -35.83 27.55
CA MET B 374 3.51 -35.66 26.70
C MET B 374 3.23 -36.11 25.26
N GLN B 375 2.41 -37.15 25.09
CA GLN B 375 2.06 -37.62 23.75
C GLN B 375 1.24 -36.57 23.00
N LEU B 376 0.31 -35.93 23.69
CA LEU B 376 -0.44 -34.82 23.09
C LEU B 376 0.50 -33.69 22.70
N HIS B 377 1.45 -33.35 23.59
CA HIS B 377 2.44 -32.34 23.26
C HIS B 377 3.24 -32.72 22.02
N ASN B 378 3.62 -34.00 21.91
CA ASN B 378 4.40 -34.44 20.76
C ASN B 378 3.61 -34.36 19.47
N ARG B 379 2.31 -34.69 19.52
CA ARG B 379 1.47 -34.55 18.34
C ARG B 379 1.41 -33.09 17.89
N ILE B 380 1.24 -32.18 18.86
CA ILE B 380 1.21 -30.76 18.53
C ILE B 380 2.52 -30.34 17.89
N LYS B 381 3.65 -30.83 18.42
CA LYS B 381 4.95 -30.47 17.85
C LYS B 381 5.11 -31.00 16.44
N CYS B 382 4.65 -32.23 16.18
CA CYS B 382 4.68 -32.77 14.82
C CYS B 382 3.93 -31.88 13.86
N ALA B 383 2.70 -31.50 14.24
CA ALA B 383 1.89 -30.65 13.36
C ALA B 383 2.59 -29.31 13.12
N ARG B 384 3.14 -28.70 14.16
CA ARG B 384 3.80 -27.41 14.01
C ARG B 384 5.04 -27.51 13.12
N SER B 385 5.81 -28.59 13.28
CA SER B 385 7.00 -28.77 12.46
C SER B 385 6.64 -28.91 10.99
N ILE B 386 5.61 -29.69 10.69
CA ILE B 386 5.19 -29.82 9.30
C ILE B 386 4.70 -28.48 8.75
N LYS B 387 3.92 -27.74 9.56
CA LYS B 387 3.44 -26.43 9.12
C LYS B 387 4.61 -25.49 8.81
N SER B 388 5.64 -25.52 9.64
CA SER B 388 6.77 -24.63 9.43
C SER B 388 7.62 -25.03 8.22
N LYS B 389 7.77 -26.33 7.97
CA LYS B 389 8.69 -26.75 6.92
C LYS B 389 8.06 -26.83 5.54
N ILE B 390 6.80 -27.24 5.43
CA ILE B 390 6.29 -27.72 4.14
C ILE B 390 6.25 -26.61 3.09
N THR B 391 6.00 -25.36 3.50
CA THR B 391 5.83 -24.32 2.49
C THR B 391 7.15 -23.89 1.84
N LYS B 392 8.29 -24.26 2.41
CA LYS B 392 9.57 -24.01 1.76
C LYS B 392 9.93 -25.09 0.76
N ASN B 393 9.17 -26.17 0.70
CA ASN B 393 9.48 -27.35 -0.09
C ASN B 393 8.74 -27.20 -1.43
N THR B 394 9.46 -26.73 -2.44
CA THR B 394 8.83 -26.40 -3.72
C THR B 394 8.25 -27.63 -4.41
N THR B 395 8.85 -28.81 -4.20
CA THR B 395 8.32 -30.03 -4.80
C THR B 395 6.92 -30.34 -4.26
N ALA B 396 6.77 -30.34 -2.94
CA ALA B 396 5.48 -30.63 -2.34
C ALA B 396 4.43 -29.58 -2.73
N MET B 397 4.83 -28.31 -2.75
CA MET B 397 3.88 -27.25 -3.09
C MET B 397 3.47 -27.29 -4.56
N GLU B 398 4.40 -27.64 -5.45
CA GLU B 398 4.03 -27.74 -6.86
C GLU B 398 3.26 -29.02 -7.15
N ALA B 399 3.40 -30.05 -6.32
CA ALA B 399 2.62 -31.27 -6.51
C ALA B 399 1.14 -31.05 -6.27
N CYS B 400 0.76 -30.00 -5.54
CA CYS B 400 -0.65 -29.76 -5.23
C CYS B 400 -1.39 -29.01 -6.33
N ASN B 401 -0.69 -28.56 -7.37
CA ASN B 401 -1.31 -27.91 -8.53
C ASN B 401 -2.14 -26.69 -8.14
N CYS B 402 -1.64 -25.93 -7.17
CA CYS B 402 -2.30 -24.69 -6.77
C CYS B 402 -1.86 -23.57 -7.71
N PHE B 403 -2.80 -23.02 -8.47
CA PHE B 403 -2.53 -21.96 -9.43
C PHE B 403 -3.43 -20.76 -9.15
N PRO B 404 -3.01 -19.55 -9.51
CA PRO B 404 -3.82 -18.36 -9.25
C PRO B 404 -5.10 -18.38 -10.05
N PRO B 405 -6.16 -17.71 -9.58
CA PRO B 405 -7.43 -17.73 -10.31
C PRO B 405 -7.31 -17.05 -11.67
N CYS B 406 -8.12 -17.54 -12.60
CA CYS B 406 -8.11 -16.99 -13.96
C CYS B 406 -8.80 -15.64 -14.04
N ASP B 407 -9.67 -15.31 -13.09
CA ASP B 407 -10.35 -14.01 -13.05
C ASP B 407 -10.48 -13.65 -11.57
N GLU B 408 -9.55 -12.83 -11.08
CA GLU B 408 -9.39 -12.55 -9.67
C GLU B 408 -9.68 -11.09 -9.37
N VAL B 409 -10.47 -10.85 -8.33
CA VAL B 409 -10.71 -9.51 -7.81
C VAL B 409 -9.94 -9.35 -6.51
N SER B 410 -9.16 -8.27 -6.40
CA SER B 410 -8.33 -8.03 -5.24
C SER B 410 -8.48 -6.58 -4.81
N TYR B 411 -8.05 -6.28 -3.59
CA TYR B 411 -8.25 -4.97 -3.00
C TYR B 411 -6.96 -4.48 -2.35
N ASP B 412 -6.58 -3.24 -2.64
CA ASP B 412 -5.53 -2.54 -1.93
C ASP B 412 -6.17 -1.54 -0.99
N VAL B 413 -5.82 -1.62 0.30
CA VAL B 413 -6.54 -0.93 1.36
C VAL B 413 -5.61 0.09 2.01
N SER B 414 -6.03 1.35 2.00
CA SER B 414 -5.37 2.37 2.81
C SER B 414 -5.82 2.24 4.25
N TYR B 415 -4.87 2.38 5.18
CA TYR B 415 -5.13 2.16 6.60
C TYR B 415 -4.68 3.37 7.40
N SER B 416 -5.56 3.87 8.26
CA SER B 416 -5.24 4.99 9.12
C SER B 416 -6.14 4.94 10.34
N LEU B 417 -5.71 5.61 11.41
CA LEU B 417 -6.39 5.56 12.69
C LEU B 417 -6.61 6.96 13.25
N SER B 418 -7.72 7.14 13.95
CA SER B 418 -7.97 8.31 14.77
C SER B 418 -8.55 7.86 16.11
N LYS B 419 -8.29 8.64 17.14
CA LYS B 419 -8.86 8.38 18.46
C LYS B 419 -10.36 8.68 18.38
N TRP B 420 -11.19 7.64 18.39
CA TRP B 420 -12.58 7.87 18.02
C TRP B 420 -13.30 8.73 19.05
N PRO B 421 -13.55 8.26 20.30
CA PRO B 421 -14.38 9.10 21.18
C PRO B 421 -13.59 10.29 21.68
N SER B 422 -13.84 11.45 21.07
CA SER B 422 -13.06 12.64 21.38
C SER B 422 -13.39 13.13 22.78
N ALA B 423 -12.38 13.65 23.46
CA ALA B 423 -12.59 14.20 24.79
C ALA B 423 -13.51 15.41 24.71
N GLY B 424 -14.43 15.51 25.66
CA GLY B 424 -15.33 16.64 25.69
C GLY B 424 -16.69 16.43 25.07
N TYR B 425 -17.18 17.46 24.37
CA TYR B 425 -18.58 17.54 23.99
C TYR B 425 -18.95 16.49 22.95
N GLU B 426 -18.09 16.31 21.94
CA GLU B 426 -18.39 15.32 20.90
C GLU B 426 -18.39 13.91 21.47
N GLY B 427 -17.55 13.64 22.46
CA GLY B 427 -17.62 12.37 23.16
C GLY B 427 -18.93 12.19 23.90
N ASP B 428 -19.44 13.28 24.48
CA ASP B 428 -20.77 13.23 25.10
C ASP B 428 -21.83 12.90 24.08
N ALA B 429 -21.76 13.52 22.89
CA ALA B 429 -22.72 13.21 21.83
C ALA B 429 -22.62 11.76 21.40
N ALA B 430 -21.41 11.23 21.26
CA ALA B 430 -21.24 9.83 20.89
C ALA B 430 -21.82 8.90 21.94
N TYR B 431 -21.55 9.19 23.22
CA TYR B 431 -22.09 8.37 24.30
C TYR B 431 -23.61 8.40 24.28
N PHE B 432 -24.19 9.57 24.08
CA PHE B 432 -25.65 9.66 24.02
C PHE B 432 -26.21 8.91 22.83
N ASP B 433 -25.49 8.93 21.71
CA ASP B 433 -25.93 8.15 20.55
C ASP B 433 -25.93 6.66 20.84
N VAL B 434 -24.88 6.18 21.52
CA VAL B 434 -24.78 4.76 21.79
C VAL B 434 -25.78 4.33 22.85
N PHE B 435 -25.86 5.08 23.96
CA PHE B 435 -26.61 4.64 25.13
C PHE B 435 -27.94 5.35 25.32
N GLY B 436 -28.15 6.49 24.68
CA GLY B 436 -29.41 7.20 24.84
C GLY B 436 -30.38 6.94 23.70
N ILE B 437 -29.88 7.00 22.48
CA ILE B 437 -30.72 6.81 21.30
C ILE B 437 -30.78 5.35 20.89
N GLU B 438 -29.62 4.72 20.68
CA GLU B 438 -29.59 3.31 20.30
C GLU B 438 -29.95 2.39 21.45
N LYS B 439 -29.69 2.82 22.70
CA LYS B 439 -30.02 2.06 23.90
C LYS B 439 -29.33 0.68 23.90
N PHE B 440 -28.00 0.73 23.89
CA PHE B 440 -27.19 -0.47 23.75
C PHE B 440 -27.38 -1.42 24.93
N ASN B 441 -27.44 -0.88 26.15
CA ASN B 441 -27.54 -1.71 27.34
C ASN B 441 -28.85 -2.49 27.37
N GLU B 442 -29.95 -1.86 26.95
CA GLU B 442 -31.27 -2.49 27.05
C GLU B 442 -31.42 -3.72 26.17
N ARG B 443 -30.45 -4.02 25.31
CA ARG B 443 -30.46 -5.29 24.60
C ARG B 443 -30.34 -6.46 25.57
N PHE B 444 -29.71 -6.24 26.71
CA PHE B 444 -29.41 -7.29 27.68
C PHE B 444 -30.40 -7.34 28.83
N ASN B 445 -31.44 -6.53 28.80
CA ASN B 445 -32.47 -6.52 29.84
C ASN B 445 -33.45 -7.68 29.62
N LYS B 446 -32.90 -8.88 29.65
CA LYS B 446 -33.65 -10.11 29.38
C LYS B 446 -33.30 -11.14 30.44
N THR B 447 -34.23 -12.09 30.65
CA THR B 447 -34.09 -13.06 31.73
C THR B 447 -32.81 -13.87 31.60
N GLY B 448 -32.38 -14.17 30.38
CA GLY B 448 -31.18 -14.96 30.15
C GLY B 448 -29.88 -14.20 30.09
N THR B 449 -29.91 -12.87 30.26
CA THR B 449 -28.72 -12.04 30.10
C THR B 449 -28.66 -10.92 31.13
N GLN B 450 -29.37 -11.07 32.26
CA GLN B 450 -29.51 -9.96 33.20
C GLN B 450 -28.17 -9.59 33.84
N GLY B 451 -27.34 -10.58 34.16
CA GLY B 451 -26.04 -10.29 34.76
C GLY B 451 -25.20 -9.38 33.90
N LYS B 452 -25.16 -9.64 32.60
CA LYS B 452 -24.45 -8.76 31.68
C LYS B 452 -25.08 -7.36 31.66
N TYR B 453 -26.40 -7.28 31.82
CA TYR B 453 -27.06 -5.98 31.91
C TYR B 453 -26.56 -5.20 33.11
N GLU B 454 -26.47 -5.84 34.27
CA GLU B 454 -25.96 -5.14 35.45
C GLU B 454 -24.51 -4.73 35.25
N LEU B 455 -23.70 -5.62 34.68
CA LEU B 455 -22.30 -5.31 34.43
C LEU B 455 -22.15 -4.07 33.55
N PHE B 456 -22.90 -4.03 32.44
CA PHE B 456 -22.79 -2.89 31.53
C PHE B 456 -23.40 -1.63 32.13
N THR B 457 -24.45 -1.77 32.94
CA THR B 457 -25.02 -0.61 33.61
C THR B 457 -24.01 0.03 34.56
N LYS B 458 -23.28 -0.80 35.30
CA LYS B 458 -22.25 -0.25 36.19
C LYS B 458 -21.08 0.33 35.40
N TYR B 459 -20.61 -0.39 34.38
CA TYR B 459 -19.38 0.01 33.70
C TYR B 459 -19.59 1.26 32.85
N PHE B 460 -20.71 1.35 32.14
CA PHE B 460 -20.94 2.43 31.18
C PHE B 460 -21.84 3.54 31.72
N ASN B 461 -21.75 3.83 33.02
CA ASN B 461 -22.51 4.96 33.54
C ASN B 461 -21.95 6.29 33.03
N VAL B 462 -22.75 7.34 33.19
CA VAL B 462 -22.43 8.63 32.58
C VAL B 462 -21.13 9.19 33.12
N SER B 463 -20.86 8.99 34.41
CA SER B 463 -19.67 9.59 35.02
C SER B 463 -18.39 8.98 34.46
N ASN B 464 -18.38 7.67 34.22
CA ASN B 464 -17.19 6.96 33.78
C ASN B 464 -17.07 6.89 32.26
N ARG B 465 -17.74 7.78 31.53
CA ARG B 465 -17.80 7.64 30.07
C ARG B 465 -16.44 7.85 29.42
N GLU B 466 -15.66 8.82 29.90
CA GLU B 466 -14.39 9.13 29.24
C GLU B 466 -13.46 7.92 29.21
N GLU B 467 -13.51 7.07 30.23
CA GLU B 467 -12.69 5.87 30.27
C GLU B 467 -13.39 4.68 29.61
N SER B 468 -14.70 4.52 29.85
CA SER B 468 -15.41 3.34 29.37
C SER B 468 -15.60 3.34 27.87
N MET B 469 -15.76 4.51 27.25
CA MET B 469 -15.94 4.57 25.80
C MET B 469 -14.71 4.10 25.04
N LYS B 470 -13.56 4.00 25.69
CA LYS B 470 -12.36 3.50 25.03
C LYS B 470 -12.47 2.04 24.63
N ASP B 471 -13.45 1.31 25.16
CA ASP B 471 -13.64 -0.08 24.80
C ASP B 471 -14.30 -0.26 23.44
N PHE B 472 -14.84 0.80 22.86
CA PHE B 472 -15.46 0.75 21.55
C PHE B 472 -14.46 1.11 20.46
N ALA B 473 -14.67 0.56 19.27
CA ALA B 473 -13.91 0.91 18.09
C ALA B 473 -14.86 1.06 16.91
N ARG B 474 -14.53 1.99 16.01
CA ARG B 474 -15.32 2.21 14.82
C ARG B 474 -14.52 1.82 13.58
N LEU B 475 -15.19 1.14 12.66
CA LEU B 475 -14.62 0.79 11.36
C LEU B 475 -15.31 1.61 10.28
N ASN B 476 -14.52 2.18 9.38
CA ASN B 476 -15.04 2.98 8.27
C ASN B 476 -14.42 2.40 7.00
N VAL B 477 -15.21 1.63 6.27
CA VAL B 477 -14.75 0.91 5.08
C VAL B 477 -15.46 1.49 3.88
N TYR B 478 -14.68 2.00 2.92
CA TYR B 478 -15.23 2.67 1.76
C TYR B 478 -14.33 2.43 0.55
N ILE B 479 -14.91 2.60 -0.63
CA ILE B 479 -14.17 2.47 -1.88
C ILE B 479 -13.55 3.82 -2.21
N ALA B 480 -12.23 3.85 -2.32
CA ALA B 480 -11.54 5.11 -2.52
C ALA B 480 -11.62 5.57 -3.98
N ASP B 481 -11.38 4.68 -4.93
CA ASP B 481 -11.42 4.99 -6.34
C ASP B 481 -12.47 4.11 -7.01
N SER B 482 -13.41 4.74 -7.70
CA SER B 482 -14.53 4.01 -8.29
C SER B 482 -14.08 3.11 -9.44
N ASN B 483 -13.03 3.51 -10.16
CA ASN B 483 -12.56 2.73 -11.30
C ASN B 483 -11.67 1.58 -10.85
N VAL B 484 -11.74 0.47 -11.57
CA VAL B 484 -10.99 -0.74 -11.24
C VAL B 484 -9.71 -0.78 -12.05
N VAL B 485 -8.60 -1.04 -11.37
CA VAL B 485 -7.31 -1.25 -12.03
C VAL B 485 -7.28 -2.68 -12.54
N LYS B 486 -7.40 -2.85 -13.85
CA LYS B 486 -7.50 -4.18 -14.46
C LYS B 486 -6.14 -4.57 -15.06
N THR B 487 -5.63 -5.72 -14.64
CA THR B 487 -4.43 -6.31 -15.21
C THR B 487 -4.83 -7.57 -15.97
N GLN B 488 -4.67 -7.55 -17.28
CA GLN B 488 -5.17 -8.61 -18.15
C GLN B 488 -4.00 -9.23 -18.91
N GLU B 489 -3.88 -10.55 -18.81
CA GLU B 489 -2.93 -11.28 -19.62
C GLU B 489 -3.52 -11.56 -21.00
N SER B 490 -2.65 -11.58 -22.01
CA SER B 490 -3.05 -11.96 -23.35
C SER B 490 -1.83 -12.57 -24.04
N GLU B 491 -2.10 -13.37 -25.07
CA GLU B 491 -1.02 -14.04 -25.78
C GLU B 491 -0.30 -13.04 -26.67
N ASP B 492 1.02 -12.98 -26.51
CA ASP B 492 1.81 -11.95 -27.18
C ASP B 492 2.04 -12.24 -28.65
N TYR B 493 2.16 -13.51 -29.03
CA TYR B 493 2.61 -13.89 -30.38
C TYR B 493 1.64 -14.94 -30.91
N THR B 494 0.58 -14.50 -31.56
CA THR B 494 -0.44 -15.40 -32.07
C THR B 494 0.05 -16.14 -33.31
N ARG B 495 -0.72 -17.15 -33.71
CA ARG B 495 -0.40 -17.90 -34.93
C ARG B 495 -0.47 -17.01 -36.17
N ASN B 496 -1.42 -16.06 -36.19
CA ASN B 496 -1.50 -15.13 -37.31
C ASN B 496 -0.25 -14.27 -37.41
N GLN B 497 0.26 -13.83 -36.26
CA GLN B 497 1.50 -13.02 -36.22
C GLN B 497 2.66 -13.90 -36.69
N LEU B 498 2.66 -15.18 -36.33
CA LEU B 498 3.68 -16.11 -36.80
C LEU B 498 3.63 -16.26 -38.32
N VAL B 499 2.43 -16.41 -38.88
CA VAL B 499 2.27 -16.56 -40.32
C VAL B 499 2.73 -15.31 -41.05
N SER B 500 2.37 -14.12 -40.52
CA SER B 500 2.78 -12.88 -41.16
C SER B 500 4.29 -12.71 -41.13
N ASP B 501 4.93 -13.06 -40.02
CA ASP B 501 6.37 -12.93 -39.92
C ASP B 501 7.09 -13.94 -40.82
N ILE B 502 6.55 -15.15 -40.92
CA ILE B 502 7.09 -16.14 -41.84
C ILE B 502 7.00 -15.63 -43.27
N GLY B 503 5.86 -15.03 -43.62
CA GLY B 503 5.72 -14.46 -44.94
C GLY B 503 6.71 -13.34 -45.20
N GLY B 504 6.93 -12.48 -44.21
CA GLY B 504 7.92 -11.42 -44.37
C GLY B 504 9.32 -11.96 -44.60
N GLN B 505 9.73 -12.93 -43.78
CA GLN B 505 11.06 -13.52 -43.95
C GLN B 505 11.20 -14.21 -45.31
N LEU B 506 10.20 -15.01 -45.68
CA LEU B 506 10.26 -15.77 -46.92
C LEU B 506 10.26 -14.86 -48.13
N GLY B 507 9.54 -13.73 -48.07
CA GLY B 507 9.59 -12.77 -49.15
C GLY B 507 10.92 -12.04 -49.20
N LEU B 508 11.49 -11.71 -48.04
CA LEU B 508 12.74 -10.96 -48.01
C LEU B 508 13.89 -11.78 -48.57
N TRP B 509 14.07 -13.01 -48.08
CA TRP B 509 15.25 -13.77 -48.47
C TRP B 509 15.08 -14.50 -49.81
N VAL B 510 14.13 -15.42 -49.89
CA VAL B 510 14.07 -16.31 -51.04
C VAL B 510 12.96 -15.95 -52.03
N GLY B 511 11.92 -15.25 -51.59
CA GLY B 511 10.85 -14.86 -52.48
C GLY B 511 9.85 -15.94 -52.81
N ILE B 512 9.80 -17.01 -52.01
CA ILE B 512 8.85 -18.10 -52.25
C ILE B 512 7.48 -17.71 -51.76
N SER B 513 6.45 -18.08 -52.52
CA SER B 513 5.08 -18.15 -52.05
C SER B 513 4.61 -19.59 -52.15
N LEU B 514 3.52 -19.90 -51.47
CA LEU B 514 3.01 -21.27 -51.51
C LEU B 514 2.62 -21.69 -52.92
N ILE B 515 2.19 -20.73 -53.75
CA ILE B 515 1.92 -21.04 -55.15
C ILE B 515 3.21 -21.49 -55.84
N THR B 516 4.35 -21.01 -55.37
CA THR B 516 5.63 -21.44 -55.91
C THR B 516 6.06 -22.79 -55.33
N LEU B 517 5.72 -23.05 -54.06
CA LEU B 517 5.88 -24.40 -53.54
C LEU B 517 5.04 -25.38 -54.35
N ALA B 518 3.91 -24.92 -54.88
CA ALA B 518 3.15 -25.74 -55.82
C ALA B 518 3.90 -25.95 -57.13
N GLU B 519 4.71 -24.96 -57.57
CA GLU B 519 5.62 -25.19 -58.69
C GLU B 519 6.55 -26.37 -58.40
N VAL B 520 7.18 -26.36 -57.22
CA VAL B 520 8.14 -27.43 -56.94
C VAL B 520 7.43 -28.77 -56.78
N LEU B 521 6.20 -28.76 -56.23
CA LEU B 521 5.43 -30.00 -56.12
C LEU B 521 5.07 -30.55 -57.51
N GLU B 522 4.67 -29.66 -58.42
CA GLU B 522 4.37 -30.08 -59.79
C GLU B 522 5.62 -30.66 -60.45
N LEU B 523 6.78 -30.04 -60.21
CA LEU B 523 8.02 -30.58 -60.76
C LEU B 523 8.31 -31.96 -60.19
N ILE B 524 8.03 -32.16 -58.90
CA ILE B 524 8.26 -33.47 -58.29
C ILE B 524 7.37 -34.52 -58.92
N ILE B 525 6.09 -34.18 -59.16
CA ILE B 525 5.21 -35.15 -59.80
C ILE B 525 5.65 -35.41 -61.25
N ASP B 526 6.13 -34.37 -61.94
CA ASP B 526 6.62 -34.57 -63.30
C ASP B 526 7.84 -35.50 -63.31
N LEU B 527 8.71 -35.38 -62.31
CA LEU B 527 9.84 -36.29 -62.20
C LEU B 527 9.38 -37.71 -61.87
N PHE B 528 8.32 -37.85 -61.08
CA PHE B 528 7.69 -39.16 -60.93
C PHE B 528 7.16 -39.70 -62.25
N ARG B 529 6.81 -38.82 -63.18
CA ARG B 529 6.35 -39.22 -64.51
C ARG B 529 7.46 -39.14 -65.55
N LEU B 530 8.71 -38.96 -65.14
CA LEU B 530 9.83 -38.88 -66.08
C LEU B 530 10.00 -40.19 -66.86
N ALA C 3 -10.57 -10.91 -79.09
CA ALA C 3 -9.16 -11.16 -78.75
C ALA C 3 -8.98 -11.31 -77.24
N ILE C 4 -10.04 -11.73 -76.55
CA ILE C 4 -9.98 -11.92 -75.11
C ILE C 4 -8.92 -12.96 -74.76
N ARG C 5 -8.93 -14.10 -75.45
CA ARG C 5 -7.92 -15.11 -75.21
C ARG C 5 -6.54 -14.60 -75.57
N ASP C 6 -6.44 -13.82 -76.64
CA ASP C 6 -5.13 -13.30 -77.06
C ASP C 6 -4.59 -12.29 -76.07
N VAL C 7 -5.44 -11.39 -75.57
CA VAL C 7 -4.95 -10.40 -74.60
C VAL C 7 -4.61 -11.07 -73.28
N MET C 8 -5.38 -12.08 -72.87
CA MET C 8 -5.03 -12.81 -71.66
C MET C 8 -3.73 -13.59 -71.85
N THR C 9 -3.48 -14.12 -73.05
CA THR C 9 -2.21 -14.78 -73.33
C THR C 9 -1.06 -13.80 -73.29
N LYS C 10 -1.26 -12.59 -73.83
CA LYS C 10 -0.22 -11.56 -73.75
C LYS C 10 0.06 -11.20 -72.30
N PHE C 11 -0.98 -11.10 -71.48
CA PHE C 11 -0.78 -10.89 -70.05
C PHE C 11 0.04 -12.04 -69.45
N ALA C 12 -0.34 -13.28 -69.76
CA ALA C 12 0.36 -14.43 -69.19
C ALA C 12 1.81 -14.49 -69.64
N GLU C 13 2.12 -13.93 -70.81
CA GLU C 13 3.51 -13.92 -71.26
C GLU C 13 4.35 -12.93 -70.46
N GLN C 14 3.77 -11.81 -70.05
CA GLN C 14 4.47 -10.79 -69.28
C GLN C 14 3.62 -10.43 -68.06
N THR C 15 3.80 -11.18 -66.97
CA THR C 15 3.12 -10.89 -65.71
C THR C 15 3.95 -11.45 -64.56
N THR C 16 3.76 -10.87 -63.38
CA THR C 16 4.46 -11.31 -62.19
C THR C 16 3.57 -12.13 -61.25
N MET C 17 2.29 -12.33 -61.59
CA MET C 17 1.43 -13.15 -60.76
C MET C 17 1.87 -14.61 -60.83
N HIS C 18 1.70 -15.32 -59.72
CA HIS C 18 2.25 -16.67 -59.63
C HIS C 18 1.30 -17.72 -60.21
N GLY C 19 0.00 -17.54 -60.04
CA GLY C 19 -0.97 -18.55 -60.46
C GLY C 19 -1.61 -18.32 -61.82
N VAL C 20 -1.92 -17.07 -62.14
CA VAL C 20 -2.65 -16.77 -63.37
C VAL C 20 -1.92 -17.24 -64.63
N PRO C 21 -0.61 -17.04 -64.79
CA PRO C 21 0.04 -17.57 -66.00
C PRO C 21 -0.05 -19.09 -66.11
N LYS C 22 0.02 -19.80 -64.98
CA LYS C 22 -0.10 -21.25 -65.03
C LYS C 22 -1.52 -21.68 -65.34
N VAL C 23 -2.52 -20.93 -64.88
CA VAL C 23 -3.90 -21.26 -65.23
C VAL C 23 -4.16 -20.99 -66.71
N ILE C 24 -3.70 -19.84 -67.21
CA ILE C 24 -3.98 -19.45 -68.58
C ILE C 24 -3.23 -20.36 -69.56
N ASN C 25 -1.94 -20.59 -69.32
CA ASN C 25 -1.12 -21.37 -70.21
C ASN C 25 -1.19 -22.87 -69.95
N ALA C 26 -2.15 -23.32 -69.13
CA ALA C 26 -2.28 -24.73 -68.83
C ALA C 26 -2.60 -25.53 -70.10
N LYS C 27 -1.86 -26.63 -70.30
CA LYS C 27 -2.05 -27.49 -71.45
C LYS C 27 -3.05 -28.60 -71.16
N SER C 28 -2.92 -29.25 -70.01
CA SER C 28 -3.88 -30.25 -69.58
C SER C 28 -5.04 -29.59 -68.84
N SER C 29 -6.24 -30.11 -69.08
CA SER C 29 -7.41 -29.64 -68.33
C SER C 29 -7.27 -29.98 -66.85
N MET C 30 -6.69 -31.14 -66.54
CA MET C 30 -6.41 -31.49 -65.15
C MET C 30 -5.46 -30.47 -64.53
N GLY C 31 -4.45 -30.05 -65.29
CA GLY C 31 -3.55 -29.01 -64.80
C GLY C 31 -4.26 -27.70 -64.53
N ARG C 32 -5.18 -27.31 -65.42
CA ARG C 32 -5.96 -26.09 -65.21
C ARG C 32 -6.81 -26.20 -63.95
N LEU C 33 -7.45 -27.34 -63.74
CA LEU C 33 -8.25 -27.55 -62.53
C LEU C 33 -7.37 -27.47 -61.28
N PHE C 34 -6.21 -28.13 -61.33
CA PHE C 34 -5.30 -28.14 -60.19
C PHE C 34 -4.84 -26.72 -59.85
N TRP C 35 -4.50 -25.94 -60.87
CA TRP C 35 -3.97 -24.61 -60.59
C TRP C 35 -5.06 -23.65 -60.17
N SER C 36 -6.28 -23.81 -60.69
CA SER C 36 -7.40 -23.03 -60.19
C SER C 36 -7.66 -23.34 -58.72
N LEU C 37 -7.60 -24.61 -58.34
CA LEU C 37 -7.78 -24.98 -56.94
C LEU C 37 -6.67 -24.40 -56.07
N VAL C 38 -5.43 -24.42 -56.56
CA VAL C 38 -4.32 -23.85 -55.80
C VAL C 38 -4.55 -22.35 -55.57
N CYS C 39 -4.93 -21.64 -56.63
CA CYS C 39 -5.18 -20.22 -56.52
C CYS C 39 -6.32 -19.93 -55.54
N LEU C 40 -7.40 -20.71 -55.62
CA LEU C 40 -8.53 -20.50 -54.73
C LEU C 40 -8.16 -20.76 -53.27
N ALA C 41 -7.39 -21.82 -53.02
CA ALA C 41 -6.95 -22.12 -51.66
C ALA C 41 -6.09 -21.00 -51.11
N ALA C 42 -5.14 -20.51 -51.92
CA ALA C 42 -4.29 -19.41 -51.48
C ALA C 42 -5.12 -18.17 -51.17
N GLY C 43 -6.08 -17.85 -52.04
CA GLY C 43 -6.91 -16.69 -51.81
C GLY C 43 -7.75 -16.79 -50.56
N ALA C 44 -8.36 -17.96 -50.34
CA ALA C 44 -9.19 -18.15 -49.14
C ALA C 44 -8.36 -18.05 -47.87
N MET C 45 -7.17 -18.66 -47.86
CA MET C 45 -6.31 -18.57 -46.68
C MET C 45 -5.90 -17.12 -46.44
N PHE C 46 -5.56 -16.39 -47.50
CA PHE C 46 -5.23 -14.98 -47.36
C PHE C 46 -6.40 -14.20 -46.79
N CYS C 47 -7.61 -14.47 -47.26
CA CYS C 47 -8.78 -13.75 -46.78
C CYS C 47 -9.02 -14.02 -45.29
N LEU C 48 -8.88 -15.27 -44.86
CA LEU C 48 -9.05 -15.57 -43.44
C LEU C 48 -8.00 -14.86 -42.58
N GLN C 49 -6.75 -14.92 -43.02
CA GLN C 49 -5.68 -14.28 -42.24
C GLN C 49 -5.88 -12.77 -42.19
N MET C 50 -6.33 -12.17 -43.29
CA MET C 50 -6.65 -10.74 -43.29
C MET C 50 -7.83 -10.42 -42.41
N SER C 51 -8.82 -11.32 -42.34
CA SER C 51 -9.93 -11.11 -41.42
C SER C 51 -9.42 -10.99 -39.99
N GLU C 52 -8.56 -11.92 -39.58
CA GLU C 52 -8.00 -11.84 -38.23
C GLU C 52 -7.15 -10.57 -38.04
N VAL C 53 -6.33 -10.25 -39.04
CA VAL C 53 -5.44 -9.09 -38.94
C VAL C 53 -6.24 -7.81 -38.77
N LEU C 54 -7.27 -7.63 -39.61
CA LEU C 54 -8.05 -6.40 -39.56
C LEU C 54 -8.93 -6.35 -38.32
N GLN C 55 -9.37 -7.50 -37.82
CA GLN C 55 -10.06 -7.51 -36.52
C GLN C 55 -9.14 -7.01 -35.42
N ARG C 56 -7.89 -7.49 -35.41
CA ARG C 56 -6.93 -7.00 -34.42
C ARG C 56 -6.72 -5.50 -34.55
N TYR C 57 -6.54 -5.02 -35.79
CA TYR C 57 -6.28 -3.60 -35.98
C TYR C 57 -7.45 -2.74 -35.54
N PHE C 58 -8.66 -3.08 -35.96
CA PHE C 58 -9.82 -2.27 -35.65
C PHE C 58 -10.35 -2.50 -34.23
N SER C 59 -9.80 -3.46 -33.49
CA SER C 59 -10.05 -3.47 -32.06
C SER C 59 -9.26 -2.39 -31.33
N TYR C 60 -8.28 -1.79 -32.00
CA TYR C 60 -7.47 -0.71 -31.45
C TYR C 60 -6.87 -1.07 -30.09
N PRO C 61 -5.96 -2.05 -30.04
CA PRO C 61 -5.38 -2.48 -28.76
C PRO C 61 -4.42 -1.42 -28.21
N LYS C 62 -4.08 -1.61 -26.93
CA LYS C 62 -3.16 -0.72 -26.23
C LYS C 62 -1.96 -1.50 -25.72
N LYS C 63 -0.82 -0.81 -25.62
CA LYS C 63 0.41 -1.37 -25.08
C LYS C 63 0.84 -0.52 -23.89
N VAL C 64 1.11 -1.19 -22.77
CA VAL C 64 1.37 -0.51 -21.49
C VAL C 64 2.74 -0.95 -20.98
N THR C 65 3.58 0.02 -20.62
CA THR C 65 4.88 -0.24 -20.02
C THR C 65 4.91 0.35 -18.61
N VAL C 66 5.46 -0.41 -17.68
CA VAL C 66 5.66 0.03 -16.30
C VAL C 66 7.16 0.09 -16.04
N GLU C 67 7.66 1.28 -15.69
CA GLU C 67 9.08 1.47 -15.49
C GLU C 67 9.31 2.59 -14.49
N VAL C 68 10.51 2.59 -13.90
CA VAL C 68 10.93 3.63 -12.96
C VAL C 68 11.82 4.61 -13.72
N VAL C 69 11.57 5.90 -13.53
CA VAL C 69 12.28 6.93 -14.28
C VAL C 69 12.91 7.92 -13.30
N PRO C 70 14.04 8.54 -13.65
CA PRO C 70 14.69 9.47 -12.72
C PRO C 70 14.11 10.88 -12.70
N THR C 71 13.23 11.22 -13.64
CA THR C 71 12.67 12.57 -13.68
C THR C 71 11.85 12.82 -12.42
N PRO C 72 12.16 13.86 -11.65
CA PRO C 72 11.50 14.06 -10.36
C PRO C 72 10.17 14.76 -10.48
N VAL C 73 9.27 14.44 -9.54
CA VAL C 73 7.99 15.13 -9.40
C VAL C 73 8.17 16.28 -8.41
N PRO C 74 7.37 17.33 -8.48
CA PRO C 74 7.38 18.34 -7.42
C PRO C 74 6.75 17.79 -6.15
N PHE C 75 7.11 18.41 -5.04
CA PHE C 75 6.60 17.95 -3.76
C PHE C 75 5.10 18.16 -3.69
N PRO C 76 4.33 17.17 -3.25
CA PRO C 76 2.87 17.27 -3.31
C PRO C 76 2.33 18.31 -2.35
N SER C 77 1.11 18.76 -2.65
CA SER C 77 0.38 19.63 -1.74
C SER C 77 -0.18 18.82 -0.57
N ILE C 78 0.00 19.33 0.64
CA ILE C 78 -0.45 18.67 1.85
C ILE C 78 -1.53 19.54 2.48
N SER C 79 -2.73 18.97 2.63
CA SER C 79 -3.86 19.66 3.25
C SER C 79 -4.17 19.02 4.59
N ILE C 80 -4.20 19.84 5.64
CA ILE C 80 -4.42 19.38 7.00
C ILE C 80 -5.72 19.98 7.52
N CYS C 81 -6.60 19.13 8.03
CA CYS C 81 -7.84 19.55 8.65
C CYS C 81 -7.89 19.01 10.08
N ASN C 82 -8.14 19.90 11.03
CA ASN C 82 -8.42 19.45 12.39
C ASN C 82 -9.81 18.84 12.44
N MET C 83 -9.92 17.64 13.00
CA MET C 83 -11.22 16.96 13.06
C MET C 83 -12.20 17.72 13.95
N ARG C 84 -11.71 18.55 14.86
CA ARG C 84 -12.56 19.48 15.59
C ARG C 84 -12.76 20.74 14.77
N ASN C 85 -14.02 21.10 14.55
CA ASN C 85 -14.34 22.18 13.62
C ASN C 85 -14.15 23.56 14.25
N LEU C 86 -14.45 23.71 15.54
CA LEU C 86 -14.44 25.01 16.19
C LEU C 86 -13.27 25.13 17.15
N ASP C 87 -12.93 26.39 17.48
CA ASP C 87 -11.83 26.67 18.40
C ASP C 87 -12.23 26.30 19.83
N VAL C 88 -11.22 25.91 20.62
CA VAL C 88 -11.48 25.42 21.97
C VAL C 88 -12.08 26.50 22.86
N HIS C 89 -11.55 27.73 22.77
CA HIS C 89 -12.08 28.81 23.61
C HIS C 89 -13.52 29.14 23.23
N ILE C 90 -13.83 29.15 21.94
CA ILE C 90 -15.20 29.39 21.50
C ILE C 90 -16.13 28.30 22.02
N LEU C 91 -15.68 27.03 21.94
CA LEU C 91 -16.49 25.92 22.42
C LEU C 91 -16.75 26.02 23.92
N ASN C 92 -15.71 26.36 24.69
CA ASN C 92 -15.88 26.51 26.13
C ASN C 92 -16.80 27.68 26.44
N THR C 93 -16.70 28.77 25.68
CA THR C 93 -17.60 29.91 25.88
C THR C 93 -19.05 29.51 25.61
N LEU C 94 -19.29 28.76 24.54
CA LEU C 94 -20.65 28.29 24.26
C LEU C 94 -21.17 27.40 25.38
N ASN C 95 -20.35 26.45 25.83
CA ASN C 95 -20.76 25.54 26.89
C ASN C 95 -21.09 26.29 28.17
N ARG C 96 -20.23 27.23 28.57
CA ARG C 96 -20.47 27.99 29.78
C ARG C 96 -21.70 28.89 29.64
N MET C 97 -21.91 29.46 28.45
CA MET C 97 -23.07 30.30 28.23
C MET C 97 -24.37 29.50 28.36
N PHE C 98 -24.38 28.27 27.86
CA PHE C 98 -25.54 27.41 28.06
C PHE C 98 -25.66 26.92 29.50
N ILE C 99 -24.53 26.81 30.21
CA ILE C 99 -24.59 26.43 31.62
C ILE C 99 -25.17 27.54 32.47
N GLU C 100 -25.00 28.81 32.07
CA GLU C 100 -25.62 29.90 32.81
C GLU C 100 -27.05 30.21 32.36
N ASP C 101 -27.37 30.00 31.09
CA ASP C 101 -28.75 30.18 30.62
C ASP C 101 -29.00 29.21 29.47
N ASP C 102 -29.80 28.17 29.74
CA ASP C 102 -30.08 27.14 28.76
C ASP C 102 -31.05 27.59 27.68
N ARG C 103 -31.54 28.83 27.73
CA ARG C 103 -32.43 29.36 26.70
C ARG C 103 -31.60 30.07 25.64
N PRO C 104 -31.46 29.52 24.43
CA PRO C 104 -30.62 30.19 23.42
C PRO C 104 -31.12 31.57 23.02
N PHE C 105 -32.42 31.84 23.17
CA PHE C 105 -32.94 33.15 22.80
C PHE C 105 -32.35 34.26 23.65
N SER C 106 -32.20 34.02 24.95
CA SER C 106 -31.65 35.03 25.85
C SER C 106 -30.16 35.22 25.67
N ASN C 107 -29.50 34.34 24.93
CA ASN C 107 -28.05 34.42 24.72
C ASN C 107 -27.68 35.15 23.44
N ILE C 108 -28.66 35.61 22.66
CA ILE C 108 -28.37 36.26 21.38
C ILE C 108 -27.56 37.54 21.59
N ASN C 109 -27.86 38.30 22.64
CA ASN C 109 -27.21 39.57 22.88
C ASN C 109 -26.15 39.50 23.98
N LYS C 110 -25.74 38.29 24.39
CA LYS C 110 -24.78 38.14 25.47
C LYS C 110 -23.33 38.25 25.01
N SER C 111 -23.07 38.23 23.71
CA SER C 111 -21.70 38.22 23.20
C SER C 111 -21.56 39.16 22.02
N GLU C 112 -20.37 39.75 21.88
CA GLU C 112 -20.03 40.58 20.73
C GLU C 112 -19.43 39.79 19.58
N HIS C 113 -19.12 38.52 19.78
CA HIS C 113 -18.58 37.69 18.67
C HIS C 113 -19.69 37.48 17.66
N GLU C 114 -19.39 37.67 16.39
CA GLU C 114 -20.37 37.54 15.33
C GLU C 114 -20.88 36.10 15.22
N PHE C 115 -19.96 35.14 15.24
CA PHE C 115 -20.35 33.75 15.09
C PHE C 115 -21.25 33.32 16.24
N ILE C 116 -20.98 33.80 17.46
CA ILE C 116 -21.81 33.42 18.59
C ILE C 116 -23.23 33.96 18.42
N ARG C 117 -23.36 35.21 17.97
CA ARG C 117 -24.69 35.78 17.76
C ARG C 117 -25.45 35.00 16.69
N ALA C 118 -24.78 34.71 15.57
CA ALA C 118 -25.43 33.95 14.50
C ALA C 118 -25.82 32.55 14.98
N TYR C 119 -24.93 31.90 15.73
CA TYR C 119 -25.17 30.56 16.25
C TYR C 119 -26.37 30.55 17.20
N MET C 120 -26.42 31.53 18.09
CA MET C 120 -27.54 31.63 19.03
C MET C 120 -28.85 31.88 18.30
N LYS C 121 -28.84 32.77 17.30
CA LYS C 121 -30.05 33.04 16.54
C LYS C 121 -30.51 31.80 15.78
N LYS C 122 -29.58 31.05 15.20
CA LYS C 122 -29.94 29.84 14.48
C LYS C 122 -30.52 28.79 15.41
N VAL C 123 -29.89 28.58 16.57
CA VAL C 123 -30.38 27.58 17.52
C VAL C 123 -31.72 27.99 18.10
N ALA C 124 -31.95 29.29 18.33
CA ALA C 124 -33.18 29.73 18.97
C ALA C 124 -34.42 29.36 18.16
N LYS C 125 -34.29 29.22 16.84
CA LYS C 125 -35.42 28.83 16.00
C LYS C 125 -35.89 27.41 16.28
N TYR C 126 -35.10 26.60 16.98
CA TYR C 126 -35.41 25.21 17.24
C TYR C 126 -35.61 24.87 18.71
N ALA C 127 -35.39 25.83 19.61
CA ALA C 127 -35.42 25.52 21.04
C ALA C 127 -36.78 25.02 21.54
N PRO C 128 -37.91 25.69 21.26
CA PRO C 128 -39.19 25.12 21.74
C PRO C 128 -39.48 23.74 21.19
N LEU C 129 -39.16 23.50 19.91
CA LEU C 129 -39.37 22.19 19.33
C LEU C 129 -38.51 21.14 20.03
N PHE C 130 -37.25 21.47 20.32
CA PHE C 130 -36.38 20.53 21.01
C PHE C 130 -36.86 20.26 22.43
N TRP C 131 -37.40 21.28 23.09
CA TRP C 131 -37.90 21.07 24.45
C TRP C 131 -39.18 20.25 24.48
N ASN C 132 -40.00 20.35 23.43
CA ASN C 132 -41.30 19.69 23.44
C ASN C 132 -41.31 18.33 22.75
N TYR C 133 -40.34 18.03 21.88
CA TYR C 133 -40.41 16.84 21.06
C TYR C 133 -39.13 16.00 21.03
N GLN C 134 -38.15 16.28 21.87
CA GLN C 134 -36.90 15.52 21.82
C GLN C 134 -37.10 14.04 22.15
N ASP C 135 -38.13 13.70 22.92
CA ASP C 135 -38.42 12.31 23.22
C ASP C 135 -39.24 11.61 22.15
N GLU C 136 -39.89 12.37 21.27
CA GLU C 136 -40.65 11.79 20.16
C GLU C 136 -39.81 11.66 18.90
N TYR C 137 -38.94 12.64 18.62
CA TYR C 137 -38.13 12.64 17.40
C TYR C 137 -36.67 12.93 17.71
N PRO C 138 -35.99 12.09 18.49
CA PRO C 138 -34.58 12.36 18.79
C PRO C 138 -33.69 12.39 17.56
N GLU C 139 -33.94 11.50 16.59
CA GLU C 139 -33.08 11.43 15.40
C GLU C 139 -33.20 12.68 14.54
N VAL C 140 -34.40 13.27 14.49
CA VAL C 140 -34.59 14.49 13.70
C VAL C 140 -33.74 15.63 14.26
N PHE C 141 -33.77 15.80 15.58
CA PHE C 141 -32.98 16.88 16.19
C PHE C 141 -31.49 16.59 16.10
N GLN C 142 -31.09 15.30 16.19
CA GLN C 142 -29.68 14.97 15.98
C GLN C 142 -29.23 15.27 14.55
N GLU C 143 -30.11 15.05 13.57
CA GLU C 143 -29.78 15.36 12.19
C GLU C 143 -29.69 16.86 11.96
N ILE C 144 -30.57 17.63 12.61
CA ILE C 144 -30.68 19.05 12.30
C ILE C 144 -29.64 19.88 13.05
N PHE C 145 -29.19 19.42 14.22
CA PHE C 145 -28.13 20.11 14.97
C PHE C 145 -26.73 19.67 14.53
N SER C 146 -26.58 19.13 13.33
CA SER C 146 -25.30 18.69 12.82
C SER C 146 -24.45 19.88 12.37
N ARG C 147 -23.17 19.59 12.10
CA ARG C 147 -22.26 20.62 11.60
C ARG C 147 -22.73 21.22 10.27
N THR C 148 -23.16 20.36 9.35
CA THR C 148 -23.44 20.78 7.99
C THR C 148 -24.60 21.76 7.89
N THR C 149 -25.53 21.75 8.84
CA THR C 149 -26.60 22.74 8.80
C THR C 149 -26.08 24.14 9.13
N PHE C 150 -25.18 24.25 10.11
CA PHE C 150 -24.55 25.54 10.41
C PHE C 150 -23.66 25.97 9.26
N SER C 151 -22.94 25.03 8.65
CA SER C 151 -22.15 25.37 7.47
C SER C 151 -23.02 25.87 6.33
N ALA C 152 -24.19 25.27 6.14
CA ALA C 152 -25.07 25.66 5.03
C ALA C 152 -25.78 26.97 5.28
N ASN C 153 -25.98 27.34 6.55
CA ASN C 153 -26.85 28.47 6.86
C ASN C 153 -26.15 29.66 7.52
N ILE C 154 -24.86 29.58 7.81
CA ILE C 154 -24.09 30.70 8.35
C ILE C 154 -23.01 31.05 7.34
N ASP C 155 -22.77 32.36 7.18
CA ASP C 155 -21.79 32.83 6.22
C ASP C 155 -20.41 32.24 6.55
N PRO C 156 -19.75 31.58 5.60
CA PRO C 156 -18.43 31.01 5.90
C PRO C 156 -17.41 32.04 6.37
N GLU C 157 -17.53 33.30 5.95
CA GLU C 157 -16.65 34.34 6.45
C GLU C 157 -16.93 34.68 7.90
N VAL C 158 -18.08 34.31 8.44
CA VAL C 158 -18.36 34.44 9.86
C VAL C 158 -17.91 33.20 10.62
N ILE C 159 -18.11 32.02 10.03
CA ILE C 159 -17.65 30.78 10.64
C ILE C 159 -16.14 30.78 10.79
N ALA C 160 -15.43 31.34 9.80
CA ALA C 160 -13.97 31.36 9.84
C ALA C 160 -13.42 32.11 11.04
N LEU C 161 -14.19 33.02 11.62
CA LEU C 161 -13.75 33.73 12.82
C LEU C 161 -13.76 32.84 14.05
N ALA C 162 -14.54 31.76 14.04
CA ALA C 162 -14.64 30.86 15.18
C ALA C 162 -14.03 29.48 14.93
N ALA C 163 -13.78 29.12 13.68
CA ALA C 163 -13.16 27.84 13.38
C ALA C 163 -11.68 27.88 13.76
N VAL C 164 -11.02 26.72 13.60
CA VAL C 164 -9.63 26.60 14.01
C VAL C 164 -8.76 27.55 13.20
N GLN C 165 -7.89 28.28 13.89
CA GLN C 165 -7.01 29.25 13.27
C GLN C 165 -5.63 28.65 13.05
N LEU C 166 -4.95 29.14 12.00
CA LEU C 166 -3.65 28.61 11.63
C LEU C 166 -2.63 28.81 12.75
N GLU C 167 -2.61 30.00 13.35
CA GLU C 167 -1.66 30.28 14.42
C GLU C 167 -1.90 29.44 15.66
N GLY C 168 -3.12 28.96 15.87
CA GLY C 168 -3.44 28.08 16.96
C GLY C 168 -3.46 26.62 16.61
N PHE C 169 -3.14 26.26 15.37
CA PHE C 169 -3.18 24.87 14.90
C PHE C 169 -1.79 24.33 14.59
N VAL C 170 -0.99 25.07 13.84
CA VAL C 170 0.34 24.63 13.44
C VAL C 170 1.34 25.26 14.41
N VAL C 171 1.98 24.41 15.22
CA VAL C 171 3.00 24.89 16.15
C VAL C 171 4.31 25.17 15.43
N ASN C 172 4.81 24.19 14.69
CA ASN C 172 6.05 24.32 13.94
C ASN C 172 5.88 23.67 12.57
N CYS C 173 6.66 24.14 11.61
CA CYS C 173 6.66 23.57 10.27
C CYS C 173 8.06 23.66 9.69
N HIS C 174 8.49 22.59 9.04
CA HIS C 174 9.80 22.57 8.40
C HIS C 174 9.70 21.84 7.06
N TYR C 175 10.36 22.40 6.04
CA TYR C 175 10.43 21.79 4.73
C TYR C 175 11.79 22.10 4.11
N ALA C 176 12.43 21.07 3.55
CA ALA C 176 13.70 21.20 2.83
C ALA C 176 14.73 21.98 3.64
N GLY C 177 14.84 21.63 4.92
CA GLY C 177 15.92 22.14 5.74
C GLY C 177 15.75 23.56 6.24
N HIS C 178 14.58 24.17 6.09
CA HIS C 178 14.35 25.51 6.59
C HIS C 178 12.95 25.64 7.16
N ARG C 179 12.78 26.60 8.06
CA ARG C 179 11.50 26.83 8.71
C ARG C 179 10.48 27.39 7.73
N CYS C 180 9.22 26.99 7.91
CA CYS C 180 8.15 27.50 7.07
C CYS C 180 7.73 28.90 7.51
N ASN C 181 7.20 29.65 6.55
CA ASN C 181 6.61 30.97 6.78
C ASN C 181 5.11 30.74 6.68
N LYS C 182 4.45 30.64 7.84
CA LYS C 182 3.09 30.13 7.89
C LYS C 182 2.12 31.00 7.09
N THR C 183 2.22 32.32 7.22
CA THR C 183 1.29 33.19 6.50
C THR C 183 1.55 33.19 4.99
N ARG C 184 2.72 32.72 4.56
CA ARG C 184 3.05 32.66 3.14
C ARG C 184 2.75 31.31 2.51
N ASP C 185 3.00 30.22 3.24
CA ASP C 185 2.99 28.88 2.67
C ASP C 185 1.70 28.11 2.92
N PHE C 186 0.86 28.54 3.86
CA PHE C 186 -0.41 27.88 4.13
C PHE C 186 -1.55 28.71 3.57
N TYR C 187 -2.47 28.03 2.87
CA TYR C 187 -3.61 28.67 2.23
C TYR C 187 -4.88 28.07 2.80
N ARG C 188 -5.74 28.92 3.36
CA ARG C 188 -6.95 28.47 4.03
C ARG C 188 -8.10 28.26 3.05
N PHE C 189 -8.81 27.15 3.22
CA PHE C 189 -10.02 26.89 2.45
C PHE C 189 -11.06 26.26 3.38
N PHE C 190 -12.33 26.43 3.02
CA PHE C 190 -13.45 26.07 3.88
C PHE C 190 -14.08 24.77 3.40
N ASP C 191 -14.27 23.84 4.35
CA ASP C 191 -14.93 22.57 4.08
C ASP C 191 -16.18 22.46 4.92
N PRO C 192 -17.33 22.08 4.35
CA PRO C 192 -18.59 22.12 5.11
C PRO C 192 -18.62 21.27 6.36
N TYR C 193 -17.75 20.26 6.47
CA TYR C 193 -17.68 19.43 7.67
C TYR C 193 -16.53 19.81 8.60
N TYR C 194 -15.34 20.03 8.05
CA TYR C 194 -14.18 20.39 8.85
C TYR C 194 -14.06 21.88 9.10
N PHE C 195 -14.91 22.69 8.46
CA PHE C 195 -14.79 24.15 8.46
C PHE C 195 -13.43 24.57 7.94
N ASN C 196 -12.59 25.16 8.79
CA ASN C 196 -11.29 25.65 8.35
C ASN C 196 -10.34 24.51 8.05
N CYS C 197 -9.75 24.54 6.85
CA CYS C 197 -8.70 23.63 6.45
C CYS C 197 -7.59 24.44 5.79
N PHE C 198 -6.38 23.89 5.80
CA PHE C 198 -5.20 24.61 5.32
C PHE C 198 -4.42 23.72 4.39
N THR C 199 -4.00 24.28 3.25
CA THR C 199 -3.20 23.57 2.26
C THR C 199 -1.79 24.16 2.27
N TYR C 200 -0.80 23.29 2.43
CA TYR C 200 0.59 23.72 2.39
C TYR C 200 1.13 23.59 0.98
N LYS C 201 1.74 24.67 0.48
CA LYS C 201 2.39 24.69 -0.82
C LYS C 201 3.88 24.87 -0.61
N ALA C 202 4.67 23.98 -1.18
CA ALA C 202 6.10 23.90 -0.86
C ALA C 202 6.84 25.15 -1.32
N HIS C 203 7.86 25.52 -0.55
CA HIS C 203 8.72 26.66 -0.86
C HIS C 203 10.17 26.20 -0.79
N GLU C 204 10.86 26.26 -1.91
CA GLU C 204 12.23 25.79 -2.00
C GLU C 204 13.19 26.81 -1.38
N PRO C 205 14.39 26.37 -1.00
CA PRO C 205 15.38 27.31 -0.47
C PRO C 205 15.72 28.40 -1.47
N THR C 206 15.93 29.61 -0.96
CA THR C 206 16.22 30.76 -1.80
C THR C 206 17.71 30.90 -2.06
N ASP C 210 17.55 31.73 3.38
CA ASP C 210 16.46 32.00 4.30
C ASP C 210 16.99 32.19 5.71
N ASN C 211 18.15 31.56 5.97
CA ASN C 211 18.97 31.66 7.17
C ASN C 211 18.36 30.92 8.36
N LEU C 212 17.17 30.35 8.22
CA LEU C 212 16.58 29.54 9.29
C LEU C 212 16.79 28.06 8.98
N SER C 213 18.06 27.66 9.00
CA SER C 213 18.46 26.31 8.60
C SER C 213 18.17 25.35 9.75
N GLU C 214 17.02 24.69 9.67
CA GLU C 214 16.63 23.70 10.67
C GLU C 214 15.55 22.81 10.08
N GLY C 215 15.40 21.63 10.68
CA GLY C 215 14.32 20.74 10.31
C GLY C 215 14.71 19.66 9.33
N ILE C 216 13.70 18.91 8.90
CA ILE C 216 13.90 17.79 7.97
C ILE C 216 14.39 18.31 6.63
N GLU C 217 15.38 17.63 6.07
CA GLU C 217 15.94 18.01 4.78
C GLU C 217 15.24 17.35 3.60
N ASN C 218 14.71 16.13 3.78
CA ASN C 218 14.17 15.34 2.68
C ASN C 218 12.65 15.31 2.67
N GLY C 219 11.99 16.27 3.30
CA GLY C 219 10.53 16.26 3.29
C GLY C 219 9.93 17.35 4.15
N TRP C 220 8.69 17.12 4.56
CA TRP C 220 7.90 18.09 5.30
C TRP C 220 7.50 17.52 6.65
N SER C 221 7.67 18.32 7.70
CA SER C 221 7.31 17.90 9.05
C SER C 221 6.67 19.06 9.79
N SER C 222 5.64 18.76 10.58
CA SER C 222 4.93 19.79 11.31
C SER C 222 4.35 19.20 12.59
N ILE C 223 4.23 20.06 13.61
CA ILE C 223 3.65 19.69 14.89
C ILE C 223 2.31 20.42 15.01
N LEU C 224 1.25 19.66 15.25
CA LEU C 224 -0.11 20.18 15.20
C LEU C 224 -0.80 19.96 16.53
N LEU C 225 -1.50 20.99 17.01
CA LEU C 225 -2.36 20.87 18.18
C LEU C 225 -3.71 20.33 17.73
N SER C 226 -3.98 19.06 18.03
CA SER C 226 -5.18 18.39 17.54
C SER C 226 -6.08 17.82 18.61
N GLY C 227 -5.64 17.76 19.87
CA GLY C 227 -6.44 17.16 20.91
C GLY C 227 -7.55 18.07 21.39
N SER C 228 -8.46 17.48 22.17
CA SER C 228 -9.59 18.18 22.75
C SER C 228 -9.57 18.13 24.28
N GLY C 229 -8.43 17.93 24.91
CA GLY C 229 -8.40 17.73 26.36
C GLY C 229 -8.55 19.00 27.18
N MET C 230 -8.60 20.15 26.52
CA MET C 230 -8.70 21.45 27.23
C MET C 230 -10.17 21.82 27.38
N LEU C 231 -11.06 21.01 26.80
CA LEU C 231 -12.50 21.34 26.81
C LEU C 231 -13.10 20.91 28.14
N ASP C 232 -14.09 21.65 28.64
CA ASP C 232 -14.70 21.38 29.94
C ASP C 232 -15.38 20.02 29.96
N LYS C 233 -15.32 19.35 31.10
CA LYS C 233 -15.96 18.03 31.25
C LYS C 233 -17.27 18.23 32.02
N ASN C 234 -18.41 18.20 31.33
CA ASN C 234 -19.72 18.41 31.94
C ASN C 234 -20.11 17.21 32.80
N ASP C 235 -20.77 17.49 33.92
CA ASP C 235 -21.22 16.42 34.81
C ASP C 235 -22.46 15.71 34.28
N GLU C 236 -23.17 16.30 33.31
CA GLU C 236 -24.25 15.63 32.62
C GLU C 236 -24.23 16.05 31.16
N ILE C 237 -24.81 15.20 30.31
CA ILE C 237 -24.76 15.39 28.86
C ILE C 237 -25.65 16.57 28.47
N ARG C 238 -25.08 17.48 27.68
CA ARG C 238 -25.80 18.70 27.26
C ARG C 238 -25.76 18.80 25.74
N MET C 239 -26.80 19.35 25.11
CA MET C 239 -26.88 19.54 23.66
C MET C 239 -26.05 20.77 23.27
N LEU C 240 -25.02 20.55 22.47
CA LEU C 240 -24.25 21.63 21.84
C LEU C 240 -24.36 21.49 20.33
N PRO C 241 -25.32 22.15 19.70
CA PRO C 241 -25.51 22.02 18.26
C PRO C 241 -24.29 22.49 17.47
N GLY C 242 -24.14 21.94 16.27
CA GLY C 242 -23.08 22.34 15.36
C GLY C 242 -21.75 21.65 15.56
N LEU C 243 -21.66 20.70 16.49
CA LEU C 243 -20.41 20.01 16.78
C LEU C 243 -20.37 18.58 16.24
N HIS C 244 -21.49 17.85 16.33
CA HIS C 244 -21.51 16.41 16.05
C HIS C 244 -22.32 16.15 14.78
N GLU C 245 -21.70 15.49 13.80
CA GLU C 245 -22.37 15.10 12.56
C GLU C 245 -22.97 13.70 12.76
N TRP C 246 -24.20 13.69 13.30
CA TRP C 246 -24.81 12.46 13.82
C TRP C 246 -24.70 11.29 12.86
N ARG C 247 -23.99 10.25 13.33
CA ARG C 247 -23.84 8.96 12.65
C ARG C 247 -23.18 9.07 11.28
N SER C 248 -22.36 10.10 11.08
CA SER C 248 -21.42 10.10 9.97
C SER C 248 -20.21 9.24 10.31
N ALA C 249 -19.58 8.69 9.28
CA ALA C 249 -18.46 7.77 9.50
C ALA C 249 -17.25 8.45 10.12
N VAL C 250 -17.15 9.78 10.03
CA VAL C 250 -16.06 10.52 10.63
C VAL C 250 -16.48 11.27 11.89
N SER C 251 -17.74 11.15 12.30
CA SER C 251 -18.28 11.95 13.38
C SER C 251 -17.60 11.63 14.71
N ALA C 252 -17.56 12.64 15.58
CA ALA C 252 -16.97 12.53 16.92
C ALA C 252 -15.64 11.80 16.88
N SER C 253 -14.64 12.38 16.22
CA SER C 253 -13.31 11.82 16.14
C SER C 253 -12.28 12.90 16.48
N GLU C 254 -11.15 12.48 17.02
CA GLU C 254 -10.09 13.38 17.46
C GLU C 254 -8.82 13.07 16.67
N GLY C 255 -8.24 14.10 16.07
CA GLY C 255 -7.00 13.93 15.34
C GLY C 255 -6.93 14.91 14.19
N VAL C 256 -6.11 14.55 13.20
CA VAL C 256 -5.87 15.36 12.01
C VAL C 256 -6.21 14.53 10.78
N ARG C 257 -6.88 15.17 9.83
CA ARG C 257 -7.11 14.59 8.51
C ARG C 257 -6.07 15.15 7.56
N VAL C 258 -5.27 14.25 6.97
CA VAL C 258 -4.14 14.65 6.13
C VAL C 258 -4.40 14.14 4.71
N VAL C 259 -4.32 15.04 3.74
CA VAL C 259 -4.54 14.71 2.34
C VAL C 259 -3.27 15.05 1.57
N ILE C 260 -2.72 14.08 0.87
CA ILE C 260 -1.59 14.27 -0.03
C ILE C 260 -2.10 14.20 -1.46
N HIS C 261 -1.99 15.31 -2.18
CA HIS C 261 -2.59 15.44 -3.49
C HIS C 261 -1.67 16.29 -4.37
N PRO C 262 -1.82 16.22 -5.68
CA PRO C 262 -0.95 17.00 -6.58
C PRO C 262 -1.10 18.49 -6.34
N PRO C 263 -0.08 19.28 -6.71
CA PRO C 263 -0.01 20.68 -6.25
C PRO C 263 -1.25 21.54 -6.48
N SER C 264 -1.65 21.71 -7.73
CA SER C 264 -2.73 22.64 -8.07
C SER C 264 -4.07 21.92 -8.21
N THR C 265 -4.45 21.21 -7.14
CA THR C 265 -5.68 20.42 -7.14
C THR C 265 -6.47 20.69 -5.86
N THR C 266 -7.78 20.56 -5.97
CA THR C 266 -8.65 20.75 -4.81
C THR C 266 -8.75 19.46 -4.02
N PRO C 267 -8.44 19.48 -2.72
CA PRO C 267 -8.60 18.28 -1.90
C PRO C 267 -10.04 18.07 -1.48
N TYR C 268 -10.36 16.81 -1.18
CA TYR C 268 -11.69 16.41 -0.75
C TYR C 268 -11.55 15.59 0.53
N PRO C 269 -11.28 16.23 1.66
CA PRO C 269 -10.91 15.49 2.88
C PRO C 269 -11.99 14.54 3.36
N PHE C 270 -13.25 14.74 2.97
CA PHE C 270 -14.32 13.88 3.46
C PHE C 270 -14.28 12.48 2.87
N THR C 271 -13.64 12.30 1.72
CA THR C 271 -13.57 10.99 1.07
C THR C 271 -12.17 10.57 0.68
N GLU C 272 -11.15 11.38 0.91
CA GLU C 272 -9.77 10.98 0.66
C GLU C 272 -8.90 11.50 1.80
N GLY C 273 -7.72 10.90 1.94
CA GLY C 273 -6.76 11.31 2.93
C GLY C 273 -6.55 10.24 4.00
N TYR C 274 -5.72 10.60 4.97
CA TYR C 274 -5.37 9.65 6.02
C TYR C 274 -5.65 10.28 7.38
N ASP C 275 -5.86 9.47 8.39
CA ASP C 275 -6.14 9.89 9.75
C ASP C 275 -4.89 9.80 10.62
N VAL C 276 -4.77 10.73 11.56
CA VAL C 276 -3.68 10.75 12.53
C VAL C 276 -4.25 11.05 13.90
N PRO C 277 -3.99 10.23 14.91
CA PRO C 277 -4.53 10.51 16.24
C PRO C 277 -3.64 11.45 17.03
N PRO C 278 -4.19 12.20 17.98
CA PRO C 278 -3.35 13.04 18.83
C PRO C 278 -2.46 12.20 19.73
N GLY C 279 -1.28 12.74 20.05
CA GLY C 279 -0.32 12.01 20.84
C GLY C 279 0.57 11.07 20.05
N PHE C 280 0.44 11.04 18.72
CA PHE C 280 1.21 10.15 17.87
C PHE C 280 1.98 10.95 16.82
N SER C 281 3.07 10.35 16.35
CA SER C 281 3.84 10.87 15.23
C SER C 281 3.61 9.97 14.02
N ALA C 282 3.12 10.55 12.93
CA ALA C 282 2.75 9.80 11.74
C ALA C 282 3.78 10.01 10.65
N SER C 283 4.30 8.90 10.11
CA SER C 283 5.25 8.93 9.01
C SER C 283 4.53 8.60 7.71
N PHE C 284 4.67 9.47 6.72
CA PHE C 284 4.05 9.30 5.41
C PHE C 284 5.14 9.14 4.37
N GLY C 285 5.39 7.91 3.95
CA GLY C 285 6.38 7.64 2.91
C GLY C 285 5.76 7.62 1.52
N ILE C 286 6.04 8.65 0.73
CA ILE C 286 5.40 8.82 -0.57
C ILE C 286 6.21 8.07 -1.62
N HIS C 287 5.51 7.27 -2.44
CA HIS C 287 6.08 6.72 -3.65
C HIS C 287 5.35 7.31 -4.84
N PRO C 288 5.94 8.24 -5.58
CA PRO C 288 5.21 8.91 -6.67
C PRO C 288 4.98 7.99 -7.86
N ARG C 289 3.83 8.17 -8.49
CA ARG C 289 3.46 7.46 -9.71
C ARG C 289 3.04 8.46 -10.77
N ARG C 290 3.22 8.08 -12.04
CA ARG C 290 2.76 8.89 -13.16
C ARG C 290 2.11 7.97 -14.19
N ASN C 291 0.88 8.29 -14.58
CA ASN C 291 0.13 7.52 -15.55
C ASN C 291 -0.15 8.38 -16.78
N ILE C 292 0.23 7.86 -17.95
CA ILE C 292 0.02 8.54 -19.22
C ILE C 292 -0.92 7.68 -20.07
N ARG C 293 -1.94 8.31 -20.66
CA ARG C 293 -3.02 7.59 -21.30
C ARG C 293 -3.25 8.12 -22.71
N ILE C 294 -4.05 7.37 -23.48
CA ILE C 294 -4.25 7.62 -24.90
C ILE C 294 -5.74 7.90 -25.13
N GLY C 295 -6.04 8.53 -26.27
CA GLY C 295 -7.33 9.11 -26.52
C GLY C 295 -8.41 8.16 -27.00
N PRO C 296 -9.38 8.70 -27.74
CA PRO C 296 -10.69 8.03 -27.93
C PRO C 296 -10.58 6.66 -28.59
N PRO C 297 -9.88 6.49 -29.72
CA PRO C 297 -9.93 5.17 -30.37
C PRO C 297 -9.32 4.07 -29.54
N HIS C 298 -8.25 4.36 -28.79
CA HIS C 298 -7.59 3.35 -27.99
C HIS C 298 -8.10 3.30 -26.56
N GLY C 299 -8.60 4.41 -26.03
CA GLY C 299 -9.12 4.45 -24.69
C GLY C 299 -10.03 5.63 -24.48
N ASN C 300 -10.15 6.05 -23.23
CA ASN C 300 -10.75 7.33 -22.88
C ASN C 300 -9.87 8.04 -21.87
N CYS C 301 -9.57 9.31 -22.14
CA CYS C 301 -8.92 10.18 -21.16
C CYS C 301 -9.29 11.61 -21.49
N SER C 302 -9.29 12.47 -20.47
CA SER C 302 -9.62 13.87 -20.62
C SER C 302 -8.58 14.73 -19.93
N ASP C 303 -8.36 15.93 -20.46
CA ASP C 303 -7.44 16.90 -19.87
C ASP C 303 -8.15 17.98 -19.06
N LYS C 304 -9.47 18.00 -19.04
CA LYS C 304 -10.22 19.02 -18.35
C LYS C 304 -11.52 18.44 -17.81
N ASN C 305 -12.07 19.12 -16.80
CA ASN C 305 -13.31 18.67 -16.15
C ASN C 305 -14.50 19.19 -16.94
N PRO C 306 -15.43 18.33 -17.37
CA PRO C 306 -16.60 18.83 -18.11
C PRO C 306 -17.46 19.80 -17.32
N PHE C 307 -17.48 19.70 -15.99
CA PHE C 307 -18.33 20.55 -15.17
C PHE C 307 -17.63 21.79 -14.65
N GLY C 308 -16.32 21.91 -14.83
CA GLY C 308 -15.55 22.96 -14.19
C GLY C 308 -15.25 24.15 -15.11
N ASP C 309 -14.68 25.19 -14.50
CA ASP C 309 -14.24 26.37 -15.22
C ASP C 309 -12.83 26.24 -15.80
N GLY C 310 -12.11 25.18 -15.45
CA GLY C 310 -10.79 24.93 -16.00
C GLY C 310 -9.63 25.52 -15.23
N THR C 311 -9.88 26.14 -14.06
CA THR C 311 -8.77 26.68 -13.28
C THR C 311 -8.00 25.59 -12.55
N GLU C 312 -8.65 24.47 -12.23
CA GLU C 312 -8.03 23.40 -11.47
C GLU C 312 -7.28 22.44 -12.39
N ARG C 313 -6.28 21.77 -11.82
CA ARG C 313 -5.67 20.63 -12.48
C ARG C 313 -6.60 19.43 -12.34
N TYR C 314 -6.83 18.73 -13.44
CA TYR C 314 -7.95 17.79 -13.54
C TYR C 314 -7.72 16.55 -12.71
N ARG C 315 -8.74 16.16 -11.95
CA ARG C 315 -8.80 14.87 -11.27
C ARG C 315 -10.18 14.27 -11.48
N LEU C 316 -10.23 12.95 -11.68
CA LEU C 316 -11.48 12.26 -11.96
C LEU C 316 -12.46 12.40 -10.80
N MET C 317 -11.94 12.46 -9.56
CA MET C 317 -12.79 12.58 -8.38
C MET C 317 -13.70 13.79 -8.46
N ALA C 318 -13.16 14.92 -8.90
CA ALA C 318 -13.97 16.14 -9.03
C ALA C 318 -15.09 15.94 -10.03
N CYS C 319 -14.80 15.33 -11.17
CA CYS C 319 -15.82 15.10 -12.18
C CYS C 319 -16.93 14.22 -11.64
N GLN C 320 -16.57 13.13 -10.94
CA GLN C 320 -17.59 12.24 -10.40
C GLN C 320 -18.43 12.93 -9.32
N LYS C 321 -17.78 13.74 -8.47
CA LYS C 321 -18.53 14.44 -7.43
C LYS C 321 -19.50 15.45 -8.04
N MET C 322 -19.08 16.18 -9.06
CA MET C 322 -19.99 17.13 -9.69
C MET C 322 -21.10 16.42 -10.47
N CYS C 323 -20.83 15.23 -11.00
CA CYS C 323 -21.90 14.43 -11.59
C CYS C 323 -22.95 14.06 -10.55
N MET C 324 -22.48 13.62 -9.37
CA MET C 324 -23.40 13.33 -8.28
C MET C 324 -24.21 14.55 -7.90
N GLN C 325 -23.56 15.72 -7.81
CA GLN C 325 -24.27 16.94 -7.48
C GLN C 325 -25.30 17.29 -8.56
N HIS C 326 -24.94 17.08 -9.83
CA HIS C 326 -25.88 17.32 -10.92
C HIS C 326 -27.15 16.49 -10.74
N TYR C 327 -26.99 15.19 -10.49
CA TYR C 327 -28.17 14.34 -10.34
C TYR C 327 -28.96 14.68 -9.07
N ILE C 328 -28.26 15.04 -7.99
CA ILE C 328 -28.96 15.44 -6.77
C ILE C 328 -29.81 16.69 -7.02
N VAL C 329 -29.24 17.68 -7.71
CA VAL C 329 -29.98 18.90 -8.01
C VAL C 329 -31.15 18.60 -8.93
N GLU C 330 -30.95 17.69 -9.89
CA GLU C 330 -32.04 17.34 -10.79
C GLU C 330 -33.20 16.69 -10.05
N THR C 331 -32.91 15.78 -9.13
CA THR C 331 -33.99 15.03 -8.50
C THR C 331 -34.61 15.80 -7.34
N CYS C 332 -33.80 16.21 -6.36
CA CYS C 332 -34.34 16.83 -5.15
C CYS C 332 -34.60 18.32 -5.28
N GLY C 333 -34.07 18.97 -6.32
CA GLY C 333 -34.23 20.40 -6.47
C GLY C 333 -33.37 21.22 -5.56
N CYS C 334 -32.34 20.63 -4.97
CA CYS C 334 -31.45 21.35 -4.06
C CYS C 334 -30.08 20.68 -4.08
N ALA C 335 -29.08 21.40 -3.58
CA ALA C 335 -27.70 20.97 -3.62
C ALA C 335 -27.24 20.48 -2.25
N ASP C 336 -26.30 19.53 -2.27
CA ASP C 336 -25.73 18.98 -1.04
C ASP C 336 -24.46 19.74 -0.69
N VAL C 337 -24.34 20.11 0.59
CA VAL C 337 -23.15 20.82 1.05
C VAL C 337 -21.91 19.93 1.00
N GLY C 338 -22.08 18.62 1.04
CA GLY C 338 -20.95 17.71 0.98
C GLY C 338 -20.32 17.55 -0.39
N LEU C 339 -20.84 18.24 -1.40
CA LEU C 339 -20.32 18.19 -2.75
C LEU C 339 -20.18 19.61 -3.29
N PRO C 340 -19.29 19.82 -4.26
CA PRO C 340 -19.14 21.16 -4.83
C PRO C 340 -20.42 21.64 -5.49
N LYS C 341 -20.67 22.94 -5.39
CA LYS C 341 -21.77 23.55 -6.13
C LYS C 341 -21.34 23.76 -7.57
N LEU C 342 -22.25 23.47 -8.49
CA LEU C 342 -21.91 23.49 -9.91
C LEU C 342 -21.57 24.90 -10.36
N PRO C 343 -20.44 25.11 -11.03
CA PRO C 343 -20.12 26.44 -11.56
C PRO C 343 -21.12 26.94 -12.59
N LEU C 344 -22.03 26.09 -13.06
CA LEU C 344 -23.08 26.63 -13.96
C LEU C 344 -24.02 27.55 -13.16
N GLN C 345 -24.89 26.99 -12.32
CA GLN C 345 -25.89 27.79 -11.56
C GLN C 345 -25.50 27.89 -10.08
N ALA C 346 -25.80 29.02 -9.44
CA ALA C 346 -25.42 29.25 -8.02
C ALA C 346 -26.63 29.74 -7.26
N ASN C 347 -27.74 29.95 -7.96
CA ASN C 347 -29.00 30.33 -7.28
C ASN C 347 -29.63 29.06 -6.71
N ILE C 348 -28.99 27.91 -6.90
CA ILE C 348 -29.52 26.64 -6.30
C ILE C 348 -29.31 26.71 -4.80
N SER C 349 -30.35 26.43 -4.04
CA SER C 349 -30.29 26.43 -2.58
C SER C 349 -29.76 25.10 -2.06
N TRP C 350 -29.11 25.15 -0.90
CA TRP C 350 -28.73 23.95 -0.20
C TRP C 350 -29.97 23.20 0.30
N CYS C 351 -29.86 21.88 0.37
CA CYS C 351 -30.96 21.09 0.90
C CYS C 351 -31.18 21.32 2.39
N ARG C 352 -30.13 21.72 3.11
CA ARG C 352 -30.19 21.94 4.54
C ARG C 352 -30.53 23.38 4.91
N ASP C 353 -30.89 24.21 3.95
CA ASP C 353 -31.23 25.60 4.23
C ASP C 353 -32.50 25.68 5.07
N ASP C 354 -32.53 26.63 6.00
CA ASP C 354 -33.69 26.78 6.88
C ASP C 354 -34.07 28.23 7.11
N ASP C 355 -33.78 29.11 6.14
CA ASP C 355 -34.24 30.49 6.23
C ASP C 355 -35.76 30.59 6.12
N ASN C 356 -36.44 29.51 5.73
CA ASN C 356 -37.89 29.51 5.69
C ASN C 356 -38.51 29.57 7.08
N PHE C 357 -37.76 29.26 8.13
CA PHE C 357 -38.33 29.14 9.46
C PHE C 357 -38.80 30.52 9.98
N PRO C 358 -40.06 30.65 10.35
CA PRO C 358 -40.55 31.91 10.92
C PRO C 358 -39.88 32.23 12.25
N ASP C 359 -39.96 33.50 12.63
CA ASP C 359 -39.42 33.90 13.93
C ASP C 359 -40.35 33.51 15.09
N GLU C 360 -41.63 33.23 14.82
CA GLU C 360 -42.49 32.71 15.89
C GLU C 360 -42.04 31.34 16.38
N CYS C 361 -41.32 30.56 15.57
CA CYS C 361 -40.81 29.29 16.07
C CYS C 361 -39.80 29.46 17.20
N MET C 362 -39.28 30.67 17.38
CA MET C 362 -38.42 30.98 18.51
C MET C 362 -39.19 31.09 19.83
N PHE C 363 -40.52 31.17 19.76
CA PHE C 363 -41.35 31.36 20.94
C PHE C 363 -42.36 30.23 21.17
N THR C 364 -42.82 29.55 20.13
CA THR C 364 -43.86 28.53 20.26
C THR C 364 -43.50 27.29 19.46
N ALA C 365 -43.91 26.13 19.97
CA ALA C 365 -43.72 24.84 19.30
C ALA C 365 -44.98 24.46 18.53
N SER C 366 -45.35 25.30 17.58
CA SER C 366 -46.58 25.14 16.82
C SER C 366 -46.44 24.02 15.78
N GLU C 367 -47.58 23.57 15.27
CA GLU C 367 -47.58 22.52 14.25
C GLU C 367 -46.92 22.96 12.95
N GLU C 368 -47.05 24.24 12.59
CA GLU C 368 -46.37 24.73 11.39
C GLU C 368 -44.86 24.59 11.50
N CYS C 369 -44.31 24.94 12.67
CA CYS C 369 -42.87 24.80 12.89
C CYS C 369 -42.46 23.33 12.81
N LEU C 370 -43.27 22.44 13.38
CA LEU C 370 -42.95 21.01 13.34
C LEU C 370 -43.01 20.47 11.92
N GLN C 371 -44.00 20.90 11.14
CA GLN C 371 -44.09 20.49 9.74
C GLN C 371 -42.90 20.99 8.94
N LEU C 372 -42.45 22.22 9.19
CA LEU C 372 -41.25 22.72 8.54
C LEU C 372 -40.01 21.90 8.92
N LEU C 373 -39.93 21.52 10.19
CA LEU C 373 -38.85 20.65 10.65
C LEU C 373 -38.85 19.34 9.89
N MET C 374 -40.03 18.73 9.74
CA MET C 374 -40.14 17.46 9.03
C MET C 374 -39.82 17.62 7.55
N GLN C 375 -40.20 18.76 6.96
CA GLN C 375 -39.89 19.01 5.55
C GLN C 375 -38.38 19.13 5.32
N LEU C 376 -37.69 19.82 6.23
CA LEU C 376 -36.23 19.87 6.15
C LEU C 376 -35.63 18.48 6.27
N HIS C 377 -36.14 17.68 7.22
CA HIS C 377 -35.69 16.30 7.34
C HIS C 377 -35.90 15.52 6.04
N ASN C 378 -37.05 15.72 5.39
CA ASN C 378 -37.34 15.00 4.16
C ASN C 378 -36.41 15.42 3.04
N ARG C 379 -36.09 16.71 2.95
CA ARG C 379 -35.12 17.17 1.95
C ARG C 379 -33.76 16.50 2.17
N ILE C 380 -33.32 16.45 3.43
CA ILE C 380 -32.05 15.79 3.74
C ILE C 380 -32.10 14.33 3.31
N LYS C 381 -33.22 13.65 3.58
CA LYS C 381 -33.34 12.24 3.21
C LYS C 381 -33.31 12.06 1.69
N CYS C 382 -33.96 12.95 0.94
CA CYS C 382 -33.90 12.89 -0.52
C CYS C 382 -32.46 12.98 -1.00
N ALA C 383 -31.72 13.98 -0.48
CA ALA C 383 -30.34 14.15 -0.90
C ALA C 383 -29.51 12.92 -0.58
N ARG C 384 -29.68 12.37 0.63
CA ARG C 384 -28.91 11.19 1.04
C ARG C 384 -29.24 9.98 0.18
N SER C 385 -30.51 9.79 -0.15
CA SER C 385 -30.93 8.67 -0.98
C SER C 385 -30.30 8.76 -2.37
N ILE C 386 -30.32 9.95 -2.96
CA ILE C 386 -29.69 10.11 -4.27
C ILE C 386 -28.20 9.85 -4.19
N LYS C 387 -27.54 10.38 -3.14
CA LYS C 387 -26.11 10.14 -2.97
C LYS C 387 -25.80 8.66 -2.87
N SER C 388 -26.62 7.91 -2.14
CA SER C 388 -26.37 6.49 -1.97
C SER C 388 -26.63 5.69 -3.23
N LYS C 389 -27.64 6.08 -4.02
CA LYS C 389 -28.01 5.24 -5.15
C LYS C 389 -27.26 5.56 -6.44
N ILE C 390 -26.95 6.83 -6.69
CA ILE C 390 -26.61 7.24 -8.05
C ILE C 390 -25.31 6.59 -8.54
N THR C 391 -24.34 6.35 -7.65
CA THR C 391 -23.05 5.85 -8.11
C THR C 391 -23.09 4.38 -8.53
N LYS C 392 -24.14 3.65 -8.19
CA LYS C 392 -24.31 2.29 -8.67
C LYS C 392 -24.95 2.24 -10.05
N ASN C 393 -25.42 3.38 -10.55
CA ASN C 393 -26.21 3.46 -11.78
C ASN C 393 -25.25 3.79 -12.91
N THR C 394 -24.83 2.76 -13.64
CA THR C 394 -23.78 2.92 -14.65
C THR C 394 -24.23 3.84 -15.79
N THR C 395 -25.52 3.85 -16.10
CA THR C 395 -26.02 4.73 -17.15
C THR C 395 -25.80 6.19 -16.79
N ALA C 396 -26.23 6.59 -15.59
CA ALA C 396 -26.08 7.97 -15.16
C ALA C 396 -24.61 8.36 -15.05
N MET C 397 -23.77 7.46 -14.55
CA MET C 397 -22.35 7.76 -14.38
C MET C 397 -21.64 7.86 -15.73
N GLU C 398 -22.01 7.02 -16.70
CA GLU C 398 -21.40 7.12 -18.01
C GLU C 398 -21.93 8.29 -18.82
N ALA C 399 -23.13 8.78 -18.49
CA ALA C 399 -23.66 9.96 -19.17
C ALA C 399 -22.88 11.22 -18.85
N CYS C 400 -22.14 11.24 -17.74
CA CYS C 400 -21.39 12.43 -17.34
C CYS C 400 -20.03 12.55 -18.01
N ASN C 401 -19.62 11.53 -18.76
CA ASN C 401 -18.37 11.58 -19.54
C ASN C 401 -17.15 11.86 -18.66
N CYS C 402 -17.14 11.28 -17.46
CA CYS C 402 -15.99 11.40 -16.57
C CYS C 402 -14.97 10.34 -16.95
N PHE C 403 -13.79 10.78 -17.39
CA PHE C 403 -12.72 9.91 -17.81
C PHE C 403 -11.43 10.24 -17.04
N PRO C 404 -10.54 9.27 -16.87
CA PRO C 404 -9.31 9.53 -16.11
C PRO C 404 -8.41 10.51 -16.84
N PRO C 405 -7.56 11.23 -16.11
CA PRO C 405 -6.69 12.22 -16.76
C PRO C 405 -5.70 11.57 -17.71
N CYS C 406 -5.34 12.30 -18.76
CA CYS C 406 -4.40 11.81 -19.75
C CYS C 406 -2.96 11.82 -19.25
N ASP C 407 -2.66 12.62 -18.23
CA ASP C 407 -1.33 12.66 -17.64
C ASP C 407 -1.52 12.90 -16.14
N GLU C 408 -1.50 11.82 -15.37
CA GLU C 408 -1.89 11.84 -13.97
C GLU C 408 -0.71 11.52 -13.08
N VAL C 409 -0.53 12.30 -12.02
CA VAL C 409 0.46 12.04 -10.98
C VAL C 409 -0.27 11.54 -9.75
N SER C 410 0.17 10.42 -9.20
CA SER C 410 -0.47 9.78 -8.06
C SER C 410 0.60 9.38 -7.05
N TYR C 411 0.17 9.11 -5.83
CA TYR C 411 1.09 8.83 -4.73
C TYR C 411 0.61 7.60 -3.95
N ASP C 412 1.54 6.68 -3.69
CA ASP C 412 1.32 5.58 -2.76
C ASP C 412 2.06 5.91 -1.47
N VAL C 413 1.34 5.87 -0.35
CA VAL C 413 1.83 6.42 0.91
C VAL C 413 1.96 5.28 1.92
N SER C 414 3.16 5.10 2.46
CA SER C 414 3.36 4.24 3.62
C SER C 414 2.93 4.97 4.87
N TYR C 415 2.24 4.24 5.76
CA TYR C 415 1.65 4.84 6.96
C TYR C 415 2.09 4.08 8.19
N SER C 416 2.58 4.80 9.19
CA SER C 416 3.01 4.20 10.44
C SER C 416 2.93 5.25 11.54
N LEU C 417 2.86 4.79 12.78
CA LEU C 417 2.65 5.65 13.93
C LEU C 417 3.65 5.35 15.03
N SER C 418 4.06 6.39 15.75
CA SER C 418 4.80 6.26 17.00
C SER C 418 4.21 7.22 18.02
N LYS C 419 4.32 6.85 19.29
CA LYS C 419 3.89 7.72 20.37
C LYS C 419 4.87 8.89 20.45
N TRP C 420 4.42 10.08 20.03
CA TRP C 420 5.40 11.13 19.79
C TRP C 420 6.03 11.59 21.11
N PRO C 421 5.32 12.26 22.03
CA PRO C 421 6.04 12.80 23.20
C PRO C 421 6.43 11.68 24.14
N SER C 422 7.70 11.28 24.08
CA SER C 422 8.15 10.14 24.87
C SER C 422 8.17 10.49 26.35
N ALA C 423 7.85 9.50 27.17
CA ALA C 423 7.88 9.71 28.62
C ALA C 423 9.31 9.97 29.06
N GLY C 424 9.47 10.92 29.98
CA GLY C 424 10.78 11.24 30.50
C GLY C 424 11.49 12.41 29.84
N TYR C 425 12.81 12.25 29.67
CA TYR C 425 13.68 13.39 29.37
C TYR C 425 13.42 13.96 27.98
N GLU C 426 13.25 13.09 26.98
CA GLU C 426 12.98 13.58 25.63
C GLU C 426 11.64 14.30 25.55
N GLY C 427 10.66 13.86 26.32
CA GLY C 427 9.42 14.61 26.41
C GLY C 427 9.63 15.99 27.03
N ASP C 428 10.52 16.07 28.02
CA ASP C 428 10.87 17.38 28.58
C ASP C 428 11.49 18.28 27.51
N ALA C 429 12.38 17.71 26.70
CA ALA C 429 13.00 18.48 25.62
C ALA C 429 11.96 18.95 24.61
N ALA C 430 11.03 18.08 24.25
CA ALA C 430 9.97 18.46 23.32
C ALA C 430 9.11 19.58 23.88
N TYR C 431 8.73 19.46 25.16
CA TYR C 431 7.92 20.50 25.80
C TYR C 431 8.67 21.82 25.81
N PHE C 432 9.97 21.79 26.13
CA PHE C 432 10.74 23.02 26.14
C PHE C 432 10.85 23.61 24.74
N ASP C 433 10.96 22.76 23.72
CA ASP C 433 11.00 23.25 22.35
C ASP C 433 9.69 23.95 21.98
N VAL C 434 8.56 23.37 22.38
CA VAL C 434 7.27 23.95 22.02
C VAL C 434 7.01 25.22 22.81
N PHE C 435 7.22 25.17 24.13
CA PHE C 435 6.78 26.25 25.01
C PHE C 435 7.90 27.15 25.51
N GLY C 436 9.15 26.72 25.41
CA GLY C 436 10.25 27.56 25.87
C GLY C 436 10.94 28.30 24.74
N ILE C 437 11.21 27.60 23.64
CA ILE C 437 11.90 28.20 22.50
C ILE C 437 10.92 28.80 21.51
N GLU C 438 9.95 28.02 21.06
CA GLU C 438 8.96 28.53 20.10
C GLU C 438 7.97 29.47 20.77
N LYS C 439 7.71 29.28 22.07
CA LYS C 439 6.80 30.14 22.84
C LYS C 439 5.39 30.12 22.25
N PHE C 440 4.80 28.92 22.25
CA PHE C 440 3.51 28.71 21.61
C PHE C 440 2.40 29.52 22.28
N ASN C 441 2.41 29.56 23.61
CA ASN C 441 1.33 30.24 24.34
C ASN C 441 1.33 31.74 24.05
N GLU C 442 2.50 32.37 23.94
CA GLU C 442 2.59 33.82 23.78
C GLU C 442 2.01 34.31 22.47
N ARG C 443 1.64 33.41 21.55
CA ARG C 443 0.90 33.84 20.36
C ARG C 443 -0.45 34.43 20.75
N PHE C 444 -1.01 34.00 21.87
CA PHE C 444 -2.35 34.37 22.29
C PHE C 444 -2.36 35.49 23.33
N ASN C 445 -1.19 36.05 23.66
CA ASN C 445 -1.10 37.15 24.61
C ASN C 445 -1.48 38.47 23.93
N LYS C 446 -2.72 38.51 23.44
CA LYS C 446 -3.23 39.65 22.70
C LYS C 446 -4.61 40.00 23.21
N THR C 447 -5.01 41.26 23.00
CA THR C 447 -6.25 41.76 23.57
C THR C 447 -7.47 40.97 23.09
N GLY C 448 -7.44 40.48 21.85
CA GLY C 448 -8.55 39.73 21.30
C GLY C 448 -8.53 38.24 21.56
N THR C 449 -7.52 37.72 22.27
CA THR C 449 -7.37 36.29 22.45
C THR C 449 -6.90 35.95 23.87
N GLN C 450 -7.11 36.85 24.85
CA GLN C 450 -6.52 36.67 26.16
C GLN C 450 -7.09 35.45 26.89
N GLY C 451 -8.40 35.22 26.75
CA GLY C 451 -9.00 34.07 27.39
C GLY C 451 -8.36 32.76 27.00
N LYS C 452 -8.08 32.59 25.71
CA LYS C 452 -7.36 31.42 25.25
C LYS C 452 -5.97 31.35 25.83
N TYR C 453 -5.33 32.52 26.02
CA TYR C 453 -4.02 32.56 26.66
C TYR C 453 -4.08 32.00 28.07
N GLU C 454 -5.08 32.42 28.85
CA GLU C 454 -5.20 31.90 30.21
C GLU C 454 -5.50 30.40 30.19
N LEU C 455 -6.37 29.97 29.28
CA LEU C 455 -6.69 28.54 29.17
C LEU C 455 -5.44 27.71 28.90
N PHE C 456 -4.63 28.13 27.91
CA PHE C 456 -3.44 27.37 27.57
C PHE C 456 -2.38 27.48 28.66
N THR C 457 -2.29 28.62 29.35
CA THR C 457 -1.35 28.76 30.45
C THR C 457 -1.68 27.78 31.57
N LYS C 458 -2.96 27.62 31.89
CA LYS C 458 -3.34 26.65 32.92
C LYS C 458 -3.14 25.22 32.43
N TYR C 459 -3.56 24.93 31.19
CA TYR C 459 -3.56 23.54 30.74
C TYR C 459 -2.15 23.01 30.50
N PHE C 460 -1.28 23.82 29.91
CA PHE C 460 0.05 23.39 29.50
C PHE C 460 1.15 23.79 30.47
N ASN C 461 0.86 23.84 31.76
CA ASN C 461 1.92 24.12 32.73
C ASN C 461 2.89 22.96 32.82
N VAL C 462 4.06 23.23 33.42
CA VAL C 462 5.17 22.28 33.40
C VAL C 462 4.79 20.99 34.11
N SER C 463 4.02 21.09 35.21
CA SER C 463 3.69 19.91 36.00
C SER C 463 2.82 18.93 35.23
N ASN C 464 1.87 19.43 34.45
CA ASN C 464 0.90 18.61 33.74
C ASN C 464 1.36 18.25 32.32
N ARG C 465 2.66 18.31 32.05
CA ARG C 465 3.13 18.15 30.68
C ARG C 465 2.91 16.73 30.15
N GLU C 466 3.12 15.71 30.99
CA GLU C 466 3.01 14.33 30.51
C GLU C 466 1.63 14.04 29.96
N GLU C 467 0.59 14.64 30.54
CA GLU C 467 -0.77 14.46 30.04
C GLU C 467 -1.13 15.45 28.95
N SER C 468 -0.73 16.72 29.11
CA SER C 468 -1.16 17.76 28.20
C SER C 468 -0.50 17.64 26.83
N MET C 469 0.75 17.15 26.78
CA MET C 469 1.42 17.02 25.48
C MET C 469 0.76 15.98 24.58
N LYS C 470 -0.11 15.14 25.11
CA LYS C 470 -0.82 14.17 24.29
C LYS C 470 -1.79 14.83 23.31
N ASP C 471 -2.11 16.11 23.49
CA ASP C 471 -2.99 16.81 22.57
C ASP C 471 -2.30 17.21 21.27
N PHE C 472 -0.98 17.12 21.20
CA PHE C 472 -0.24 17.43 20.00
C PHE C 472 -0.01 16.18 19.16
N ALA C 473 0.09 16.38 17.85
CA ALA C 473 0.46 15.32 16.92
C ALA C 473 1.48 15.86 15.93
N ARG C 474 2.40 15.01 15.50
CA ARG C 474 3.41 15.38 14.53
C ARG C 474 3.18 14.60 13.24
N LEU C 475 3.30 15.31 12.12
CA LEU C 475 3.25 14.71 10.80
C LEU C 475 4.64 14.76 10.17
N ASN C 476 5.06 13.64 9.59
CA ASN C 476 6.36 13.54 8.92
C ASN C 476 6.09 13.00 7.52
N VAL C 477 6.13 13.89 6.53
CA VAL C 477 5.78 13.57 5.16
C VAL C 477 7.04 13.70 4.31
N TYR C 478 7.43 12.61 3.65
CA TYR C 478 8.66 12.59 2.90
C TYR C 478 8.50 11.67 1.69
N ILE C 479 9.36 11.88 0.70
CA ILE C 479 9.38 11.05 -0.50
C ILE C 479 10.28 9.86 -0.23
N ALA C 480 9.72 8.65 -0.33
CA ALA C 480 10.48 7.45 0.01
C ALA C 480 11.44 7.05 -1.10
N ASP C 481 10.97 7.04 -2.34
CA ASP C 481 11.78 6.67 -3.49
C ASP C 481 11.83 7.85 -4.47
N SER C 482 13.04 8.27 -4.82
CA SER C 482 13.20 9.46 -5.65
C SER C 482 12.71 9.24 -7.07
N ASN C 483 12.79 8.00 -7.56
CA ASN C 483 12.39 7.70 -8.94
C ASN C 483 10.88 7.50 -9.02
N VAL C 484 10.31 7.90 -10.14
CA VAL C 484 8.87 7.83 -10.37
C VAL C 484 8.53 6.56 -11.13
N VAL C 485 7.53 5.83 -10.64
CA VAL C 485 7.01 4.66 -11.34
C VAL C 485 6.05 5.16 -12.41
N LYS C 486 6.47 5.08 -13.67
CA LYS C 486 5.69 5.62 -14.77
C LYS C 486 4.96 4.49 -15.49
N THR C 487 3.65 4.62 -15.62
CA THR C 487 2.82 3.70 -16.39
C THR C 487 2.29 4.45 -17.60
N GLN C 488 2.74 4.05 -18.79
CA GLN C 488 2.46 4.78 -20.02
C GLN C 488 1.70 3.88 -20.99
N GLU C 489 0.54 4.35 -21.44
CA GLU C 489 -0.18 3.67 -22.51
C GLU C 489 0.40 4.06 -23.87
N SER C 490 0.36 3.10 -24.80
CA SER C 490 0.75 3.36 -26.18
C SER C 490 -0.05 2.43 -27.08
N GLU C 491 -0.17 2.81 -28.34
CA GLU C 491 -0.94 2.01 -29.29
C GLU C 491 -0.15 0.77 -29.68
N ASP C 492 -0.79 -0.39 -29.51
CA ASP C 492 -0.09 -1.67 -29.69
C ASP C 492 0.13 -2.02 -31.16
N TYR C 493 -0.81 -1.65 -32.04
CA TYR C 493 -0.80 -2.14 -33.42
C TYR C 493 -0.99 -0.93 -34.34
N THR C 494 0.13 -0.32 -34.73
CA THR C 494 0.08 0.88 -35.56
C THR C 494 -0.27 0.53 -37.00
N ARG C 495 -0.55 1.57 -37.79
CA ARG C 495 -0.85 1.37 -39.21
C ARG C 495 0.36 0.82 -39.95
N ASN C 496 1.57 1.23 -39.55
CA ASN C 496 2.77 0.69 -40.18
C ASN C 496 2.90 -0.81 -39.92
N GLN C 497 2.58 -1.22 -38.69
CA GLN C 497 2.63 -2.66 -38.33
C GLN C 497 1.56 -3.39 -39.14
N LEU C 498 0.40 -2.77 -39.35
CA LEU C 498 -0.64 -3.36 -40.19
C LEU C 498 -0.16 -3.54 -41.62
N VAL C 499 0.49 -2.52 -42.18
CA VAL C 499 0.99 -2.60 -43.55
C VAL C 499 2.05 -3.68 -43.68
N SER C 500 2.96 -3.78 -42.70
CA SER C 500 4.00 -4.80 -42.75
C SER C 500 3.41 -6.20 -42.67
N ASP C 501 2.40 -6.39 -41.82
CA ASP C 501 1.79 -7.71 -41.70
C ASP C 501 0.99 -8.07 -42.93
N ILE C 502 0.31 -7.09 -43.53
CA ILE C 502 -0.38 -7.32 -44.80
C ILE C 502 0.61 -7.73 -45.87
N GLY C 503 1.76 -7.05 -45.94
CA GLY C 503 2.79 -7.43 -46.88
C GLY C 503 3.29 -8.84 -46.65
N GLY C 504 3.51 -9.21 -45.40
CA GLY C 504 3.94 -10.57 -45.09
C GLY C 504 2.93 -11.61 -45.56
N GLN C 505 1.66 -11.40 -45.23
CA GLN C 505 0.62 -12.35 -45.64
C GLN C 505 0.52 -12.44 -47.17
N LEU C 506 0.49 -11.29 -47.83
CA LEU C 506 0.33 -11.24 -49.27
C LEU C 506 1.53 -11.88 -49.99
N GLY C 507 2.73 -11.71 -49.44
CA GLY C 507 3.89 -12.39 -50.01
C GLY C 507 3.86 -13.88 -49.76
N LEU C 508 3.41 -14.30 -48.58
CA LEU C 508 3.40 -15.72 -48.25
C LEU C 508 2.41 -16.49 -49.12
N TRP C 509 1.16 -16.02 -49.19
CA TRP C 509 0.14 -16.80 -49.89
C TRP C 509 0.16 -16.60 -51.40
N VAL C 510 -0.10 -15.38 -51.86
CA VAL C 510 -0.35 -15.16 -53.28
C VAL C 510 0.83 -14.52 -54.01
N GLY C 511 1.73 -13.83 -53.31
CA GLY C 511 2.88 -13.23 -53.94
C GLY C 511 2.62 -11.94 -54.67
N ILE C 512 1.49 -11.28 -54.41
CA ILE C 512 1.16 -10.03 -55.07
C ILE C 512 1.94 -8.88 -54.44
N SER C 513 2.42 -7.97 -55.29
CA SER C 513 2.83 -6.64 -54.87
C SER C 513 1.95 -5.62 -55.58
N LEU C 514 1.96 -4.39 -55.07
CA LEU C 514 1.12 -3.36 -55.68
C LEU C 514 1.52 -3.10 -57.13
N ILE C 515 2.79 -3.30 -57.48
CA ILE C 515 3.19 -3.20 -58.87
C ILE C 515 2.49 -4.26 -59.71
N THR C 516 2.16 -5.40 -59.09
CA THR C 516 1.41 -6.45 -59.78
C THR C 516 -0.09 -6.12 -59.82
N LEU C 517 -0.61 -5.48 -58.78
CA LEU C 517 -1.95 -4.93 -58.88
C LEU C 517 -2.03 -3.91 -60.02
N ALA C 518 -0.93 -3.23 -60.30
CA ALA C 518 -0.86 -2.38 -61.48
C ALA C 518 -0.89 -3.21 -62.77
N GLU C 519 -0.33 -4.42 -62.76
CA GLU C 519 -0.53 -5.34 -63.88
C GLU C 519 -2.00 -5.60 -64.14
N VAL C 520 -2.74 -5.93 -63.07
CA VAL C 520 -4.15 -6.26 -63.26
C VAL C 520 -4.94 -5.02 -63.68
N LEU C 521 -4.55 -3.84 -63.18
CA LEU C 521 -5.22 -2.61 -63.59
C LEU C 521 -4.97 -2.31 -65.07
N GLU C 522 -3.72 -2.51 -65.53
CA GLU C 522 -3.41 -2.34 -66.93
C GLU C 522 -4.19 -3.32 -67.80
N LEU C 523 -4.34 -4.55 -67.33
CA LEU C 523 -5.16 -5.52 -68.07
C LEU C 523 -6.61 -5.08 -68.14
N ILE C 524 -7.13 -4.50 -67.05
CA ILE C 524 -8.51 -4.02 -67.05
C ILE C 524 -8.68 -2.89 -68.07
N ILE C 525 -7.72 -1.97 -68.13
CA ILE C 525 -7.82 -0.89 -69.11
C ILE C 525 -7.70 -1.44 -70.53
N ASP C 526 -6.84 -2.44 -70.72
CA ASP C 526 -6.72 -3.05 -72.05
C ASP C 526 -8.02 -3.73 -72.46
N LEU C 527 -8.71 -4.35 -71.51
CA LEU C 527 -10.02 -4.93 -71.81
C LEU C 527 -11.05 -3.86 -72.11
N PHE C 528 -10.96 -2.70 -71.44
CA PHE C 528 -11.76 -1.55 -71.85
C PHE C 528 -11.44 -1.11 -73.27
N ARG C 529 -10.22 -1.37 -73.74
CA ARG C 529 -9.83 -1.04 -75.10
C ARG C 529 -9.88 -2.25 -76.03
N LEU C 530 -10.50 -3.34 -75.59
CA LEU C 530 -10.61 -4.55 -76.42
C LEU C 530 -11.43 -4.28 -77.69
N PHE D 1 16.41 30.17 33.64
CA PHE D 1 17.73 29.53 33.64
C PHE D 1 17.58 28.02 33.70
N MET D 2 18.20 27.32 32.75
CA MET D 2 18.09 25.88 32.62
C MET D 2 19.39 25.23 33.09
N ARG D 3 19.28 24.27 33.99
CA ARG D 3 20.40 23.54 34.55
C ARG D 3 20.59 22.20 33.84
N PHE D 4 21.79 21.64 33.97
CA PHE D 4 22.09 20.34 33.34
C PHE D 4 21.47 19.26 34.21
N NH2 D 5 20.70 18.38 33.61
N PHE E 1 3.53 -21.02 43.08
CA PHE E 1 2.41 -21.90 42.81
C PHE E 1 1.24 -21.11 42.21
N MET E 2 0.76 -21.54 41.04
CA MET E 2 -0.29 -20.84 40.32
C MET E 2 -1.60 -21.62 40.47
N ARG E 3 -2.66 -20.92 40.87
CA ARG E 3 -3.97 -21.49 41.06
C ARG E 3 -4.86 -21.21 39.85
N PHE E 4 -5.92 -22.00 39.71
CA PHE E 4 -6.86 -21.82 38.59
C PHE E 4 -7.77 -20.64 38.93
N NH2 E 5 -7.87 -19.70 38.02
N PHE F 1 -34.69 14.26 30.08
CA PHE F 1 -34.75 15.58 29.46
C PHE F 1 -33.35 16.14 29.27
N MET F 2 -33.02 16.52 28.04
CA MET F 2 -31.69 17.01 27.70
C MET F 2 -31.74 18.53 27.50
N ARG F 3 -30.85 19.23 28.17
CA ARG F 3 -30.74 20.68 28.13
C ARG F 3 -29.64 21.11 27.15
N PHE F 4 -29.72 22.36 26.70
CA PHE F 4 -28.70 22.89 25.78
C PHE F 4 -27.48 23.24 26.59
N NH2 F 5 -26.33 22.75 26.16
C1 NAG G . 23.14 -20.35 20.11
C2 NAG G . 23.21 -21.47 21.15
C3 NAG G . 24.66 -21.69 21.61
C4 NAG G . 25.60 -21.85 20.43
C5 NAG G . 25.42 -20.70 19.45
C6 NAG G . 26.23 -20.86 18.19
C7 NAG G . 21.21 -21.82 22.52
C8 NAG G . 20.45 -21.38 23.73
N2 NAG G . 22.36 -21.18 22.28
O3 NAG G . 24.72 -22.83 22.45
O4 NAG G . 26.94 -21.88 20.90
O5 NAG G . 24.05 -20.63 19.05
O6 NAG G . 25.89 -19.86 17.22
O7 NAG G . 20.80 -22.71 21.79
C1 NAG G . 27.63 -23.07 20.46
C2 NAG G . 29.13 -22.78 20.47
C3 NAG G . 29.92 -24.02 20.06
C4 NAG G . 29.52 -25.21 20.93
C5 NAG G . 28.01 -25.40 20.90
C6 NAG G . 27.53 -26.50 21.84
C7 NAG G . 29.63 -20.42 20.03
C8 NAG G . 29.95 -19.39 18.98
N2 NAG G . 29.45 -21.66 19.59
O3 NAG G . 31.31 -23.77 20.20
O4 NAG G . 30.15 -26.39 20.46
O5 NAG G . 27.35 -24.19 21.32
O6 NAG G . 26.13 -26.67 21.74
O7 NAG G . 29.53 -20.12 21.22
C1 NAG H . 20.33 6.22 -19.47
C2 NAG H . 19.32 6.78 -20.48
C3 NAG H . 19.95 7.94 -21.27
C4 NAG H . 20.55 8.98 -20.34
C5 NAG H . 21.54 8.30 -19.41
C6 NAG H . 22.14 9.24 -18.38
C7 NAG H . 17.63 5.25 -21.39
C8 NAG H . 17.34 4.19 -22.42
N2 NAG H . 18.87 5.74 -21.39
O3 NAG H . 18.95 8.54 -22.09
O4 NAG H . 21.24 9.97 -21.11
O5 NAG H . 20.86 7.28 -18.67
O6 NAG H . 23.52 9.47 -18.65
O7 NAG H . 16.78 5.62 -20.59
C1 NAG H . 20.72 11.28 -20.83
C2 NAG H . 21.70 12.31 -21.43
C3 NAG H . 21.17 13.72 -21.21
C4 NAG H . 19.74 13.85 -21.73
C5 NAG H . 18.86 12.77 -21.12
C6 NAG H . 17.45 12.77 -21.66
C7 NAG H . 24.04 11.61 -21.51
C8 NAG H . 25.34 11.54 -20.77
N2 NAG H . 23.02 12.16 -20.85
O3 NAG H . 22.02 14.65 -21.88
O4 NAG H . 19.22 15.13 -21.40
O5 NAG H . 19.41 11.48 -21.39
O6 NAG H . 16.62 11.86 -20.96
O7 NAG H . 23.94 11.19 -22.66
C1 NAG I . -34.74 -7.70 9.35
C2 NAG I . -36.07 -7.07 9.81
C3 NAG I . -37.09 -8.16 10.14
C4 NAG I . -37.23 -9.15 8.98
C5 NAG I . -35.86 -9.68 8.58
C6 NAG I . -35.89 -10.58 7.37
C7 NAG I . -35.91 -4.89 10.93
C8 NAG I . -35.66 -4.19 12.23
N2 NAG I . -35.85 -6.23 10.98
O3 NAG I . -38.35 -7.56 10.41
O4 NAG I . -38.06 -10.23 9.38
O5 NAG I . -34.99 -8.58 8.27
O6 NAG I . -34.58 -10.89 6.92
O7 NAG I . -36.15 -4.28 9.89
C1 NAG I . -39.17 -10.40 8.47
C2 NAG I . -39.65 -11.85 8.59
C3 NAG I . -40.86 -12.09 7.69
C4 NAG I . -41.94 -11.06 7.98
C5 NAG I . -41.37 -9.64 7.88
C6 NAG I . -42.36 -8.58 8.26
C7 NAG I . -37.84 -13.40 9.19
C8 NAG I . -36.78 -14.33 8.67
N2 NAG I . -38.58 -12.79 8.26
O3 NAG I . -41.36 -13.40 7.91
O4 NAG I . -43.01 -11.19 7.04
O5 NAG I . -40.25 -9.52 8.78
O6 NAG I . -41.81 -7.28 8.13
O7 NAG I . -38.01 -13.21 10.39
C1 NAG J . 2.66 -24.34 -15.20
C2 NAG J . 3.98 -23.91 -15.87
C3 NAG J . 4.90 -25.10 -16.10
C4 NAG J . 5.09 -25.91 -14.83
C5 NAG J . 3.73 -26.30 -14.28
C6 NAG J . 3.81 -27.04 -12.96
C7 NAG J . 3.89 -21.92 -17.33
C8 NAG J . 3.59 -21.41 -18.70
N2 NAG J . 3.71 -23.23 -17.13
O3 NAG J . 6.16 -24.64 -16.59
O4 NAG J . 5.84 -27.09 -15.11
O5 NAG J . 2.95 -25.12 -14.03
O6 NAG J . 3.44 -28.41 -13.11
O7 NAG J . 4.30 -21.18 -16.44
C1 NAG J . 7.03 -27.15 -14.30
C2 NAG J . 7.61 -28.56 -14.41
C3 NAG J . 8.90 -28.67 -13.61
C4 NAG J . 9.88 -27.57 -14.02
C5 NAG J . 9.20 -26.21 -13.90
C6 NAG J . 10.07 -25.08 -14.39
C7 NAG J . 5.97 -30.35 -14.81
C8 NAG J . 5.02 -31.31 -14.18
N2 NAG J . 6.65 -29.55 -13.97
O3 NAG J . 9.49 -29.95 -13.84
O4 NAG J . 11.02 -27.60 -13.16
O5 NAG J . 8.01 -26.19 -14.71
O6 NAG J . 9.48 -23.81 -14.12
O7 NAG J . 6.13 -30.29 -16.02
C1 NAG K . 6.78 35.73 5.58
C2 NAG K . 7.73 36.71 6.28
C3 NAG K . 7.22 38.15 6.12
C4 NAG K . 6.94 38.47 4.66
C5 NAG K . 6.02 37.41 4.06
C6 NAG K . 5.78 37.59 2.58
C7 NAG K . 8.96 35.84 8.22
C8 NAG K . 8.92 35.57 9.69
N2 NAG K . 7.86 36.37 7.70
O3 NAG K . 8.20 39.05 6.64
O4 NAG K . 6.32 39.75 4.57
O5 NAG K . 6.60 36.12 4.22
O6 NAG K . 5.08 36.49 2.02
O7 NAG K . 9.95 35.59 7.54
C1 NAG K . 7.05 40.62 3.69
C2 NAG K . 6.08 41.70 3.19
C3 NAG K . 6.81 42.69 2.28
C4 NAG K . 8.03 43.25 2.99
C5 NAG K . 8.92 42.12 3.49
C6 NAG K . 10.10 42.60 4.32
C7 NAG K . 3.77 40.89 3.05
C8 NAG K . 2.72 40.26 2.18
N2 NAG K . 4.96 41.09 2.48
O3 NAG K . 5.93 43.74 1.93
O4 NAG K . 8.78 44.07 2.10
O5 NAG K . 8.16 41.25 4.35
O6 NAG K . 10.92 41.53 4.73
O7 NAG K . 3.54 41.18 4.22
C1 NAG L . -14.88 5.25 -24.11
C2 NAG L . -14.90 3.78 -24.54
C3 NAG L . -16.20 3.44 -25.27
C4 NAG L . -17.41 3.87 -24.46
C5 NAG L . -17.30 5.34 -24.11
C6 NAG L . -18.43 5.85 -23.23
C7 NAG L . -12.74 2.71 -25.02
C8 NAG L . -11.66 2.50 -26.05
N2 NAG L . -13.76 3.47 -25.39
O3 NAG L . -16.25 2.03 -25.52
O4 NAG L . -18.60 3.66 -25.22
O5 NAG L . -16.09 5.55 -23.38
O6 NAG L . -19.28 6.73 -23.95
O7 NAG L . -12.67 2.21 -23.90
C1 NAG L . -19.53 2.80 -24.52
C2 NAG L . -20.87 2.87 -25.23
C3 NAG L . -21.88 1.94 -24.57
C4 NAG L . -21.31 0.53 -24.48
C5 NAG L . -19.95 0.55 -23.80
C6 NAG L . -19.28 -0.80 -23.76
C7 NAG L . -21.38 5.01 -26.34
C8 NAG L . -21.94 6.39 -26.16
N2 NAG L . -21.38 4.23 -25.25
O3 NAG L . -23.09 1.93 -25.32
O4 NAG L . -22.19 -0.31 -23.73
O5 NAG L . -19.07 1.43 -24.50
O6 NAG L . -18.10 -0.77 -22.99
O7 NAG L . -20.94 4.62 -27.41
C1 NAG M . 23.92 21.71 -9.65
C2 NAG M . 24.06 23.21 -9.37
C3 NAG M . 25.26 23.77 -10.12
C4 NAG M . 26.52 22.98 -9.77
C5 NAG M . 26.30 21.49 -10.03
C6 NAG M . 27.46 20.63 -9.60
C7 NAG M . 22.44 25.03 -9.14
C8 NAG M . 21.17 25.63 -9.65
N2 NAG M . 22.85 23.92 -9.75
O3 NAG M . 25.44 25.13 -9.76
O4 NAG M . 27.62 23.43 -10.55
O5 NAG M . 25.14 21.04 -9.31
O6 NAG M . 27.48 20.48 -8.18
O7 NAG M . 23.06 25.53 -8.20
C1 NAG N . 19.91 -13.21 41.97
C2 NAG N . 18.90 -14.28 42.39
C3 NAG N . 19.09 -14.64 43.86
C4 NAG N . 20.53 -15.05 44.11
C5 NAG N . 21.48 -13.95 43.64
C6 NAG N . 22.94 -14.34 43.77
C7 NAG N . 16.81 -14.25 41.10
C8 NAG N . 15.42 -13.70 41.01
N2 NAG N . 17.53 -13.84 42.14
O3 NAG N . 18.22 -15.72 44.19
O4 NAG N . 20.73 -15.27 45.51
O5 NAG N . 21.24 -13.66 42.25
O6 NAG N . 23.79 -13.33 43.23
O7 NAG N . 17.26 -15.04 40.26
C1 NAG O . 4.70 -1.96 42.62
C2 NAG O . 4.55 -1.62 44.11
C3 NAG O . 3.92 -0.24 44.29
C4 NAG O . 4.67 0.81 43.47
C5 NAG O . 4.77 0.36 42.02
C6 NAG O . 5.59 1.30 41.17
C7 NAG O . 4.30 -3.60 45.53
C8 NAG O . 3.33 -4.55 46.18
N2 NAG O . 3.77 -2.62 44.80
O3 NAG O . 3.94 0.12 45.66
O4 NAG O . 3.99 2.05 43.53
O5 NAG O . 5.41 -0.92 41.96
O6 NAG O . 6.22 0.61 40.10
O7 NAG O . 5.52 -3.72 45.68
C1 NAG P . 9.58 -32.32 0.22
C2 NAG P . 10.61 -33.04 1.09
C3 NAG P . 10.77 -34.49 0.65
C4 NAG P . 9.41 -35.18 0.61
C5 NAG P . 8.44 -34.39 -0.25
C6 NAG P . 7.04 -34.95 -0.23
C7 NAG P . 12.74 -32.35 2.10
C8 NAG P . 14.01 -31.59 1.90
N2 NAG P . 11.89 -32.35 1.07
O3 NAG P . 11.64 -35.17 1.56
O4 NAG P . 9.55 -36.49 0.09
O5 NAG P . 8.35 -33.04 0.23
O6 NAG P . 6.37 -34.64 0.99
O7 NAG P . 12.49 -32.93 3.15
C1 NAG Q . -35.79 -3.73 32.21
C2 NAG Q . -36.31 -2.29 32.14
C3 NAG Q . -37.25 -2.03 33.31
C4 NAG Q . -38.36 -3.07 33.37
C5 NAG Q . -37.75 -4.47 33.40
C6 NAG Q . -38.79 -5.57 33.34
C7 NAG Q . -34.82 -0.72 31.01
C8 NAG Q . -33.69 0.25 31.18
N2 NAG Q . -35.23 -1.33 32.12
O3 NAG Q . -37.82 -0.73 33.18
O4 NAG Q . -39.15 -2.88 34.54
O5 NAG Q . -36.89 -4.65 32.27
O6 NAG Q . -38.20 -6.85 33.26
O7 NAG Q . -35.34 -0.93 29.92
C1 NAG R . -19.88 4.93 37.73
C2 NAG R . -20.10 5.20 39.22
C3 NAG R . -18.76 5.20 39.96
C4 NAG R . -17.98 3.92 39.66
C5 NAG R . -17.84 3.75 38.15
C6 NAG R . -17.16 2.45 37.78
C7 NAG R . -22.10 6.55 39.67
C8 NAG R . -22.63 7.93 39.85
N2 NAG R . -20.79 6.46 39.43
O3 NAG R . -19.01 5.29 41.36
O4 NAG R . -16.69 3.99 40.25
O5 NAG R . -19.14 3.72 37.55
O6 NAG R . -17.60 1.98 36.51
O7 NAG R . -22.82 5.55 39.73
C1 NAG S . -30.34 5.57 -13.60
C2 NAG S . -31.71 5.15 -13.12
C3 NAG S . -32.78 5.56 -14.13
C4 NAG S . -32.68 7.04 -14.45
C5 NAG S . -31.26 7.39 -14.88
C6 NAG S . -31.05 8.87 -15.09
C7 NAG S . -32.56 3.17 -11.94
C8 NAG S . -32.49 1.68 -11.81
N2 NAG S . -31.77 3.72 -12.87
O3 NAG S . -34.07 5.25 -13.62
O4 NAG S . -33.59 7.39 -15.48
O5 NAG S . -30.32 6.98 -13.88
O6 NAG S . -30.95 9.56 -13.85
O7 NAG S . -33.31 3.84 -11.24
C1 NAG T . 1.79 39.32 27.98
C2 NAG T . 3.21 39.15 28.53
C3 NAG T . 3.42 40.08 29.72
C4 NAG T . 3.09 41.52 29.34
C5 NAG T . 1.68 41.59 28.76
C6 NAG T . 1.33 42.98 28.25
C7 NAG T . 4.19 36.93 28.16
C8 NAG T . 4.36 35.55 28.71
N2 NAG T . 3.46 37.78 28.91
O3 NAG T . 4.78 39.99 30.14
O4 NAG T . 3.18 42.36 30.49
O5 NAG T . 1.56 40.70 27.64
O6 NAG T . 0.05 42.99 27.63
O7 NAG T . 4.67 37.27 27.09
C1 NAG U . -0.93 22.62 36.47
C2 NAG U . -1.18 22.98 37.94
C3 NAG U . -2.10 21.96 38.60
C4 NAG U . -3.37 21.76 37.78
C5 NAG U . -3.01 21.41 36.34
C6 NAG U . -4.21 21.30 35.44
C7 NAG U . 0.67 24.24 38.94
C8 NAG U . 1.96 24.16 39.70
N2 NAG U . 0.07 23.09 38.67
O3 NAG U . -2.44 22.40 39.91
O4 NAG U . -4.14 20.70 38.33
O5 NAG U . -2.18 22.46 35.80
O6 NAG U . -3.90 21.65 34.09
O7 NAG U . 0.20 25.32 38.59
#